data_6HQ1
#
_entry.id   6HQ1
#
_entity_poly.entity_id   1
_entity_poly.type   'polypeptide(L)'
_entity_poly.pdbx_seq_one_letter_code
;GDHPKYSDMIVAAIQAEKNRAGSSRQSIQKYIKSHYKVGENADSQIKLSIKRLVTTGVLKQTKGVGASGSFRLAK
;
_entity_poly.pdbx_strand_id   A
#
# COMPACT_ATOMS: atom_id res chain seq x y z
N GLY A 1 17.40 6.08 -5.78
CA GLY A 1 16.37 6.06 -6.85
C GLY A 1 15.49 4.87 -6.69
N ASP A 2 15.96 3.86 -5.91
CA ASP A 2 15.18 2.67 -5.70
C ASP A 2 14.24 2.93 -4.56
N HIS A 3 14.44 4.06 -3.84
CA HIS A 3 13.58 4.39 -2.74
C HIS A 3 13.27 5.86 -2.85
N PRO A 4 12.29 6.20 -3.65
CA PRO A 4 11.91 7.58 -3.85
C PRO A 4 10.94 8.06 -2.81
N LYS A 5 9.65 7.65 -2.94
CA LYS A 5 8.65 8.06 -1.99
C LYS A 5 7.89 6.83 -1.60
N TYR A 6 7.44 6.80 -0.33
CA TYR A 6 6.70 5.66 0.16
C TYR A 6 5.39 5.56 -0.56
N SER A 7 4.75 6.73 -0.82
CA SER A 7 3.47 6.73 -1.49
C SER A 7 3.63 6.15 -2.86
N ASP A 8 4.74 6.49 -3.56
CA ASP A 8 4.95 5.99 -4.90
C ASP A 8 5.07 4.49 -4.87
N MET A 9 5.77 3.93 -3.85
CA MET A 9 5.94 2.50 -3.75
C MET A 9 4.59 1.87 -3.47
N ILE A 10 3.79 2.52 -2.60
CA ILE A 10 2.47 2.02 -2.26
C ILE A 10 1.62 2.02 -3.50
N VAL A 11 1.67 3.12 -4.28
CA VAL A 11 0.89 3.22 -5.48
C VAL A 11 1.33 2.13 -6.43
N ALA A 12 2.65 1.92 -6.57
CA ALA A 12 3.16 0.91 -7.48
C ALA A 12 2.67 -0.45 -7.06
N ALA A 13 2.66 -0.72 -5.73
CA ALA A 13 2.24 -2.02 -5.25
C ALA A 13 0.78 -2.24 -5.58
N ILE A 14 -0.05 -1.19 -5.37
CA ILE A 14 -1.47 -1.31 -5.65
C ILE A 14 -1.69 -1.43 -7.13
N GLN A 15 -0.93 -0.67 -7.94
CA GLN A 15 -1.08 -0.73 -9.39
C GLN A 15 -0.70 -2.11 -9.86
N ALA A 16 0.34 -2.71 -9.26
CA ALA A 16 0.80 -4.02 -9.66
C ALA A 16 -0.33 -5.00 -9.46
N GLU A 17 -1.07 -4.88 -8.35
CA GLU A 17 -2.17 -5.79 -8.11
C GLU A 17 -3.44 -5.00 -8.18
N LYS A 18 -3.78 -4.54 -9.41
CA LYS A 18 -4.98 -3.77 -9.60
C LYS A 18 -6.13 -4.74 -9.77
N ASN A 19 -6.32 -5.62 -8.77
CA ASN A 19 -7.38 -6.59 -8.81
C ASN A 19 -8.69 -5.87 -8.58
N ARG A 20 -9.79 -6.49 -9.02
CA ARG A 20 -11.10 -5.90 -8.85
C ARG A 20 -11.41 -5.79 -7.38
N ALA A 21 -10.97 -6.79 -6.59
CA ALA A 21 -11.22 -6.78 -5.16
C ALA A 21 -10.31 -5.77 -4.51
N GLY A 22 -9.35 -5.21 -5.28
CA GLY A 22 -8.44 -4.23 -4.72
C GLY A 22 -7.20 -4.95 -4.32
N SER A 23 -6.24 -4.20 -3.75
CA SER A 23 -4.99 -4.80 -3.33
C SER A 23 -5.07 -4.97 -1.84
N SER A 24 -4.70 -6.17 -1.36
CA SER A 24 -4.76 -6.45 0.06
C SER A 24 -3.69 -5.64 0.74
N ARG A 25 -3.92 -5.36 2.05
CA ARG A 25 -2.98 -4.58 2.84
C ARG A 25 -1.67 -5.31 2.88
N GLN A 26 -1.73 -6.64 3.08
CA GLN A 26 -0.54 -7.45 3.16
C GLN A 26 0.17 -7.41 1.82
N SER A 27 -0.61 -7.42 0.72
CA SER A 27 -0.03 -7.41 -0.60
C SER A 27 0.76 -6.15 -0.83
N ILE A 28 0.27 -4.99 -0.31
CA ILE A 28 0.97 -3.74 -0.51
C ILE A 28 2.36 -3.83 0.09
N GLN A 29 2.47 -4.29 1.35
CA GLN A 29 3.78 -4.37 1.96
C GLN A 29 4.56 -5.51 1.37
N LYS A 30 3.87 -6.62 0.98
CA LYS A 30 4.56 -7.76 0.42
C LYS A 30 5.24 -7.37 -0.86
N TYR A 31 4.52 -6.65 -1.76
CA TYR A 31 5.11 -6.24 -3.02
C TYR A 31 6.29 -5.36 -2.76
N ILE A 32 6.12 -4.35 -1.88
CA ILE A 32 7.18 -3.42 -1.60
C ILE A 32 8.35 -4.14 -1.01
N LYS A 33 8.13 -5.04 -0.03
CA LYS A 33 9.22 -5.75 0.59
C LYS A 33 9.92 -6.64 -0.43
N SER A 34 9.14 -7.34 -1.26
CA SER A 34 9.71 -8.24 -2.24
C SER A 34 10.50 -7.51 -3.30
N HIS A 35 9.97 -6.36 -3.80
CA HIS A 35 10.66 -5.68 -4.89
C HIS A 35 11.58 -4.60 -4.38
N TYR A 36 11.39 -4.10 -3.16
CA TYR A 36 12.24 -3.05 -2.66
C TYR A 36 12.75 -3.46 -1.30
N LYS A 37 14.00 -3.09 -0.97
CA LYS A 37 14.54 -3.45 0.31
C LYS A 37 13.93 -2.55 1.35
N VAL A 38 13.41 -3.15 2.43
CA VAL A 38 12.79 -2.37 3.48
C VAL A 38 13.22 -2.94 4.79
N GLY A 39 13.09 -2.12 5.87
CA GLY A 39 13.47 -2.56 7.19
C GLY A 39 12.22 -2.60 8.01
N GLU A 40 12.36 -2.97 9.31
CA GLU A 40 11.21 -3.05 10.18
C GLU A 40 10.63 -1.67 10.35
N ASN A 41 11.51 -0.65 10.49
CA ASN A 41 11.05 0.71 10.66
C ASN A 41 10.31 1.14 9.43
N ALA A 42 10.83 0.73 8.25
CA ALA A 42 10.21 1.09 6.99
C ALA A 42 8.83 0.49 6.92
N ASP A 43 8.66 -0.75 7.42
CA ASP A 43 7.37 -1.40 7.37
C ASP A 43 6.38 -0.58 8.16
N SER A 44 6.82 -0.04 9.32
CA SER A 44 5.95 0.77 10.14
C SER A 44 5.57 2.01 9.37
N GLN A 45 6.56 2.60 8.66
CA GLN A 45 6.33 3.82 7.90
C GLN A 45 5.37 3.51 6.78
N ILE A 46 5.50 2.32 6.14
CA ILE A 46 4.63 1.97 5.04
C ILE A 46 3.21 1.92 5.54
N LYS A 47 2.98 1.29 6.72
CA LYS A 47 1.65 1.19 7.25
C LYS A 47 1.11 2.57 7.54
N LEU A 48 1.96 3.45 8.09
CA LEU A 48 1.54 4.80 8.41
C LEU A 48 1.22 5.53 7.13
N SER A 49 2.07 5.38 6.09
CA SER A 49 1.84 6.06 4.84
C SER A 49 0.57 5.56 4.20
N ILE A 50 0.30 4.24 4.25
CA ILE A 50 -0.91 3.71 3.65
C ILE A 50 -2.09 4.32 4.37
N LYS A 51 -2.02 4.36 5.72
CA LYS A 51 -3.11 4.92 6.51
C LYS A 51 -3.29 6.37 6.15
N ARG A 52 -2.18 7.13 6.01
CA ARG A 52 -2.27 8.53 5.68
C ARG A 52 -2.89 8.71 4.32
N LEU A 53 -2.51 7.86 3.34
CA LEU A 53 -3.05 7.97 2.01
C LEU A 53 -4.54 7.75 2.06
N VAL A 54 -5.00 6.80 2.90
CA VAL A 54 -6.42 6.54 3.03
C VAL A 54 -7.05 7.75 3.67
N THR A 55 -6.35 8.33 4.67
CA THR A 55 -6.83 9.49 5.39
C THR A 55 -7.02 10.65 4.44
N THR A 56 -6.05 10.89 3.55
CA THR A 56 -6.15 12.01 2.63
C THR A 56 -7.20 11.71 1.59
N GLY A 57 -7.59 10.44 1.44
CA GLY A 57 -8.61 10.08 0.48
C GLY A 57 -7.97 9.73 -0.83
N VAL A 58 -6.63 9.75 -0.89
CA VAL A 58 -5.95 9.40 -2.13
C VAL A 58 -6.23 7.95 -2.41
N LEU A 59 -6.13 7.10 -1.36
CA LEU A 59 -6.40 5.70 -1.52
C LEU A 59 -7.85 5.47 -1.22
N LYS A 60 -8.50 4.65 -2.07
CA LYS A 60 -9.90 4.36 -1.88
C LYS A 60 -10.01 3.23 -0.89
N GLN A 61 -11.14 3.22 -0.16
CA GLN A 61 -11.38 2.22 0.85
C GLN A 61 -12.10 1.07 0.22
N THR A 62 -11.71 -0.16 0.58
CA THR A 62 -12.33 -1.34 0.03
C THR A 62 -12.76 -2.18 1.19
N LYS A 63 -13.65 -3.16 0.92
CA LYS A 63 -14.17 -4.04 1.95
C LYS A 63 -13.05 -4.83 2.58
N GLY A 64 -13.41 -5.58 3.65
CA GLY A 64 -12.46 -6.40 4.34
C GLY A 64 -11.56 -5.51 5.14
N VAL A 65 -12.11 -4.39 5.66
CA VAL A 65 -11.31 -3.47 6.42
C VAL A 65 -10.95 -4.12 7.73
N GLY A 66 -9.63 -4.27 7.97
CA GLY A 66 -9.15 -4.87 9.19
C GLY A 66 -8.85 -6.31 8.94
N ALA A 67 -9.68 -6.99 8.11
CA ALA A 67 -9.43 -8.38 7.83
C ALA A 67 -8.32 -8.47 6.82
N SER A 68 -8.56 -7.90 5.61
CA SER A 68 -7.57 -7.92 4.57
C SER A 68 -7.03 -6.53 4.41
N GLY A 69 -7.91 -5.52 4.62
CA GLY A 69 -7.48 -4.15 4.47
C GLY A 69 -7.29 -3.90 3.01
N SER A 70 -8.26 -4.29 2.16
CA SER A 70 -8.09 -4.09 0.74
C SER A 70 -8.20 -2.61 0.47
N PHE A 71 -7.35 -2.11 -0.46
CA PHE A 71 -7.37 -0.71 -0.81
C PHE A 71 -7.40 -0.60 -2.29
N ARG A 72 -8.05 0.48 -2.80
CA ARG A 72 -8.16 0.70 -4.22
C ARG A 72 -7.45 1.98 -4.52
N LEU A 73 -6.94 2.11 -5.77
CA LEU A 73 -6.24 3.31 -6.16
C LEU A 73 -7.20 4.14 -6.94
N ALA A 74 -7.38 5.42 -6.54
CA ALA A 74 -8.26 6.29 -7.24
C ALA A 74 -7.50 6.90 -8.37
N LYS A 75 -7.81 6.46 -9.61
CA LYS A 75 -7.13 6.98 -10.76
C LYS A 75 -7.69 8.39 -11.04
N GLY A 1 15.50 -1.05 -2.50
CA GLY A 1 16.12 -0.10 -1.54
C GLY A 1 16.10 1.30 -2.08
N ASP A 2 16.05 1.42 -3.42
CA ASP A 2 16.05 2.72 -4.05
C ASP A 2 14.62 3.03 -4.39
N HIS A 3 14.12 4.19 -3.93
CA HIS A 3 12.76 4.55 -4.21
C HIS A 3 12.66 6.05 -4.10
N PRO A 4 11.68 6.62 -4.77
CA PRO A 4 11.47 8.05 -4.73
C PRO A 4 10.63 8.50 -3.57
N LYS A 5 9.33 8.09 -3.56
CA LYS A 5 8.44 8.47 -2.50
C LYS A 5 7.72 7.24 -2.04
N TYR A 6 7.32 7.22 -0.75
CA TYR A 6 6.63 6.07 -0.20
C TYR A 6 5.30 5.92 -0.88
N SER A 7 4.62 7.05 -1.20
CA SER A 7 3.33 6.99 -1.83
C SER A 7 3.48 6.32 -3.17
N ASP A 8 4.58 6.64 -3.90
CA ASP A 8 4.79 6.05 -5.21
C ASP A 8 4.97 4.56 -5.05
N MET A 9 5.66 4.12 -3.98
CA MET A 9 5.88 2.71 -3.76
C MET A 9 4.56 2.05 -3.51
N ILE A 10 3.69 2.71 -2.72
CA ILE A 10 2.38 2.19 -2.41
C ILE A 10 1.57 2.11 -3.67
N VAL A 11 1.65 3.17 -4.51
CA VAL A 11 0.91 3.19 -5.75
C VAL A 11 1.39 2.06 -6.62
N ALA A 12 2.72 1.85 -6.68
CA ALA A 12 3.28 0.81 -7.50
C ALA A 12 2.77 -0.54 -7.04
N ALA A 13 2.71 -0.76 -5.71
CA ALA A 13 2.26 -2.03 -5.19
C ALA A 13 0.81 -2.26 -5.56
N ILE A 14 -0.03 -1.23 -5.40
CA ILE A 14 -1.44 -1.37 -5.70
C ILE A 14 -1.62 -1.48 -7.20
N GLN A 15 -0.84 -0.69 -7.96
CA GLN A 15 -0.93 -0.71 -9.41
C GLN A 15 -0.53 -2.07 -9.91
N ALA A 16 0.47 -2.70 -9.27
CA ALA A 16 0.92 -4.01 -9.69
C ALA A 16 -0.22 -4.98 -9.62
N GLU A 17 -1.06 -4.87 -8.56
CA GLU A 17 -2.17 -5.79 -8.43
C GLU A 17 -3.45 -4.99 -8.40
N LYS A 18 -3.87 -4.49 -9.59
CA LYS A 18 -5.10 -3.74 -9.67
C LYS A 18 -6.23 -4.73 -9.79
N ASN A 19 -6.38 -5.61 -8.77
CA ASN A 19 -7.43 -6.60 -8.78
C ASN A 19 -8.74 -5.89 -8.61
N ARG A 20 -9.85 -6.60 -8.85
CA ARG A 20 -11.17 -6.02 -8.73
C ARG A 20 -11.41 -5.61 -7.31
N ALA A 21 -10.93 -6.42 -6.35
CA ALA A 21 -11.12 -6.10 -4.95
C ALA A 21 -10.00 -5.20 -4.49
N GLY A 22 -9.13 -4.76 -5.42
CA GLY A 22 -8.04 -3.90 -5.05
C GLY A 22 -6.90 -4.75 -4.58
N SER A 23 -5.99 -4.14 -3.82
CA SER A 23 -4.84 -4.87 -3.32
C SER A 23 -4.97 -4.90 -1.83
N SER A 24 -4.68 -6.07 -1.22
CA SER A 24 -4.79 -6.19 0.22
C SER A 24 -3.66 -5.42 0.86
N ARG A 25 -3.81 -5.11 2.16
CA ARG A 25 -2.81 -4.37 2.89
C ARG A 25 -1.54 -5.20 2.91
N GLN A 26 -1.69 -6.52 3.14
CA GLN A 26 -0.53 -7.39 3.20
C GLN A 26 0.13 -7.42 1.86
N SER A 27 -0.65 -7.43 0.76
CA SER A 27 -0.09 -7.46 -0.56
C SER A 27 0.72 -6.22 -0.82
N ILE A 28 0.24 -5.04 -0.35
CA ILE A 28 0.96 -3.80 -0.59
C ILE A 28 2.32 -3.87 0.04
N GLN A 29 2.40 -4.26 1.33
CA GLN A 29 3.69 -4.30 1.99
C GLN A 29 4.50 -5.46 1.45
N LYS A 30 3.83 -6.58 1.08
CA LYS A 30 4.54 -7.74 0.57
C LYS A 30 5.24 -7.38 -0.72
N TYR A 31 4.52 -6.67 -1.64
CA TYR A 31 5.10 -6.29 -2.90
C TYR A 31 6.29 -5.40 -2.64
N ILE A 32 6.11 -4.39 -1.78
CA ILE A 32 7.19 -3.46 -1.50
C ILE A 32 8.36 -4.18 -0.90
N LYS A 33 8.12 -5.07 0.09
CA LYS A 33 9.21 -5.78 0.71
C LYS A 33 9.90 -6.67 -0.28
N SER A 34 9.12 -7.34 -1.15
CA SER A 34 9.70 -8.26 -2.12
C SER A 34 10.47 -7.54 -3.20
N HIS A 35 9.98 -6.38 -3.68
CA HIS A 35 10.66 -5.71 -4.78
C HIS A 35 11.58 -4.62 -4.29
N TYR A 36 11.42 -4.13 -3.05
CA TYR A 36 12.28 -3.08 -2.57
C TYR A 36 12.83 -3.51 -1.23
N LYS A 37 14.07 -3.10 -0.91
CA LYS A 37 14.66 -3.49 0.35
C LYS A 37 14.13 -2.55 1.39
N VAL A 38 13.46 -3.11 2.42
CA VAL A 38 12.91 -2.29 3.46
C VAL A 38 13.23 -2.96 4.77
N GLY A 39 13.20 -2.15 5.87
CA GLY A 39 13.49 -2.69 7.17
C GLY A 39 12.18 -2.88 7.89
N GLU A 40 12.25 -3.38 9.14
CA GLU A 40 11.05 -3.60 9.92
C GLU A 40 10.42 -2.26 10.23
N ASN A 41 11.26 -1.26 10.55
CA ASN A 41 10.75 0.06 10.87
C ASN A 41 10.08 0.64 9.65
N ALA A 42 10.67 0.39 8.46
CA ALA A 42 10.11 0.89 7.22
C ALA A 42 8.75 0.29 7.01
N ASP A 43 8.58 -1.01 7.35
CA ASP A 43 7.30 -1.66 7.16
C ASP A 43 6.25 -0.96 7.98
N SER A 44 6.60 -0.54 9.21
CA SER A 44 5.65 0.16 10.05
C SER A 44 5.31 1.48 9.42
N GLN A 45 6.32 2.14 8.83
CA GLN A 45 6.10 3.43 8.21
C GLN A 45 5.23 3.25 6.98
N ILE A 46 5.44 2.14 6.24
CA ILE A 46 4.66 1.91 5.03
C ILE A 46 3.20 1.78 5.37
N LYS A 47 2.83 0.97 6.39
CA LYS A 47 1.42 0.81 6.71
C LYS A 47 0.90 2.12 7.23
N LEU A 48 1.75 2.91 7.92
CA LEU A 48 1.34 4.19 8.43
C LEU A 48 1.04 5.10 7.26
N SER A 49 1.92 5.06 6.24
CA SER A 49 1.76 5.89 5.07
C SER A 49 0.50 5.48 4.34
N ILE A 50 0.24 4.16 4.24
CA ILE A 50 -0.95 3.69 3.55
C ILE A 50 -2.15 4.22 4.27
N LYS A 51 -2.14 4.13 5.63
CA LYS A 51 -3.25 4.60 6.43
C LYS A 51 -3.43 6.09 6.21
N ARG A 52 -2.31 6.85 6.18
CA ARG A 52 -2.39 8.29 6.00
C ARG A 52 -2.98 8.59 4.63
N LEU A 53 -2.56 7.84 3.59
CA LEU A 53 -3.08 8.08 2.26
C LEU A 53 -4.56 7.82 2.24
N VAL A 54 -5.02 6.76 2.94
CA VAL A 54 -6.43 6.45 2.99
C VAL A 54 -7.13 7.58 3.70
N THR A 55 -6.49 8.07 4.78
CA THR A 55 -7.05 9.16 5.56
C THR A 55 -7.18 10.38 4.69
N THR A 56 -6.16 10.64 3.84
CA THR A 56 -6.18 11.80 2.98
C THR A 56 -7.24 11.59 1.92
N GLY A 57 -7.52 10.32 1.58
CA GLY A 57 -8.53 10.02 0.59
C GLY A 57 -7.84 9.78 -0.73
N VAL A 58 -6.50 9.72 -0.72
CA VAL A 58 -5.76 9.46 -1.95
C VAL A 58 -6.08 8.07 -2.40
N LEU A 59 -6.10 7.12 -1.43
CA LEU A 59 -6.40 5.75 -1.75
C LEU A 59 -7.84 5.51 -1.43
N LYS A 60 -8.49 4.66 -2.25
CA LYS A 60 -9.88 4.36 -2.05
C LYS A 60 -9.99 3.28 -1.02
N GLN A 61 -11.11 3.28 -0.29
CA GLN A 61 -11.34 2.32 0.76
C GLN A 61 -12.07 1.15 0.17
N THR A 62 -11.65 -0.07 0.57
CA THR A 62 -12.28 -1.26 0.06
C THR A 62 -12.67 -2.09 1.25
N LYS A 63 -13.55 -3.08 1.02
CA LYS A 63 -14.04 -3.93 2.08
C LYS A 63 -12.91 -4.70 2.72
N GLY A 64 -13.24 -5.44 3.81
CA GLY A 64 -12.27 -6.22 4.51
C GLY A 64 -11.40 -5.28 5.28
N VAL A 65 -11.99 -4.17 5.77
CA VAL A 65 -11.23 -3.20 6.51
C VAL A 65 -10.86 -3.80 7.84
N GLY A 66 -9.54 -3.89 8.10
CA GLY A 66 -9.05 -4.43 9.34
C GLY A 66 -8.70 -5.87 9.15
N ALA A 67 -9.51 -6.60 8.35
CA ALA A 67 -9.23 -8.00 8.12
C ALA A 67 -8.12 -8.10 7.12
N SER A 68 -8.37 -7.60 5.89
CA SER A 68 -7.36 -7.64 4.85
C SER A 68 -6.85 -6.26 4.64
N GLY A 69 -7.74 -5.25 4.80
CA GLY A 69 -7.35 -3.89 4.59
C GLY A 69 -7.18 -3.68 3.12
N SER A 70 -8.16 -4.13 2.29
CA SER A 70 -8.01 -3.97 0.87
C SER A 70 -8.14 -2.52 0.55
N PHE A 71 -7.31 -2.05 -0.41
CA PHE A 71 -7.35 -0.66 -0.79
C PHE A 71 -7.37 -0.60 -2.29
N ARG A 72 -8.08 0.43 -2.83
CA ARG A 72 -8.18 0.61 -4.25
C ARG A 72 -7.45 1.87 -4.61
N LEU A 73 -6.97 1.96 -5.86
CA LEU A 73 -6.25 3.13 -6.28
C LEU A 73 -7.22 4.02 -7.00
N ALA A 74 -7.31 5.29 -6.56
CA ALA A 74 -8.19 6.22 -7.19
C ALA A 74 -7.48 6.79 -8.38
N LYS A 75 -7.89 6.38 -9.59
CA LYS A 75 -7.26 6.87 -10.79
C LYS A 75 -7.69 8.33 -10.97
N GLY A 1 15.62 -0.93 -2.20
CA GLY A 1 16.03 0.03 -1.14
C GLY A 1 16.04 1.43 -1.68
N ASP A 2 16.10 1.58 -3.02
CA ASP A 2 16.11 2.89 -3.61
C ASP A 2 14.71 3.18 -4.07
N HIS A 3 14.13 4.28 -3.58
CA HIS A 3 12.79 4.63 -3.96
C HIS A 3 12.66 6.12 -3.78
N PRO A 4 11.74 6.72 -4.50
CA PRO A 4 11.51 8.14 -4.42
C PRO A 4 10.58 8.52 -3.29
N LYS A 5 9.32 8.06 -3.37
CA LYS A 5 8.36 8.39 -2.35
C LYS A 5 7.66 7.12 -1.95
N TYR A 6 7.20 7.07 -0.68
CA TYR A 6 6.50 5.91 -0.18
C TYR A 6 5.21 5.74 -0.93
N SER A 7 4.54 6.86 -1.26
CA SER A 7 3.28 6.80 -1.96
C SER A 7 3.50 6.15 -3.30
N ASP A 8 4.64 6.47 -3.96
CA ASP A 8 4.91 5.90 -5.26
C ASP A 8 5.05 4.40 -5.14
N MET A 9 5.71 3.93 -4.05
CA MET A 9 5.89 2.50 -3.87
C MET A 9 4.53 1.88 -3.65
N ILE A 10 3.68 2.57 -2.85
CA ILE A 10 2.35 2.06 -2.57
C ILE A 10 1.57 2.00 -3.85
N VAL A 11 1.66 3.04 -4.69
CA VAL A 11 0.93 3.07 -5.94
C VAL A 11 1.39 1.90 -6.78
N ALA A 12 2.71 1.62 -6.82
CA ALA A 12 3.22 0.52 -7.60
C ALA A 12 2.61 -0.76 -7.06
N ALA A 13 2.50 -0.86 -5.72
CA ALA A 13 1.95 -2.04 -5.10
C ALA A 13 0.50 -2.18 -5.47
N ILE A 14 -0.25 -1.06 -5.55
CA ILE A 14 -1.66 -1.13 -5.89
C ILE A 14 -1.78 -1.63 -7.32
N GLN A 15 -0.91 -1.12 -8.22
CA GLN A 15 -0.96 -1.52 -9.62
C GLN A 15 -0.56 -2.96 -9.75
N ALA A 16 0.23 -3.48 -8.79
CA ALA A 16 0.66 -4.86 -8.84
C ALA A 16 -0.56 -5.74 -8.82
N GLU A 17 -1.56 -5.38 -7.99
CA GLU A 17 -2.77 -6.16 -7.92
C GLU A 17 -3.91 -5.24 -8.24
N LYS A 18 -4.13 -5.01 -9.56
CA LYS A 18 -5.20 -4.14 -9.98
C LYS A 18 -6.45 -4.96 -10.09
N ASN A 19 -6.73 -5.77 -9.04
CA ASN A 19 -7.90 -6.60 -9.03
C ASN A 19 -9.06 -5.75 -8.64
N ARG A 20 -10.29 -6.16 -9.02
CA ARG A 20 -11.48 -5.41 -8.69
C ARG A 20 -11.70 -5.46 -7.20
N ALA A 21 -11.09 -6.44 -6.52
CA ALA A 21 -11.24 -6.56 -5.09
C ALA A 21 -10.28 -5.61 -4.42
N GLY A 22 -9.40 -4.96 -5.22
CA GLY A 22 -8.44 -4.04 -4.66
C GLY A 22 -7.19 -4.81 -4.35
N SER A 23 -6.21 -4.11 -3.72
CA SER A 23 -4.97 -4.74 -3.37
C SER A 23 -4.99 -4.95 -1.90
N SER A 24 -4.63 -6.16 -1.43
CA SER A 24 -4.64 -6.46 -0.02
C SER A 24 -3.55 -5.69 0.65
N ARG A 25 -3.76 -5.35 1.94
CA ARG A 25 -2.79 -4.61 2.71
C ARG A 25 -1.53 -5.41 2.82
N GLN A 26 -1.66 -6.73 3.06
CA GLN A 26 -0.50 -7.58 3.19
C GLN A 26 0.24 -7.60 1.88
N SER A 27 -0.50 -7.63 0.77
CA SER A 27 0.11 -7.66 -0.54
C SER A 27 0.89 -6.39 -0.77
N ILE A 28 0.37 -5.25 -0.29
CA ILE A 28 1.07 -3.98 -0.50
C ILE A 28 2.43 -4.03 0.14
N GLN A 29 2.52 -4.48 1.42
CA GLN A 29 3.80 -4.51 2.08
C GLN A 29 4.65 -5.62 1.50
N LYS A 30 4.04 -6.77 1.11
CA LYS A 30 4.81 -7.85 0.55
C LYS A 30 5.42 -7.44 -0.75
N TYR A 31 4.67 -6.70 -1.59
CA TYR A 31 5.18 -6.25 -2.87
C TYR A 31 6.37 -5.36 -2.63
N ILE A 32 6.21 -4.36 -1.73
CA ILE A 32 7.28 -3.44 -1.47
C ILE A 32 8.45 -4.17 -0.85
N LYS A 33 8.18 -5.08 0.10
CA LYS A 33 9.26 -5.80 0.77
C LYS A 33 10.03 -6.66 -0.22
N SER A 34 9.34 -7.32 -1.16
CA SER A 34 10.03 -8.21 -2.09
C SER A 34 10.61 -7.45 -3.26
N HIS A 35 10.18 -6.20 -3.52
CA HIS A 35 10.72 -5.47 -4.66
C HIS A 35 11.67 -4.40 -4.19
N TYR A 36 11.51 -3.92 -2.96
CA TYR A 36 12.37 -2.88 -2.45
C TYR A 36 12.87 -3.34 -1.11
N LYS A 37 14.10 -2.92 -0.73
CA LYS A 37 14.64 -3.34 0.54
C LYS A 37 14.08 -2.43 1.59
N VAL A 38 13.36 -3.01 2.58
CA VAL A 38 12.78 -2.21 3.62
C VAL A 38 13.08 -2.88 4.93
N GLY A 39 13.05 -2.09 6.02
CA GLY A 39 13.33 -2.63 7.33
C GLY A 39 12.02 -2.78 8.05
N GLU A 40 12.09 -3.24 9.32
CA GLU A 40 10.89 -3.42 10.11
C GLU A 40 10.25 -2.08 10.35
N ASN A 41 11.07 -1.05 10.66
CA ASN A 41 10.54 0.27 10.92
C ASN A 41 9.90 0.79 9.67
N ALA A 42 10.52 0.52 8.50
CA ALA A 42 9.99 0.98 7.24
C ALA A 42 8.66 0.32 7.01
N ASP A 43 8.54 -0.98 7.35
CA ASP A 43 7.30 -1.70 7.15
C ASP A 43 6.21 -1.02 7.94
N SER A 44 6.51 -0.61 9.19
CA SER A 44 5.53 0.06 10.01
C SER A 44 5.18 1.38 9.38
N GLN A 45 6.19 2.08 8.83
CA GLN A 45 5.97 3.38 8.23
C GLN A 45 5.11 3.22 7.00
N ILE A 46 5.30 2.11 6.25
CA ILE A 46 4.51 1.87 5.06
C ILE A 46 3.06 1.80 5.44
N LYS A 47 2.75 1.08 6.54
CA LYS A 47 1.37 0.94 6.97
C LYS A 47 0.84 2.30 7.31
N LEU A 48 1.67 3.14 7.98
CA LEU A 48 1.24 4.48 8.36
C LEU A 48 0.98 5.28 7.11
N SER A 49 1.87 5.12 6.09
CA SER A 49 1.73 5.86 4.86
C SER A 49 0.46 5.46 4.16
N ILE A 50 0.16 4.13 4.14
CA ILE A 50 -1.04 3.66 3.48
C ILE A 50 -2.24 4.25 4.18
N LYS A 51 -2.24 4.22 5.53
CA LYS A 51 -3.35 4.75 6.29
C LYS A 51 -3.47 6.23 6.05
N ARG A 52 -2.33 6.95 5.97
CA ARG A 52 -2.37 8.38 5.75
C ARG A 52 -2.97 8.67 4.40
N LEU A 53 -2.61 7.87 3.38
CA LEU A 53 -3.15 8.10 2.06
C LEU A 53 -4.65 7.92 2.09
N VAL A 54 -5.12 6.90 2.84
CA VAL A 54 -6.55 6.66 2.96
C VAL A 54 -7.16 7.84 3.68
N THR A 55 -6.45 8.33 4.71
CA THR A 55 -6.91 9.46 5.50
C THR A 55 -7.04 10.67 4.61
N THR A 56 -6.06 10.87 3.70
CA THR A 56 -6.09 12.02 2.82
C THR A 56 -7.20 11.82 1.83
N GLY A 57 -7.53 10.55 1.53
CA GLY A 57 -8.59 10.26 0.58
C GLY A 57 -7.98 9.99 -0.75
N VAL A 58 -6.63 10.03 -0.84
CA VAL A 58 -5.97 9.76 -2.08
C VAL A 58 -6.19 8.31 -2.42
N LEU A 59 -6.08 7.43 -1.40
CA LEU A 59 -6.28 6.02 -1.62
C LEU A 59 -7.70 5.71 -1.28
N LYS A 60 -8.33 4.85 -2.10
CA LYS A 60 -9.70 4.47 -1.87
C LYS A 60 -9.72 3.35 -0.88
N GLN A 61 -10.82 3.27 -0.10
CA GLN A 61 -10.94 2.26 0.93
C GLN A 61 -11.82 1.17 0.40
N THR A 62 -11.43 -0.09 0.67
CA THR A 62 -12.19 -1.22 0.21
C THR A 62 -12.55 -2.03 1.42
N LYS A 63 -13.52 -2.95 1.26
CA LYS A 63 -13.99 -3.79 2.35
C LYS A 63 -12.86 -4.63 2.89
N GLY A 64 -13.17 -5.37 3.98
CA GLY A 64 -12.20 -6.23 4.59
C GLY A 64 -11.22 -5.38 5.32
N VAL A 65 -11.68 -4.25 5.87
CA VAL A 65 -10.79 -3.36 6.56
C VAL A 65 -10.37 -4.00 7.85
N GLY A 66 -9.03 -4.18 8.00
CA GLY A 66 -8.48 -4.78 9.20
C GLY A 66 -8.20 -6.23 8.93
N ALA A 67 -9.10 -6.91 8.18
CA ALA A 67 -8.88 -8.30 7.87
C ALA A 67 -7.86 -8.39 6.77
N SER A 68 -8.20 -7.83 5.60
CA SER A 68 -7.30 -7.85 4.47
C SER A 68 -6.77 -6.47 4.29
N GLY A 69 -7.63 -5.45 4.55
CA GLY A 69 -7.22 -4.09 4.38
C GLY A 69 -7.09 -3.84 2.91
N SER A 70 -8.12 -4.23 2.11
CA SER A 70 -8.01 -4.03 0.68
C SER A 70 -8.11 -2.56 0.41
N PHE A 71 -7.27 -2.06 -0.53
CA PHE A 71 -7.28 -0.66 -0.86
C PHE A 71 -7.32 -0.54 -2.35
N ARG A 72 -7.91 0.58 -2.84
CA ARG A 72 -8.02 0.81 -4.26
C ARG A 72 -7.35 2.12 -4.57
N LEU A 73 -6.86 2.27 -5.81
CA LEU A 73 -6.20 3.49 -6.19
C LEU A 73 -7.17 4.29 -6.99
N ALA A 74 -7.38 5.56 -6.57
CA ALA A 74 -8.29 6.42 -7.28
C ALA A 74 -7.52 7.05 -8.41
N LYS A 75 -7.81 6.60 -9.65
CA LYS A 75 -7.12 7.14 -10.79
C LYS A 75 -7.59 8.58 -10.98
N GLY A 1 17.46 6.48 -5.57
CA GLY A 1 16.44 6.51 -6.66
C GLY A 1 15.57 5.30 -6.61
N ASP A 2 16.03 4.26 -5.89
CA ASP A 2 15.25 3.05 -5.77
C ASP A 2 14.28 3.22 -4.64
N HIS A 3 14.46 4.30 -3.85
CA HIS A 3 13.56 4.55 -2.74
C HIS A 3 13.26 6.02 -2.76
N PRO A 4 12.31 6.42 -3.57
CA PRO A 4 11.91 7.81 -3.67
C PRO A 4 10.90 8.20 -2.64
N LYS A 5 9.62 7.79 -2.83
CA LYS A 5 8.59 8.13 -1.90
C LYS A 5 7.85 6.87 -1.59
N TYR A 6 7.32 6.76 -0.35
CA TYR A 6 6.58 5.58 0.04
C TYR A 6 5.32 5.49 -0.76
N SER A 7 4.67 6.65 -1.03
CA SER A 7 3.44 6.64 -1.79
C SER A 7 3.70 6.11 -3.17
N ASP A 8 4.84 6.48 -3.78
CA ASP A 8 5.14 6.00 -5.12
C ASP A 8 5.26 4.50 -5.08
N MET A 9 5.91 3.95 -4.04
CA MET A 9 6.07 2.51 -3.94
C MET A 9 4.71 1.90 -3.72
N ILE A 10 3.87 2.56 -2.89
CA ILE A 10 2.54 2.08 -2.60
C ILE A 10 1.73 2.06 -3.87
N VAL A 11 1.82 3.13 -4.69
CA VAL A 11 1.06 3.19 -5.91
C VAL A 11 1.46 2.03 -6.78
N ALA A 12 2.78 1.74 -6.87
CA ALA A 12 3.25 0.64 -7.68
C ALA A 12 2.64 -0.64 -7.14
N ALA A 13 2.58 -0.76 -5.79
CA ALA A 13 2.03 -1.94 -5.18
C ALA A 13 0.56 -2.07 -5.54
N ILE A 14 -0.17 -0.92 -5.56
CA ILE A 14 -1.59 -0.96 -5.88
C ILE A 14 -1.73 -1.41 -7.30
N GLN A 15 -0.86 -0.88 -8.20
CA GLN A 15 -0.93 -1.22 -9.61
C GLN A 15 -0.60 -2.68 -9.79
N ALA A 16 0.36 -3.20 -9.00
CA ALA A 16 0.77 -4.58 -9.12
C ALA A 16 -0.40 -5.49 -8.86
N GLU A 17 -1.24 -5.16 -7.84
CA GLU A 17 -2.38 -6.00 -7.54
C GLU A 17 -3.60 -5.15 -7.78
N LYS A 18 -3.84 -4.81 -9.06
CA LYS A 18 -4.97 -3.99 -9.42
C LYS A 18 -6.15 -4.89 -9.68
N ASN A 19 -6.54 -5.69 -8.67
CA ASN A 19 -7.66 -6.57 -8.82
C ASN A 19 -8.90 -5.79 -8.48
N ARG A 20 -10.08 -6.30 -8.93
CA ARG A 20 -11.33 -5.63 -8.65
C ARG A 20 -11.62 -5.72 -7.18
N ALA A 21 -10.99 -6.71 -6.50
CA ALA A 21 -11.21 -6.88 -5.08
C ALA A 21 -10.37 -5.88 -4.34
N GLY A 22 -9.50 -5.13 -5.08
CA GLY A 22 -8.65 -4.15 -4.45
C GLY A 22 -7.34 -4.80 -4.14
N SER A 23 -6.40 -4.01 -3.60
CA SER A 23 -5.10 -4.53 -3.27
C SER A 23 -5.12 -4.86 -1.80
N SER A 24 -4.65 -6.07 -1.45
CA SER A 24 -4.65 -6.48 -0.07
C SER A 24 -3.59 -5.69 0.66
N ARG A 25 -3.84 -5.41 1.96
CA ARG A 25 -2.91 -4.65 2.76
C ARG A 25 -1.60 -5.38 2.83
N GLN A 26 -1.67 -6.72 3.01
CA GLN A 26 -0.46 -7.52 3.12
C GLN A 26 0.29 -7.49 1.82
N SER A 27 -0.42 -7.51 0.68
CA SER A 27 0.26 -7.51 -0.60
C SER A 27 0.99 -6.20 -0.82
N ILE A 28 0.47 -5.08 -0.26
CA ILE A 28 1.12 -3.80 -0.45
C ILE A 28 2.50 -3.84 0.16
N GLN A 29 2.60 -4.28 1.43
CA GLN A 29 3.90 -4.31 2.08
C GLN A 29 4.73 -5.43 1.49
N LYS A 30 4.08 -6.55 1.09
CA LYS A 30 4.81 -7.68 0.54
C LYS A 30 5.47 -7.26 -0.75
N TYR A 31 4.71 -6.55 -1.63
CA TYR A 31 5.25 -6.12 -2.89
C TYR A 31 6.41 -5.20 -2.66
N ILE A 32 6.23 -4.20 -1.78
CA ILE A 32 7.28 -3.24 -1.53
C ILE A 32 8.50 -3.92 -0.97
N LYS A 33 8.31 -4.81 0.03
CA LYS A 33 9.44 -5.48 0.63
C LYS A 33 10.13 -6.37 -0.39
N SER A 34 9.34 -7.08 -1.21
CA SER A 34 9.91 -8.00 -2.17
C SER A 34 10.62 -7.29 -3.29
N HIS A 35 10.07 -6.16 -3.79
CA HIS A 35 10.69 -5.49 -4.94
C HIS A 35 11.57 -4.36 -4.51
N TYR A 36 11.47 -3.87 -3.26
CA TYR A 36 12.32 -2.78 -2.84
C TYR A 36 12.95 -3.16 -1.54
N LYS A 37 14.20 -2.67 -1.32
CA LYS A 37 14.88 -3.00 -0.10
C LYS A 37 14.43 -1.99 0.93
N VAL A 38 13.82 -2.50 2.02
CA VAL A 38 13.34 -1.63 3.07
C VAL A 38 13.76 -2.22 4.37
N GLY A 39 13.76 -1.40 5.44
CA GLY A 39 14.14 -1.88 6.75
C GLY A 39 13.00 -2.64 7.33
N GLU A 40 13.25 -3.39 8.43
CA GLU A 40 12.21 -4.16 9.05
C GLU A 40 11.25 -3.24 9.76
N ASN A 41 11.71 -2.02 10.10
CA ASN A 41 10.85 -1.09 10.79
C ASN A 41 10.13 -0.26 9.76
N ALA A 42 10.43 -0.49 8.47
CA ALA A 42 9.79 0.25 7.41
C ALA A 42 8.39 -0.24 7.25
N ASP A 43 8.14 -1.51 7.65
CA ASP A 43 6.80 -2.07 7.51
C ASP A 43 5.83 -1.24 8.31
N SER A 44 6.24 -0.80 9.52
CA SER A 44 5.35 0.00 10.35
C SER A 44 5.12 1.32 9.67
N GLN A 45 6.18 1.89 9.06
CA GLN A 45 6.07 3.18 8.40
C GLN A 45 5.19 3.03 7.18
N ILE A 46 5.30 1.89 6.47
CA ILE A 46 4.50 1.67 5.28
C ILE A 46 3.05 1.70 5.67
N LYS A 47 2.69 1.05 6.80
CA LYS A 47 1.31 1.03 7.23
C LYS A 47 0.87 2.44 7.53
N LEU A 48 1.77 3.25 8.16
CA LEU A 48 1.42 4.61 8.48
C LEU A 48 1.21 5.39 7.20
N SER A 49 2.08 5.14 6.19
CA SER A 49 1.97 5.84 4.93
C SER A 49 0.66 5.47 4.27
N ILE A 50 0.31 4.17 4.28
CA ILE A 50 -0.92 3.73 3.66
C ILE A 50 -2.09 4.38 4.38
N LYS A 51 -2.03 4.40 5.73
CA LYS A 51 -3.10 5.00 6.51
C LYS A 51 -3.21 6.47 6.17
N ARG A 52 -2.06 7.16 6.04
CA ARG A 52 -2.06 8.57 5.72
C ARG A 52 -2.70 8.77 4.37
N LEU A 53 -2.36 7.92 3.38
CA LEU A 53 -2.92 8.07 2.05
C LEU A 53 -4.42 7.88 2.12
N VAL A 54 -4.89 6.91 2.93
CA VAL A 54 -6.31 6.67 3.06
C VAL A 54 -6.93 7.89 3.69
N THR A 55 -6.24 8.46 4.69
CA THR A 55 -6.73 9.64 5.38
C THR A 55 -6.86 10.78 4.40
N THR A 56 -5.87 10.94 3.50
CA THR A 56 -5.92 12.02 2.53
C THR A 56 -7.02 11.73 1.55
N GLY A 57 -7.32 10.43 1.34
CA GLY A 57 -8.36 10.05 0.41
C GLY A 57 -7.74 9.65 -0.89
N VAL A 58 -6.39 9.54 -0.92
CA VAL A 58 -5.71 9.14 -2.13
C VAL A 58 -6.12 7.72 -2.43
N LEU A 59 -6.12 6.86 -1.39
CA LEU A 59 -6.51 5.49 -1.57
C LEU A 59 -7.97 5.39 -1.23
N LYS A 60 -8.70 4.55 -1.99
CA LYS A 60 -10.10 4.39 -1.76
C LYS A 60 -10.28 3.25 -0.79
N GLN A 61 -11.37 3.32 0.00
CA GLN A 61 -11.65 2.32 0.99
C GLN A 61 -12.31 1.16 0.31
N THR A 62 -11.88 -0.06 0.70
CA THR A 62 -12.44 -1.26 0.11
C THR A 62 -12.87 -2.15 1.24
N LYS A 63 -13.70 -3.15 0.92
CA LYS A 63 -14.21 -4.07 1.92
C LYS A 63 -13.08 -4.83 2.55
N GLY A 64 -13.44 -5.59 3.62
CA GLY A 64 -12.46 -6.39 4.31
C GLY A 64 -11.60 -5.48 5.12
N VAL A 65 -12.18 -4.39 5.66
CA VAL A 65 -11.40 -3.45 6.43
C VAL A 65 -11.02 -4.09 7.72
N GLY A 66 -9.70 -4.23 7.96
CA GLY A 66 -9.20 -4.82 9.17
C GLY A 66 -8.88 -6.26 8.91
N ALA A 67 -9.72 -6.94 8.09
CA ALA A 67 -9.48 -8.34 7.81
C ALA A 67 -8.37 -8.42 6.79
N SER A 68 -8.61 -7.86 5.58
CA SER A 68 -7.61 -7.89 4.54
C SER A 68 -7.06 -6.50 4.39
N GLY A 69 -7.92 -5.48 4.61
CA GLY A 69 -7.47 -4.12 4.48
C GLY A 69 -7.29 -3.85 3.02
N SER A 70 -8.30 -4.22 2.17
CA SER A 70 -8.15 -4.00 0.76
C SER A 70 -8.22 -2.51 0.49
N PHE A 71 -7.41 -2.03 -0.47
CA PHE A 71 -7.40 -0.63 -0.80
C PHE A 71 -7.55 -0.49 -2.29
N ARG A 72 -8.24 0.59 -2.72
CA ARG A 72 -8.44 0.85 -4.12
C ARG A 72 -7.90 2.22 -4.41
N LEU A 73 -7.96 2.65 -5.69
CA LEU A 73 -7.49 3.96 -6.05
C LEU A 73 -8.68 4.84 -6.27
N ALA A 74 -8.64 6.07 -5.69
CA ALA A 74 -9.74 6.98 -5.85
C ALA A 74 -9.53 7.70 -7.14
N LYS A 75 -10.38 7.40 -8.15
CA LYS A 75 -10.26 8.05 -9.42
C LYS A 75 -10.67 9.51 -9.25
N GLY A 1 15.57 -0.92 -2.64
CA GLY A 1 16.39 -0.10 -1.70
C GLY A 1 16.58 1.29 -2.22
N ASP A 2 15.90 1.62 -3.34
CA ASP A 2 16.02 2.93 -3.92
C ASP A 2 14.64 3.35 -4.33
N HIS A 3 14.04 4.29 -3.58
CA HIS A 3 12.73 4.75 -3.91
C HIS A 3 12.67 6.21 -3.55
N PRO A 4 11.81 6.95 -4.23
CA PRO A 4 11.66 8.37 -3.97
C PRO A 4 10.70 8.67 -2.87
N LYS A 5 9.44 8.17 -2.99
CA LYS A 5 8.45 8.42 -1.98
C LYS A 5 7.79 7.12 -1.64
N TYR A 6 7.34 6.99 -0.38
CA TYR A 6 6.66 5.79 0.06
C TYR A 6 5.35 5.66 -0.66
N SER A 7 4.67 6.79 -0.91
CA SER A 7 3.39 6.77 -1.57
C SER A 7 3.54 6.20 -2.96
N ASP A 8 4.67 6.51 -3.63
CA ASP A 8 4.89 5.99 -4.97
C ASP A 8 4.99 4.49 -4.92
N MET A 9 5.69 3.96 -3.89
CA MET A 9 5.84 2.52 -3.78
C MET A 9 4.50 1.90 -3.49
N ILE A 10 3.69 2.56 -2.64
CA ILE A 10 2.39 2.04 -2.28
C ILE A 10 1.53 2.01 -3.53
N VAL A 11 1.57 3.08 -4.33
CA VAL A 11 0.79 3.13 -5.55
C VAL A 11 1.25 2.03 -6.46
N ALA A 12 2.59 1.84 -6.57
CA ALA A 12 3.13 0.81 -7.43
C ALA A 12 2.65 -0.54 -6.97
N ALA A 13 2.65 -0.77 -5.65
CA ALA A 13 2.24 -2.05 -5.10
C ALA A 13 0.77 -2.27 -5.38
N ILE A 14 -0.06 -1.23 -5.19
CA ILE A 14 -1.49 -1.39 -5.38
C ILE A 14 -1.81 -1.60 -6.84
N GLN A 15 -1.18 -0.82 -7.76
CA GLN A 15 -1.47 -0.98 -9.17
C GLN A 15 -0.89 -2.28 -9.67
N ALA A 16 0.10 -2.85 -8.93
CA ALA A 16 0.70 -4.10 -9.35
C ALA A 16 -0.38 -5.16 -9.32
N GLU A 17 -1.25 -5.11 -8.28
CA GLU A 17 -2.31 -6.08 -8.18
C GLU A 17 -3.59 -5.30 -8.35
N LYS A 18 -3.91 -4.95 -9.61
CA LYS A 18 -5.12 -4.22 -9.90
C LYS A 18 -6.25 -5.20 -10.00
N ASN A 19 -6.50 -5.94 -8.89
CA ASN A 19 -7.55 -6.91 -8.87
C ASN A 19 -8.86 -6.17 -8.67
N ARG A 20 -9.98 -6.84 -8.97
CA ARG A 20 -11.29 -6.22 -8.84
C ARG A 20 -11.54 -5.95 -7.37
N ALA A 21 -10.97 -6.79 -6.48
CA ALA A 21 -11.17 -6.60 -5.07
C ALA A 21 -10.15 -5.62 -4.55
N GLY A 22 -9.29 -5.09 -5.44
CA GLY A 22 -8.28 -4.14 -5.02
C GLY A 22 -7.07 -4.91 -4.60
N SER A 23 -6.15 -4.22 -3.90
CA SER A 23 -4.94 -4.86 -3.45
C SER A 23 -5.07 -5.03 -1.96
N SER A 24 -4.66 -6.22 -1.47
CA SER A 24 -4.75 -6.49 -0.05
C SER A 24 -3.70 -5.70 0.67
N ARG A 25 -3.94 -5.46 1.98
CA ARG A 25 -3.01 -4.69 2.78
C ARG A 25 -1.67 -5.38 2.84
N GLN A 26 -1.66 -6.72 3.03
CA GLN A 26 -0.42 -7.43 3.11
C GLN A 26 0.25 -7.45 1.76
N SER A 27 -0.53 -7.36 0.66
CA SER A 27 0.05 -7.37 -0.67
C SER A 27 0.89 -6.14 -0.86
N ILE A 28 0.42 -4.99 -0.32
CA ILE A 28 1.14 -3.74 -0.48
C ILE A 28 2.52 -3.86 0.14
N GLN A 29 2.61 -4.35 1.39
CA GLN A 29 3.91 -4.45 2.03
C GLN A 29 4.72 -5.56 1.42
N LYS A 30 4.09 -6.70 1.04
CA LYS A 30 4.85 -7.80 0.47
C LYS A 30 5.46 -7.38 -0.83
N TYR A 31 4.70 -6.65 -1.68
CA TYR A 31 5.23 -6.22 -2.95
C TYR A 31 6.42 -5.33 -2.72
N ILE A 32 6.25 -4.33 -1.82
CA ILE A 32 7.31 -3.39 -1.57
C ILE A 32 8.51 -4.11 -1.00
N LYS A 33 8.31 -5.01 -0.02
CA LYS A 33 9.43 -5.71 0.58
C LYS A 33 10.11 -6.59 -0.46
N SER A 34 9.33 -7.28 -1.31
CA SER A 34 9.90 -8.17 -2.29
C SER A 34 10.64 -7.41 -3.38
N HIS A 35 10.07 -6.27 -3.87
CA HIS A 35 10.70 -5.57 -4.97
C HIS A 35 11.64 -4.48 -4.48
N TYR A 36 11.48 -4.00 -3.24
CA TYR A 36 12.35 -2.95 -2.75
C TYR A 36 12.92 -3.40 -1.43
N LYS A 37 14.15 -2.97 -1.12
CA LYS A 37 14.75 -3.37 0.12
C LYS A 37 14.30 -2.38 1.17
N VAL A 38 13.60 -2.89 2.21
CA VAL A 38 13.12 -2.03 3.25
C VAL A 38 13.47 -2.67 4.56
N GLY A 39 13.51 -1.85 5.64
CA GLY A 39 13.84 -2.37 6.95
C GLY A 39 12.59 -2.94 7.56
N GLU A 40 12.76 -3.64 8.71
CA GLU A 40 11.63 -4.23 9.39
C GLU A 40 10.74 -3.13 9.93
N ASN A 41 11.35 -2.03 10.42
CA ASN A 41 10.59 -0.94 10.97
C ASN A 41 9.91 -0.18 9.86
N ALA A 42 10.30 -0.45 8.60
CA ALA A 42 9.70 0.24 7.48
C ALA A 42 8.29 -0.27 7.32
N ASP A 43 8.01 -1.52 7.79
CA ASP A 43 6.68 -2.08 7.65
C ASP A 43 5.68 -1.23 8.38
N SER A 44 6.04 -0.72 9.58
CA SER A 44 5.11 0.10 10.33
C SER A 44 4.97 1.43 9.64
N GLN A 45 6.07 1.94 9.05
CA GLN A 45 6.03 3.22 8.38
C GLN A 45 5.13 3.10 7.18
N ILE A 46 5.23 1.97 6.46
CA ILE A 46 4.41 1.75 5.28
C ILE A 46 2.97 1.75 5.68
N LYS A 47 2.61 1.06 6.79
CA LYS A 47 1.23 1.00 7.21
C LYS A 47 0.75 2.39 7.54
N LEU A 48 1.59 3.20 8.22
CA LEU A 48 1.20 4.55 8.57
C LEU A 48 1.01 5.36 7.32
N SER A 49 1.92 5.17 6.33
CA SER A 49 1.83 5.90 5.09
C SER A 49 0.56 5.53 4.37
N ILE A 50 0.22 4.21 4.34
CA ILE A 50 -0.98 3.76 3.67
C ILE A 50 -2.18 4.38 4.36
N LYS A 51 -2.20 4.37 5.70
CA LYS A 51 -3.32 4.93 6.43
C LYS A 51 -3.42 6.40 6.15
N ARG A 52 -2.27 7.11 6.08
CA ARG A 52 -2.30 8.54 5.82
C ARG A 52 -2.86 8.78 4.45
N LEU A 53 -2.46 7.96 3.45
CA LEU A 53 -2.95 8.15 2.11
C LEU A 53 -4.44 7.95 2.09
N VAL A 54 -4.93 6.96 2.86
CA VAL A 54 -6.37 6.72 2.92
C VAL A 54 -7.01 7.93 3.55
N THR A 55 -6.34 8.48 4.59
CA THR A 55 -6.84 9.65 5.29
C THR A 55 -6.96 10.81 4.34
N THR A 56 -5.92 11.02 3.48
CA THR A 56 -5.96 12.13 2.54
C THR A 56 -6.97 11.84 1.45
N GLY A 57 -7.38 10.56 1.30
CA GLY A 57 -8.37 10.22 0.29
C GLY A 57 -7.67 9.85 -0.99
N VAL A 58 -6.32 9.77 -0.97
CA VAL A 58 -5.59 9.39 -2.17
C VAL A 58 -5.96 7.98 -2.51
N LEU A 59 -5.99 7.10 -1.49
CA LEU A 59 -6.34 5.72 -1.72
C LEU A 59 -7.78 5.55 -1.34
N LYS A 60 -8.50 4.71 -2.11
CA LYS A 60 -9.89 4.47 -1.85
C LYS A 60 -10.01 3.33 -0.89
N GLN A 61 -11.09 3.37 -0.08
CA GLN A 61 -11.31 2.35 0.93
C GLN A 61 -12.06 1.23 0.28
N THR A 62 -11.68 -0.02 0.63
CA THR A 62 -12.33 -1.18 0.07
C THR A 62 -12.76 -2.05 1.22
N LYS A 63 -13.65 -3.01 0.93
CA LYS A 63 -14.17 -3.90 1.94
C LYS A 63 -13.06 -4.72 2.54
N GLY A 64 -13.42 -5.51 3.58
CA GLY A 64 -12.44 -6.34 4.25
C GLY A 64 -11.58 -5.47 5.09
N VAL A 65 -12.15 -4.37 5.62
CA VAL A 65 -11.37 -3.46 6.42
C VAL A 65 -11.01 -4.14 7.71
N GLY A 66 -9.69 -4.28 7.94
CA GLY A 66 -9.20 -4.90 9.15
C GLY A 66 -8.89 -6.34 8.86
N ALA A 67 -9.72 -7.00 8.03
CA ALA A 67 -9.47 -8.39 7.71
C ALA A 67 -8.35 -8.46 6.70
N SER A 68 -8.60 -7.89 5.49
CA SER A 68 -7.59 -7.90 4.47
C SER A 68 -7.08 -6.50 4.30
N GLY A 69 -7.93 -5.50 4.58
CA GLY A 69 -7.51 -4.12 4.44
C GLY A 69 -7.31 -3.86 2.98
N SER A 70 -8.30 -4.25 2.12
CA SER A 70 -8.12 -4.04 0.71
C SER A 70 -8.22 -2.58 0.43
N PHE A 71 -7.41 -2.08 -0.53
CA PHE A 71 -7.44 -0.68 -0.88
C PHE A 71 -7.58 -0.58 -2.37
N ARG A 72 -8.29 0.47 -2.82
CA ARG A 72 -8.49 0.68 -4.24
C ARG A 72 -7.69 1.88 -4.62
N LEU A 73 -7.22 1.92 -5.88
CA LEU A 73 -6.44 3.04 -6.33
C LEU A 73 -7.36 3.95 -7.10
N ALA A 74 -7.40 5.24 -6.69
CA ALA A 74 -8.23 6.19 -7.36
C ALA A 74 -7.47 6.73 -8.53
N LYS A 75 -7.84 6.32 -9.75
CA LYS A 75 -7.15 6.81 -10.92
C LYS A 75 -7.49 8.29 -11.10
N GLY A 1 17.56 -0.32 -3.17
CA GLY A 1 18.71 0.46 -2.65
C GLY A 1 18.26 1.82 -2.21
N ASP A 2 17.23 2.36 -2.89
CA ASP A 2 16.75 3.66 -2.55
C ASP A 2 15.34 3.77 -3.08
N HIS A 3 14.63 4.84 -2.71
CA HIS A 3 13.28 5.02 -3.18
C HIS A 3 12.99 6.49 -3.12
N PRO A 4 12.03 6.93 -3.89
CA PRO A 4 11.65 8.32 -3.92
C PRO A 4 10.67 8.69 -2.85
N LYS A 5 9.41 8.20 -2.96
CA LYS A 5 8.41 8.50 -1.98
C LYS A 5 7.74 7.22 -1.61
N TYR A 6 7.30 7.11 -0.33
CA TYR A 6 6.63 5.92 0.13
C TYR A 6 5.31 5.79 -0.57
N SER A 7 4.63 6.94 -0.82
CA SER A 7 3.34 6.90 -1.46
C SER A 7 3.49 6.33 -2.85
N ASP A 8 4.60 6.65 -3.55
CA ASP A 8 4.81 6.15 -4.89
C ASP A 8 4.96 4.65 -4.82
N MET A 9 5.68 4.15 -3.78
CA MET A 9 5.90 2.73 -3.63
C MET A 9 4.58 2.05 -3.36
N ILE A 10 3.74 2.68 -2.52
CA ILE A 10 2.44 2.13 -2.20
C ILE A 10 1.59 2.09 -3.44
N VAL A 11 1.62 3.19 -4.22
CA VAL A 11 0.84 3.25 -5.44
C VAL A 11 1.30 2.16 -6.37
N ALA A 12 2.64 1.99 -6.49
CA ALA A 12 3.18 0.98 -7.39
C ALA A 12 2.70 -0.39 -6.96
N ALA A 13 2.70 -0.66 -5.64
CA ALA A 13 2.27 -1.95 -5.16
C ALA A 13 0.82 -2.18 -5.47
N ILE A 14 -0.03 -1.15 -5.27
CA ILE A 14 -1.43 -1.28 -5.52
C ILE A 14 -1.66 -1.42 -7.01
N GLN A 15 -0.92 -0.66 -7.84
CA GLN A 15 -1.07 -0.75 -9.28
C GLN A 15 -0.70 -2.13 -9.73
N ALA A 16 0.36 -2.70 -9.12
CA ALA A 16 0.80 -4.04 -9.49
C ALA A 16 -0.32 -5.00 -9.24
N GLU A 17 -1.04 -4.83 -8.10
CA GLU A 17 -2.14 -5.71 -7.79
C GLU A 17 -3.41 -4.95 -8.07
N LYS A 18 -3.64 -4.62 -9.36
CA LYS A 18 -4.84 -3.91 -9.73
C LYS A 18 -5.97 -4.91 -9.81
N ASN A 19 -6.07 -5.79 -8.80
CA ASN A 19 -7.12 -6.79 -8.78
C ASN A 19 -8.43 -6.09 -8.58
N ARG A 20 -9.51 -6.67 -9.14
CA ARG A 20 -10.84 -6.08 -9.03
C ARG A 20 -11.25 -6.03 -7.58
N ALA A 21 -10.88 -7.08 -6.80
CA ALA A 21 -11.24 -7.12 -5.41
C ALA A 21 -10.49 -6.03 -4.66
N GLY A 22 -9.36 -5.56 -5.24
CA GLY A 22 -8.59 -4.52 -4.60
C GLY A 22 -7.28 -5.13 -4.21
N SER A 23 -6.37 -4.29 -3.68
CA SER A 23 -5.07 -4.76 -3.27
C SER A 23 -5.12 -4.90 -1.78
N SER A 24 -4.77 -6.10 -1.28
CA SER A 24 -4.78 -6.35 0.14
C SER A 24 -3.68 -5.56 0.78
N ARG A 25 -3.86 -5.23 2.08
CA ARG A 25 -2.88 -4.47 2.81
C ARG A 25 -1.59 -5.25 2.86
N GLN A 26 -1.70 -6.57 3.09
CA GLN A 26 -0.53 -7.41 3.16
C GLN A 26 0.15 -7.41 1.81
N SER A 27 -0.64 -7.43 0.72
CA SER A 27 -0.09 -7.45 -0.61
C SER A 27 0.73 -6.22 -0.85
N ILE A 28 0.28 -5.05 -0.33
CA ILE A 28 1.00 -3.81 -0.55
C ILE A 28 2.39 -3.93 0.03
N GLN A 29 2.54 -4.41 1.29
CA GLN A 29 3.85 -4.52 1.87
C GLN A 29 4.61 -5.66 1.23
N LYS A 30 3.93 -6.77 0.87
CA LYS A 30 4.64 -7.90 0.29
C LYS A 30 5.26 -7.50 -1.03
N TYR A 31 4.53 -6.72 -1.85
CA TYR A 31 5.07 -6.29 -3.13
C TYR A 31 6.29 -5.45 -2.87
N ILE A 32 6.16 -4.48 -1.94
CA ILE A 32 7.27 -3.59 -1.64
C ILE A 32 8.43 -4.38 -1.11
N LYS A 33 8.20 -5.33 -0.18
CA LYS A 33 9.30 -6.10 0.37
C LYS A 33 9.96 -6.93 -0.71
N SER A 34 9.14 -7.52 -1.61
CA SER A 34 9.68 -8.38 -2.63
C SER A 34 10.44 -7.60 -3.68
N HIS A 35 9.94 -6.41 -4.10
CA HIS A 35 10.60 -5.68 -5.18
C HIS A 35 11.52 -4.61 -4.65
N TYR A 36 11.41 -4.24 -3.35
CA TYR A 36 12.27 -3.21 -2.83
C TYR A 36 12.81 -3.66 -1.51
N LYS A 37 14.02 -3.18 -1.15
CA LYS A 37 14.61 -3.57 0.11
C LYS A 37 14.15 -2.56 1.12
N VAL A 38 13.47 -3.04 2.19
CA VAL A 38 12.99 -2.16 3.21
C VAL A 38 13.37 -2.73 4.54
N GLY A 39 13.42 -1.88 5.59
CA GLY A 39 13.79 -2.35 6.90
C GLY A 39 12.53 -2.71 7.64
N GLU A 40 12.70 -3.24 8.87
CA GLU A 40 11.57 -3.63 9.68
C GLU A 40 10.82 -2.39 10.09
N ASN A 41 11.56 -1.31 10.44
CA ASN A 41 10.94 -0.08 10.87
C ASN A 41 10.17 0.53 9.73
N ALA A 42 10.63 0.26 8.48
CA ALA A 42 9.98 0.80 7.31
C ALA A 42 8.59 0.24 7.21
N ASP A 43 8.35 -0.97 7.76
CA ASP A 43 7.04 -1.58 7.67
C ASP A 43 6.05 -0.70 8.39
N SER A 44 6.45 -0.13 9.54
CA SER A 44 5.57 0.73 10.29
C SER A 44 5.31 1.98 9.50
N GLN A 45 6.36 2.51 8.83
CA GLN A 45 6.21 3.71 8.05
C GLN A 45 5.29 3.45 6.90
N ILE A 46 5.41 2.26 6.26
CA ILE A 46 4.56 1.93 5.14
C ILE A 46 3.13 1.88 5.59
N LYS A 47 2.84 1.22 6.74
CA LYS A 47 1.49 1.11 7.21
C LYS A 47 0.95 2.48 7.53
N LEU A 48 1.77 3.36 8.15
CA LEU A 48 1.32 4.69 8.49
C LEU A 48 1.08 5.47 7.22
N SER A 49 1.97 5.27 6.21
CA SER A 49 1.84 5.99 4.96
C SER A 49 0.57 5.55 4.27
N ILE A 50 0.26 4.24 4.28
CA ILE A 50 -0.94 3.74 3.63
C ILE A 50 -2.13 4.35 4.33
N LYS A 51 -2.11 4.36 5.68
CA LYS A 51 -3.22 4.90 6.44
C LYS A 51 -3.36 6.37 6.13
N ARG A 52 -2.22 7.11 6.05
CA ARG A 52 -2.26 8.52 5.79
C ARG A 52 -2.86 8.76 4.42
N LEU A 53 -2.47 7.95 3.41
CA LEU A 53 -3.00 8.13 2.08
C LEU A 53 -4.48 7.89 2.08
N VAL A 54 -4.95 6.86 2.83
CA VAL A 54 -6.36 6.55 2.89
C VAL A 54 -7.06 7.72 3.57
N THR A 55 -6.42 8.25 4.63
CA THR A 55 -6.98 9.36 5.38
C THR A 55 -7.11 10.55 4.47
N THR A 56 -6.09 10.78 3.62
CA THR A 56 -6.12 11.92 2.71
C THR A 56 -7.17 11.68 1.67
N GLY A 57 -7.45 10.39 1.37
CA GLY A 57 -8.46 10.05 0.39
C GLY A 57 -7.78 9.75 -0.92
N VAL A 58 -6.43 9.66 -0.90
CA VAL A 58 -5.70 9.35 -2.11
C VAL A 58 -6.05 7.94 -2.51
N LEU A 59 -6.07 7.03 -1.51
CA LEU A 59 -6.41 5.65 -1.78
C LEU A 59 -7.88 5.49 -1.53
N LYS A 60 -8.53 4.61 -2.31
CA LYS A 60 -9.94 4.38 -2.16
C LYS A 60 -10.10 3.27 -1.16
N GLN A 61 -11.22 3.32 -0.40
CA GLN A 61 -11.49 2.34 0.62
C GLN A 61 -12.10 1.14 -0.04
N THR A 62 -11.85 -0.05 0.57
CA THR A 62 -12.38 -1.27 0.04
C THR A 62 -12.80 -2.11 1.21
N LYS A 63 -13.61 -3.15 0.96
CA LYS A 63 -14.09 -4.02 2.01
C LYS A 63 -12.95 -4.74 2.67
N GLY A 64 -13.29 -5.46 3.77
CA GLY A 64 -12.29 -6.21 4.49
C GLY A 64 -11.43 -5.26 5.24
N VAL A 65 -12.02 -4.15 5.73
CA VAL A 65 -11.24 -3.17 6.45
C VAL A 65 -10.84 -3.76 7.78
N GLY A 66 -9.52 -3.87 8.00
CA GLY A 66 -9.01 -4.40 9.25
C GLY A 66 -8.69 -5.84 9.06
N ALA A 67 -9.53 -6.58 8.29
CA ALA A 67 -9.26 -7.98 8.07
C ALA A 67 -8.17 -8.11 7.05
N SER A 68 -8.42 -7.62 5.82
CA SER A 68 -7.43 -7.69 4.77
C SER A 68 -6.90 -6.32 4.54
N GLY A 69 -7.76 -5.29 4.74
CA GLY A 69 -7.34 -3.94 4.54
C GLY A 69 -7.18 -3.73 3.06
N SER A 70 -8.19 -4.15 2.25
CA SER A 70 -8.06 -3.99 0.83
C SER A 70 -8.17 -2.52 0.52
N PHE A 71 -7.35 -2.05 -0.45
CA PHE A 71 -7.37 -0.66 -0.82
C PHE A 71 -7.44 -0.58 -2.32
N ARG A 72 -8.10 0.48 -2.83
CA ARG A 72 -8.23 0.67 -4.25
C ARG A 72 -7.70 2.03 -4.58
N LEU A 73 -7.68 2.38 -5.89
CA LEU A 73 -7.18 3.67 -6.28
C LEU A 73 -8.36 4.49 -6.72
N ALA A 74 -8.42 5.75 -6.24
CA ALA A 74 -9.51 6.61 -6.61
C ALA A 74 -9.17 7.24 -7.92
N LYS A 75 -9.86 6.81 -8.99
CA LYS A 75 -9.60 7.36 -10.30
C LYS A 75 -10.16 8.79 -10.33
N GLY A 1 18.32 7.37 -2.71
CA GLY A 1 17.82 7.34 -4.11
C GLY A 1 17.20 6.01 -4.41
N ASP A 2 17.00 5.18 -3.36
CA ASP A 2 16.41 3.87 -3.54
C ASP A 2 14.99 4.06 -4.02
N HIS A 3 14.28 5.04 -3.44
CA HIS A 3 12.92 5.28 -3.82
C HIS A 3 12.66 6.75 -3.63
N PRO A 4 11.69 7.27 -4.35
CA PRO A 4 11.34 8.66 -4.25
C PRO A 4 10.38 8.97 -3.13
N LYS A 5 9.14 8.43 -3.23
CA LYS A 5 8.16 8.67 -2.21
C LYS A 5 7.55 7.35 -1.84
N TYR A 6 7.11 7.24 -0.56
CA TYR A 6 6.50 6.02 -0.09
C TYR A 6 5.19 5.82 -0.79
N SER A 7 4.47 6.93 -1.06
CA SER A 7 3.19 6.83 -1.71
C SER A 7 3.36 6.24 -3.08
N ASP A 8 4.46 6.57 -3.77
CA ASP A 8 4.70 6.05 -5.10
C ASP A 8 4.90 4.56 -5.00
N MET A 9 5.61 4.11 -3.95
CA MET A 9 5.87 2.69 -3.78
C MET A 9 4.56 1.98 -3.51
N ILE A 10 3.69 2.61 -2.69
CA ILE A 10 2.41 2.03 -2.37
C ILE A 10 1.58 1.96 -3.62
N VAL A 11 1.62 3.03 -4.44
CA VAL A 11 0.86 3.05 -5.67
C VAL A 11 1.35 1.94 -6.56
N ALA A 12 2.68 1.75 -6.64
CA ALA A 12 3.24 0.72 -7.49
C ALA A 12 2.76 -0.64 -7.03
N ALA A 13 2.72 -0.88 -5.71
CA ALA A 13 2.28 -2.16 -5.19
C ALA A 13 0.84 -2.40 -5.55
N ILE A 14 -0.01 -1.36 -5.37
CA ILE A 14 -1.42 -1.51 -5.67
C ILE A 14 -1.60 -1.62 -7.17
N GLN A 15 -0.81 -0.85 -7.93
CA GLN A 15 -0.88 -0.86 -9.37
C GLN A 15 -0.56 -2.24 -9.89
N ALA A 16 0.39 -2.94 -9.23
CA ALA A 16 0.79 -4.26 -9.67
C ALA A 16 -0.42 -5.17 -9.63
N GLU A 17 -1.25 -5.06 -8.57
CA GLU A 17 -2.43 -5.89 -8.47
C GLU A 17 -3.63 -4.99 -8.57
N LYS A 18 -3.86 -4.42 -9.77
CA LYS A 18 -4.98 -3.53 -9.96
C LYS A 18 -6.18 -4.41 -10.23
N ASN A 19 -6.48 -5.32 -9.28
CA ASN A 19 -7.61 -6.20 -9.44
C ASN A 19 -8.85 -5.44 -9.04
N ARG A 20 -10.03 -5.98 -9.39
CA ARG A 20 -11.29 -5.33 -9.07
C ARG A 20 -11.44 -5.29 -7.57
N ALA A 21 -10.98 -6.36 -6.88
CA ALA A 21 -11.10 -6.41 -5.44
C ALA A 21 -10.08 -5.48 -4.82
N GLY A 22 -9.16 -4.93 -5.64
CA GLY A 22 -8.15 -4.04 -5.12
C GLY A 22 -6.99 -4.87 -4.66
N SER A 23 -6.11 -4.26 -3.85
CA SER A 23 -4.94 -4.97 -3.37
C SER A 23 -5.09 -5.07 -1.89
N SER A 24 -4.69 -6.24 -1.33
CA SER A 24 -4.78 -6.45 0.10
C SER A 24 -3.70 -5.64 0.76
N ARG A 25 -3.92 -5.29 2.05
CA ARG A 25 -2.96 -4.50 2.79
C ARG A 25 -1.67 -5.26 2.87
N GLN A 26 -1.76 -6.59 3.14
CA GLN A 26 -0.59 -7.42 3.24
C GLN A 26 0.13 -7.42 1.92
N SER A 27 -0.63 -7.44 0.81
CA SER A 27 -0.03 -7.48 -0.52
C SER A 27 0.77 -6.22 -0.74
N ILE A 28 0.27 -5.06 -0.28
CA ILE A 28 0.98 -3.80 -0.50
C ILE A 28 2.34 -3.87 0.15
N GLN A 29 2.42 -4.27 1.44
CA GLN A 29 3.70 -4.32 2.10
C GLN A 29 4.51 -5.47 1.56
N LYS A 30 3.85 -6.59 1.18
CA LYS A 30 4.56 -7.75 0.67
C LYS A 30 5.25 -7.40 -0.62
N TYR A 31 4.54 -6.71 -1.53
CA TYR A 31 5.12 -6.34 -2.80
C TYR A 31 6.32 -5.45 -2.56
N ILE A 32 6.14 -4.42 -1.71
CA ILE A 32 7.22 -3.50 -1.46
C ILE A 32 8.38 -4.22 -0.84
N LYS A 33 8.14 -5.08 0.17
CA LYS A 33 9.23 -5.77 0.83
C LYS A 33 9.91 -6.71 -0.15
N SER A 34 9.12 -7.42 -0.97
CA SER A 34 9.68 -8.38 -1.90
C SER A 34 10.46 -7.70 -3.02
N HIS A 35 9.94 -6.58 -3.58
CA HIS A 35 10.61 -5.95 -4.71
C HIS A 35 11.53 -4.85 -4.27
N TYR A 36 11.40 -4.33 -3.04
CA TYR A 36 12.26 -3.25 -2.60
C TYR A 36 12.83 -3.62 -1.27
N LYS A 37 14.08 -3.19 -0.99
CA LYS A 37 14.69 -3.50 0.28
C LYS A 37 14.17 -2.52 1.28
N VAL A 38 13.51 -3.04 2.35
CA VAL A 38 12.96 -2.18 3.36
C VAL A 38 13.34 -2.74 4.70
N GLY A 39 13.34 -1.88 5.74
CA GLY A 39 13.69 -2.33 7.06
C GLY A 39 12.42 -2.44 7.85
N GLU A 40 12.55 -2.84 9.14
CA GLU A 40 11.39 -2.99 9.99
C GLU A 40 10.78 -1.64 10.20
N ASN A 41 11.61 -0.59 10.41
CA ASN A 41 11.11 0.74 10.63
C ASN A 41 10.38 1.20 9.40
N ALA A 42 10.92 0.85 8.20
CA ALA A 42 10.31 1.24 6.96
C ALA A 42 8.94 0.62 6.87
N ASP A 43 8.80 -0.65 7.32
CA ASP A 43 7.53 -1.32 7.24
C ASP A 43 6.51 -0.56 8.05
N SER A 44 6.93 -0.05 9.24
CA SER A 44 6.01 0.71 10.08
C SER A 44 5.61 1.96 9.35
N GLN A 45 6.58 2.60 8.65
CA GLN A 45 6.29 3.82 7.94
C GLN A 45 5.37 3.52 6.78
N ILE A 46 5.54 2.35 6.13
CA ILE A 46 4.69 2.00 5.01
C ILE A 46 3.27 1.92 5.49
N LYS A 47 3.03 1.25 6.64
CA LYS A 47 1.69 1.12 7.16
C LYS A 47 1.17 2.49 7.49
N LEU A 48 2.03 3.34 8.08
CA LEU A 48 1.62 4.68 8.44
C LEU A 48 1.27 5.45 7.20
N SER A 49 2.11 5.33 6.15
CA SER A 49 1.88 6.04 4.91
C SER A 49 0.57 5.57 4.29
N ILE A 50 0.32 4.24 4.28
CA ILE A 50 -0.90 3.74 3.68
C ILE A 50 -2.08 4.31 4.44
N LYS A 51 -2.03 4.29 5.78
CA LYS A 51 -3.13 4.81 6.58
C LYS A 51 -3.27 6.29 6.33
N ARG A 52 -2.15 7.02 6.22
CA ARG A 52 -2.20 8.46 6.00
C ARG A 52 -2.84 8.73 4.66
N LEU A 53 -2.48 7.95 3.62
CA LEU A 53 -3.05 8.16 2.30
C LEU A 53 -4.53 7.90 2.36
N VAL A 54 -4.95 6.84 3.09
CA VAL A 54 -6.36 6.52 3.18
C VAL A 54 -7.05 7.64 3.91
N THR A 55 -6.40 8.16 4.97
CA THR A 55 -6.94 9.24 5.76
C THR A 55 -7.13 10.45 4.89
N THR A 56 -6.13 10.73 4.01
CA THR A 56 -6.21 11.89 3.14
C THR A 56 -7.28 11.63 2.12
N GLY A 57 -7.55 10.35 1.79
CA GLY A 57 -8.57 10.03 0.83
C GLY A 57 -7.91 9.79 -0.50
N VAL A 58 -6.56 9.75 -0.53
CA VAL A 58 -5.84 9.51 -1.76
C VAL A 58 -6.17 8.11 -2.22
N LEU A 59 -6.15 7.15 -1.27
CA LEU A 59 -6.46 5.78 -1.60
C LEU A 59 -7.89 5.53 -1.25
N LYS A 60 -8.56 4.71 -2.08
CA LYS A 60 -9.94 4.38 -1.86
C LYS A 60 -10.00 3.22 -0.90
N GLN A 61 -11.09 3.16 -0.12
CA GLN A 61 -11.25 2.13 0.86
C GLN A 61 -12.06 1.02 0.24
N THR A 62 -11.60 -0.22 0.45
CA THR A 62 -12.28 -1.37 -0.08
C THR A 62 -12.69 -2.22 1.08
N LYS A 63 -13.62 -3.17 0.83
CA LYS A 63 -14.13 -4.05 1.86
C LYS A 63 -13.02 -4.84 2.49
N GLY A 64 -13.39 -5.62 3.54
CA GLY A 64 -12.43 -6.44 4.23
C GLY A 64 -11.58 -5.54 5.07
N VAL A 65 -12.19 -4.46 5.62
CA VAL A 65 -11.45 -3.53 6.42
C VAL A 65 -11.06 -4.19 7.71
N GLY A 66 -9.74 -4.29 7.96
CA GLY A 66 -9.24 -4.90 9.16
C GLY A 66 -8.88 -6.32 8.87
N ALA A 67 -9.68 -7.01 8.04
CA ALA A 67 -9.38 -8.39 7.73
C ALA A 67 -8.26 -8.42 6.71
N SER A 68 -8.52 -7.84 5.52
CA SER A 68 -7.51 -7.82 4.48
C SER A 68 -7.02 -6.42 4.35
N GLY A 69 -7.93 -5.42 4.53
CA GLY A 69 -7.55 -4.05 4.40
C GLY A 69 -7.32 -3.78 2.94
N SER A 70 -8.26 -4.21 2.06
CA SER A 70 -8.05 -4.01 0.65
C SER A 70 -8.19 -2.53 0.36
N PHE A 71 -7.36 -2.02 -0.58
CA PHE A 71 -7.40 -0.62 -0.92
C PHE A 71 -7.47 -0.50 -2.41
N ARG A 72 -8.08 0.60 -2.89
CA ARG A 72 -8.22 0.84 -4.31
C ARG A 72 -7.58 2.16 -4.62
N LEU A 73 -7.32 2.41 -5.92
CA LEU A 73 -6.70 3.65 -6.32
C LEU A 73 -7.79 4.57 -6.79
N ALA A 74 -7.77 5.82 -6.30
CA ALA A 74 -8.76 6.78 -6.69
C ALA A 74 -8.23 7.49 -7.91
N LYS A 75 -8.84 7.21 -9.08
CA LYS A 75 -8.40 7.84 -10.29
C LYS A 75 -8.90 9.28 -10.28
N GLY A 1 17.71 1.78 1.46
CA GLY A 1 16.45 2.07 2.19
C GLY A 1 16.06 3.49 2.00
N ASP A 2 16.44 4.07 0.85
CA ASP A 2 16.11 5.45 0.57
C ASP A 2 14.79 5.44 -0.14
N HIS A 3 13.72 5.85 0.58
CA HIS A 3 12.40 5.89 0.00
C HIS A 3 11.94 7.32 0.02
N PRO A 4 12.19 8.04 -1.05
CA PRO A 4 11.78 9.44 -1.13
C PRO A 4 10.29 9.61 -1.20
N LYS A 5 9.60 8.65 -1.85
CA LYS A 5 8.17 8.74 -1.97
C LYS A 5 7.60 7.40 -1.60
N TYR A 6 7.10 7.26 -0.35
CA TYR A 6 6.50 6.01 0.08
C TYR A 6 5.22 5.81 -0.69
N SER A 7 4.52 6.91 -0.98
CA SER A 7 3.26 6.82 -1.70
C SER A 7 3.50 6.22 -3.06
N ASP A 8 4.62 6.57 -3.71
CA ASP A 8 4.90 6.04 -5.02
C ASP A 8 5.03 4.54 -4.95
N MET A 9 5.74 4.02 -3.92
CA MET A 9 5.91 2.59 -3.79
C MET A 9 4.57 1.94 -3.51
N ILE A 10 3.75 2.61 -2.66
CA ILE A 10 2.45 2.09 -2.32
C ILE A 10 1.61 2.02 -3.57
N VAL A 11 1.63 3.10 -4.38
CA VAL A 11 0.86 3.13 -5.60
C VAL A 11 1.36 2.04 -6.51
N ALA A 12 2.70 1.87 -6.61
CA ALA A 12 3.25 0.86 -7.47
C ALA A 12 2.78 -0.51 -7.04
N ALA A 13 2.76 -0.76 -5.70
CA ALA A 13 2.35 -2.05 -5.20
C ALA A 13 0.88 -2.27 -5.51
N ILE A 14 0.04 -1.24 -5.35
CA ILE A 14 -1.37 -1.38 -5.60
C ILE A 14 -1.60 -1.58 -7.08
N GLN A 15 -0.85 -0.85 -7.94
CA GLN A 15 -1.03 -0.99 -9.38
C GLN A 15 -0.62 -2.38 -9.78
N ALA A 16 0.45 -2.92 -9.14
CA ALA A 16 0.91 -4.25 -9.48
C ALA A 16 -0.20 -5.23 -9.20
N GLU A 17 -0.92 -5.04 -8.09
CA GLU A 17 -2.02 -5.92 -7.77
C GLU A 17 -3.28 -5.17 -8.03
N LYS A 18 -3.58 -4.88 -9.31
CA LYS A 18 -4.79 -4.18 -9.66
C LYS A 18 -5.92 -5.17 -9.64
N ASN A 19 -6.05 -5.91 -8.52
CA ASN A 19 -7.10 -6.89 -8.40
C ASN A 19 -8.40 -6.14 -8.26
N ARG A 20 -9.50 -6.74 -8.77
CA ARG A 20 -10.81 -6.11 -8.71
C ARG A 20 -11.19 -5.92 -7.27
N ALA A 21 -10.85 -6.92 -6.41
CA ALA A 21 -11.19 -6.84 -5.01
C ALA A 21 -10.33 -5.80 -4.33
N GLY A 22 -9.30 -5.29 -5.04
CA GLY A 22 -8.44 -4.29 -4.46
C GLY A 22 -7.19 -4.97 -4.01
N SER A 23 -6.17 -4.16 -3.64
CA SER A 23 -4.92 -4.72 -3.20
C SER A 23 -4.97 -4.79 -1.70
N SER A 24 -4.67 -5.97 -1.14
CA SER A 24 -4.71 -6.16 0.29
C SER A 24 -3.57 -5.41 0.91
N ARG A 25 -3.71 -5.06 2.21
CA ARG A 25 -2.69 -4.34 2.92
C ARG A 25 -1.42 -5.17 2.92
N GLN A 26 -1.57 -6.49 3.17
CA GLN A 26 -0.44 -7.38 3.19
C GLN A 26 0.21 -7.39 1.83
N SER A 27 -0.62 -7.38 0.77
CA SER A 27 -0.09 -7.42 -0.59
C SER A 27 0.73 -6.18 -0.85
N ILE A 28 0.28 -5.00 -0.34
CA ILE A 28 1.00 -3.77 -0.59
C ILE A 28 2.39 -3.86 -0.01
N GLN A 29 2.51 -4.29 1.27
CA GLN A 29 3.83 -4.38 1.86
C GLN A 29 4.58 -5.55 1.28
N LYS A 30 3.88 -6.64 0.91
CA LYS A 30 4.54 -7.81 0.36
C LYS A 30 5.24 -7.44 -0.93
N TYR A 31 4.55 -6.70 -1.81
CA TYR A 31 5.14 -6.30 -3.07
C TYR A 31 6.35 -5.45 -2.79
N ILE A 32 6.20 -4.45 -1.91
CA ILE A 32 7.30 -3.55 -1.61
C ILE A 32 8.45 -4.32 -1.03
N LYS A 33 8.19 -5.23 -0.07
CA LYS A 33 9.27 -6.00 0.54
C LYS A 33 9.93 -6.88 -0.48
N SER A 34 9.12 -7.48 -1.39
CA SER A 34 9.67 -8.39 -2.38
C SER A 34 10.49 -7.67 -3.43
N HIS A 35 10.04 -6.48 -3.87
CA HIS A 35 10.75 -5.80 -4.95
C HIS A 35 11.68 -4.73 -4.42
N TYR A 36 11.51 -4.30 -3.16
CA TYR A 36 12.38 -3.26 -2.63
C TYR A 36 12.86 -3.72 -1.29
N LYS A 37 14.11 -3.34 -0.93
CA LYS A 37 14.66 -3.74 0.34
C LYS A 37 14.16 -2.74 1.35
N VAL A 38 13.44 -3.23 2.38
CA VAL A 38 12.91 -2.36 3.40
C VAL A 38 13.24 -2.95 4.74
N GLY A 39 13.22 -2.10 5.79
CA GLY A 39 13.51 -2.57 7.13
C GLY A 39 12.21 -2.71 7.86
N GLU A 40 12.28 -3.16 9.13
CA GLU A 40 11.09 -3.34 9.93
C GLU A 40 10.48 -1.99 10.18
N ASN A 41 11.32 -0.97 10.46
CA ASN A 41 10.82 0.36 10.72
C ASN A 41 10.12 0.88 9.49
N ALA A 42 10.69 0.57 8.30
CA ALA A 42 10.10 1.03 7.07
C ALA A 42 8.73 0.43 6.91
N ASP A 43 8.55 -0.85 7.31
CA ASP A 43 7.26 -1.50 7.18
C ASP A 43 6.24 -0.74 8.00
N SER A 44 6.64 -0.27 9.20
CA SER A 44 5.72 0.47 10.04
C SER A 44 5.36 1.76 9.36
N GLN A 45 6.37 2.42 8.73
CA GLN A 45 6.12 3.67 8.05
C GLN A 45 5.23 3.44 6.86
N ILE A 46 5.41 2.31 6.15
CA ILE A 46 4.59 2.03 4.99
C ILE A 46 3.16 1.93 5.43
N LYS A 47 2.88 1.21 6.54
CA LYS A 47 1.52 1.07 7.01
C LYS A 47 1.00 2.43 7.39
N LEU A 48 1.85 3.27 8.03
CA LEU A 48 1.44 4.59 8.43
C LEU A 48 1.13 5.41 7.20
N SER A 49 2.00 5.32 6.17
CA SER A 49 1.81 6.08 4.95
C SER A 49 0.53 5.63 4.28
N ILE A 50 0.26 4.31 4.23
CA ILE A 50 -0.94 3.81 3.59
C ILE A 50 -2.13 4.37 4.33
N LYS A 51 -2.09 4.33 5.68
CA LYS A 51 -3.18 4.83 6.49
C LYS A 51 -3.36 6.31 6.23
N ARG A 52 -2.24 7.07 6.15
CA ARG A 52 -2.31 8.49 5.92
C ARG A 52 -2.95 8.76 4.57
N LEU A 53 -2.56 7.98 3.54
CA LEU A 53 -3.12 8.18 2.22
C LEU A 53 -4.60 7.91 2.24
N VAL A 54 -5.02 6.86 2.97
CA VAL A 54 -6.43 6.53 3.05
C VAL A 54 -7.14 7.65 3.79
N THR A 55 -6.49 8.16 4.85
CA THR A 55 -7.06 9.23 5.65
C THR A 55 -7.23 10.45 4.78
N THR A 56 -6.24 10.73 3.91
CA THR A 56 -6.30 11.90 3.05
C THR A 56 -7.37 11.66 2.02
N GLY A 57 -7.63 10.37 1.69
CA GLY A 57 -8.65 10.06 0.71
C GLY A 57 -7.98 9.82 -0.61
N VAL A 58 -6.64 9.76 -0.63
CA VAL A 58 -5.91 9.51 -1.86
C VAL A 58 -6.25 8.12 -2.31
N LEU A 59 -6.26 7.15 -1.36
CA LEU A 59 -6.57 5.79 -1.69
C LEU A 59 -8.01 5.56 -1.36
N LYS A 60 -8.68 4.73 -2.18
CA LYS A 60 -10.07 4.44 -1.96
C LYS A 60 -10.17 3.31 -0.98
N GLN A 61 -11.28 3.31 -0.22
CA GLN A 61 -11.51 2.32 0.81
C GLN A 61 -12.17 1.13 0.16
N THR A 62 -11.72 -0.09 0.54
CA THR A 62 -12.27 -1.28 -0.02
C THR A 62 -12.67 -2.16 1.14
N LYS A 63 -13.50 -3.19 0.85
CA LYS A 63 -13.97 -4.09 1.87
C LYS A 63 -12.82 -4.80 2.52
N GLY A 64 -13.15 -5.58 3.59
CA GLY A 64 -12.14 -6.31 4.31
C GLY A 64 -11.37 -5.35 5.13
N VAL A 65 -12.03 -4.28 5.62
CA VAL A 65 -11.35 -3.29 6.40
C VAL A 65 -10.99 -3.90 7.72
N GLY A 66 -9.66 -3.94 8.01
CA GLY A 66 -9.18 -4.49 9.26
C GLY A 66 -8.76 -5.91 9.02
N ALA A 67 -9.52 -6.65 8.18
CA ALA A 67 -9.16 -8.03 7.92
C ALA A 67 -8.01 -8.05 6.95
N SER A 68 -8.25 -7.54 5.72
CA SER A 68 -7.20 -7.52 4.72
C SER A 68 -6.76 -6.11 4.52
N GLY A 69 -7.69 -5.13 4.71
CA GLY A 69 -7.34 -3.75 4.52
C GLY A 69 -7.16 -3.53 3.04
N SER A 70 -8.11 -4.01 2.20
CA SER A 70 -7.92 -3.83 0.78
C SER A 70 -8.10 -2.38 0.45
N PHE A 71 -7.30 -1.86 -0.51
CA PHE A 71 -7.39 -0.48 -0.89
C PHE A 71 -7.45 -0.39 -2.38
N ARG A 72 -8.14 0.65 -2.89
CA ARG A 72 -8.29 0.86 -4.31
C ARG A 72 -7.67 2.17 -4.65
N LEU A 73 -7.42 2.41 -5.96
CA LEU A 73 -6.82 3.65 -6.38
C LEU A 73 -7.92 4.53 -6.88
N ALA A 74 -7.90 5.81 -6.43
CA ALA A 74 -8.90 6.75 -6.85
C ALA A 74 -8.38 7.42 -8.09
N LYS A 75 -9.00 7.10 -9.25
CA LYS A 75 -8.56 7.69 -10.49
C LYS A 75 -8.99 9.17 -10.48
N GLY A 1 18.03 6.65 -5.28
CA GLY A 1 17.19 6.70 -6.51
C GLY A 1 16.24 5.54 -6.53
N ASP A 2 16.52 4.51 -5.72
CA ASP A 2 15.66 3.35 -5.68
C ASP A 2 14.67 3.55 -4.56
N HIS A 3 14.80 4.69 -3.84
CA HIS A 3 13.89 4.96 -2.75
C HIS A 3 13.44 6.39 -2.89
N PRO A 4 12.43 6.62 -3.70
CA PRO A 4 11.92 7.94 -3.91
C PRO A 4 10.90 8.35 -2.88
N LYS A 5 9.64 7.87 -3.04
CA LYS A 5 8.60 8.21 -2.11
C LYS A 5 7.89 6.94 -1.75
N TYR A 6 7.39 6.86 -0.49
CA TYR A 6 6.68 5.68 -0.05
C TYR A 6 5.39 5.58 -0.81
N SER A 7 4.76 6.73 -1.11
CA SER A 7 3.50 6.73 -1.81
C SER A 7 3.70 6.15 -3.19
N ASP A 8 4.86 6.42 -3.83
CA ASP A 8 5.12 5.91 -5.16
C ASP A 8 5.20 4.40 -5.08
N MET A 9 5.84 3.87 -4.03
CA MET A 9 5.98 2.44 -3.88
C MET A 9 4.62 1.83 -3.65
N ILE A 10 3.79 2.51 -2.83
CA ILE A 10 2.47 2.02 -2.54
C ILE A 10 1.66 2.01 -3.80
N VAL A 11 1.75 3.07 -4.62
CA VAL A 11 1.00 3.14 -5.85
C VAL A 11 1.40 1.98 -6.73
N ALA A 12 2.71 1.69 -6.80
CA ALA A 12 3.19 0.59 -7.62
C ALA A 12 2.59 -0.68 -7.09
N ALA A 13 2.51 -0.81 -5.74
CA ALA A 13 1.96 -1.99 -5.13
C ALA A 13 0.49 -2.13 -5.47
N ILE A 14 -0.25 -0.99 -5.51
CA ILE A 14 -1.66 -1.05 -5.81
C ILE A 14 -1.82 -1.51 -7.24
N GLN A 15 -0.99 -0.95 -8.15
CA GLN A 15 -1.07 -1.30 -9.56
C GLN A 15 -0.67 -2.74 -9.75
N ALA A 16 0.32 -3.22 -8.96
CA ALA A 16 0.77 -4.59 -9.10
C ALA A 16 -0.37 -5.52 -8.86
N GLU A 17 -1.23 -5.22 -7.86
CA GLU A 17 -2.36 -6.08 -7.60
C GLU A 17 -3.59 -5.26 -7.87
N LYS A 18 -3.85 -4.99 -9.16
CA LYS A 18 -5.00 -4.20 -9.54
C LYS A 18 -6.17 -5.14 -9.68
N ASN A 19 -6.50 -5.86 -8.59
CA ASN A 19 -7.60 -6.78 -8.62
C ASN A 19 -8.87 -5.99 -8.44
N ARG A 20 -10.02 -6.61 -8.81
CA ARG A 20 -11.29 -5.93 -8.69
C ARG A 20 -11.60 -5.75 -7.23
N ALA A 21 -11.07 -6.66 -6.38
CA ALA A 21 -11.31 -6.58 -4.97
C ALA A 21 -10.38 -5.56 -4.37
N GLY A 22 -9.50 -4.96 -5.20
CA GLY A 22 -8.55 -3.98 -4.71
C GLY A 22 -7.28 -4.68 -4.37
N SER A 23 -6.31 -3.92 -3.84
CA SER A 23 -5.03 -4.49 -3.47
C SER A 23 -5.08 -4.73 -1.99
N SER A 24 -4.73 -5.96 -1.56
CA SER A 24 -4.76 -6.30 -0.16
C SER A 24 -3.65 -5.57 0.55
N ARG A 25 -3.88 -5.27 1.84
CA ARG A 25 -2.90 -4.55 2.64
C ARG A 25 -1.64 -5.37 2.74
N GLN A 26 -1.77 -6.69 2.96
CA GLN A 26 -0.62 -7.55 3.08
C GLN A 26 0.12 -7.57 1.77
N SER A 27 -0.62 -7.58 0.65
CA SER A 27 0.00 -7.62 -0.65
C SER A 27 0.82 -6.37 -0.86
N ILE A 28 0.33 -5.20 -0.39
CA ILE A 28 1.04 -3.96 -0.58
C ILE A 28 2.38 -4.02 0.09
N GLN A 29 2.44 -4.45 1.38
CA GLN A 29 3.71 -4.49 2.07
C GLN A 29 4.56 -5.61 1.53
N LYS A 30 3.95 -6.74 1.11
CA LYS A 30 4.73 -7.85 0.59
C LYS A 30 5.36 -7.43 -0.72
N TYR A 31 4.60 -6.72 -1.59
CA TYR A 31 5.13 -6.28 -2.86
C TYR A 31 6.31 -5.38 -2.63
N ILE A 32 6.12 -4.38 -1.75
CA ILE A 32 7.18 -3.42 -1.50
C ILE A 32 8.37 -4.14 -0.90
N LYS A 33 8.16 -5.03 0.07
CA LYS A 33 9.27 -5.73 0.69
C LYS A 33 9.98 -6.60 -0.33
N SER A 34 9.21 -7.30 -1.19
CA SER A 34 9.80 -8.19 -2.17
C SER A 34 10.56 -7.44 -3.24
N HIS A 35 10.03 -6.28 -3.71
CA HIS A 35 10.69 -5.58 -4.80
C HIS A 35 11.59 -4.49 -4.31
N TYR A 36 11.41 -4.00 -3.06
CA TYR A 36 12.25 -2.93 -2.57
C TYR A 36 12.76 -3.34 -1.22
N LYS A 37 14.00 -2.93 -0.89
CA LYS A 37 14.57 -3.28 0.39
C LYS A 37 13.91 -2.42 1.42
N VAL A 38 13.50 -3.04 2.54
CA VAL A 38 12.84 -2.31 3.59
C VAL A 38 13.38 -2.79 4.91
N GLY A 39 13.20 -1.97 5.96
CA GLY A 39 13.65 -2.33 7.28
C GLY A 39 12.44 -2.42 8.14
N GLU A 40 12.65 -2.72 9.44
CA GLU A 40 11.52 -2.84 10.36
C GLU A 40 10.86 -1.49 10.49
N ASN A 41 11.67 -0.41 10.56
CA ASN A 41 11.13 0.92 10.69
C ASN A 41 10.35 1.26 9.45
N ALA A 42 10.87 0.85 8.28
CA ALA A 42 10.21 1.14 7.02
C ALA A 42 8.87 0.47 7.00
N ASP A 43 8.78 -0.77 7.54
CA ASP A 43 7.52 -1.49 7.53
C ASP A 43 6.49 -0.71 8.31
N SER A 44 6.88 -0.12 9.46
CA SER A 44 5.93 0.64 10.24
C SER A 44 5.57 1.90 9.50
N GLN A 45 6.53 2.49 8.76
CA GLN A 45 6.26 3.70 8.02
C GLN A 45 5.31 3.41 6.89
N ILE A 46 5.43 2.22 6.26
CA ILE A 46 4.56 1.88 5.16
C ILE A 46 3.14 1.84 5.68
N LYS A 47 2.93 1.21 6.85
CA LYS A 47 1.60 1.13 7.41
C LYS A 47 1.09 2.52 7.72
N LEU A 48 1.98 3.39 8.22
CA LEU A 48 1.59 4.75 8.53
C LEU A 48 1.28 5.48 7.25
N SER A 49 2.11 5.27 6.21
CA SER A 49 1.94 5.94 4.94
C SER A 49 0.63 5.55 4.30
N ILE A 50 0.27 4.25 4.31
CA ILE A 50 -0.96 3.85 3.68
C ILE A 50 -2.12 4.40 4.47
N LYS A 51 -1.97 4.49 5.81
CA LYS A 51 -3.04 5.03 6.63
C LYS A 51 -3.23 6.48 6.28
N ARG A 52 -2.11 7.22 6.10
CA ARG A 52 -2.18 8.62 5.75
C ARG A 52 -2.83 8.79 4.41
N LEU A 53 -2.48 7.91 3.44
CA LEU A 53 -3.04 8.02 2.12
C LEU A 53 -4.53 7.81 2.19
N VAL A 54 -4.99 6.86 3.04
CA VAL A 54 -6.41 6.62 3.18
C VAL A 54 -7.03 7.85 3.80
N THR A 55 -6.32 8.44 4.79
CA THR A 55 -6.80 9.62 5.48
C THR A 55 -6.97 10.77 4.51
N THR A 56 -5.98 10.97 3.61
CA THR A 56 -6.07 12.07 2.66
C THR A 56 -7.08 11.75 1.60
N GLY A 57 -7.49 10.47 1.48
CA GLY A 57 -8.49 10.10 0.51
C GLY A 57 -7.83 9.69 -0.77
N VAL A 58 -6.48 9.61 -0.78
CA VAL A 58 -5.77 9.21 -1.98
C VAL A 58 -6.15 7.78 -2.28
N LEU A 59 -6.18 6.93 -1.23
CA LEU A 59 -6.54 5.55 -1.42
C LEU A 59 -7.99 5.42 -1.06
N LYS A 60 -8.74 4.65 -1.87
CA LYS A 60 -10.14 4.45 -1.62
C LYS A 60 -10.28 3.27 -0.70
N GLN A 61 -11.37 3.29 0.09
CA GLN A 61 -11.63 2.24 1.05
C GLN A 61 -12.31 1.12 0.34
N THR A 62 -11.85 -0.12 0.62
CA THR A 62 -12.41 -1.28 -0.01
C THR A 62 -12.81 -2.23 1.08
N LYS A 63 -13.65 -3.22 0.73
CA LYS A 63 -14.12 -4.20 1.69
C LYS A 63 -12.97 -4.95 2.29
N GLY A 64 -13.31 -5.77 3.32
CA GLY A 64 -12.31 -6.56 3.99
C GLY A 64 -11.49 -5.66 4.85
N VAL A 65 -12.13 -4.61 5.41
CA VAL A 65 -11.42 -3.68 6.24
C VAL A 65 -11.04 -4.38 7.51
N GLY A 66 -9.72 -4.48 7.77
CA GLY A 66 -9.23 -5.10 8.96
C GLY A 66 -8.84 -6.52 8.63
N ALA A 67 -9.62 -7.19 7.76
CA ALA A 67 -9.31 -8.55 7.40
C ALA A 67 -8.17 -8.52 6.41
N SER A 68 -8.42 -7.92 5.22
CA SER A 68 -7.40 -7.84 4.21
C SER A 68 -6.93 -6.42 4.11
N GLY A 69 -7.84 -5.46 4.39
CA GLY A 69 -7.47 -4.07 4.29
C GLY A 69 -7.27 -3.75 2.85
N SER A 70 -8.22 -4.15 1.97
CA SER A 70 -8.05 -3.89 0.56
C SER A 70 -8.19 -2.40 0.33
N PHE A 71 -7.39 -1.87 -0.63
CA PHE A 71 -7.44 -0.46 -0.93
C PHE A 71 -7.58 -0.30 -2.42
N ARG A 72 -8.28 0.79 -2.83
CA ARG A 72 -8.47 1.06 -4.24
C ARG A 72 -7.86 2.41 -4.53
N LEU A 73 -7.74 2.76 -5.84
CA LEU A 73 -7.16 4.02 -6.21
C LEU A 73 -8.27 4.98 -6.51
N ALA A 74 -8.17 6.21 -5.98
CA ALA A 74 -9.18 7.20 -6.22
C ALA A 74 -8.72 8.02 -7.39
N LYS A 75 -9.40 7.84 -8.55
CA LYS A 75 -9.03 8.59 -9.73
C LYS A 75 -9.41 10.06 -9.49
N GLY A 1 16.21 6.61 -6.85
CA GLY A 1 14.90 6.24 -7.46
C GLY A 1 14.41 4.95 -6.88
N ASP A 2 15.31 4.21 -6.20
CA ASP A 2 14.94 2.94 -5.61
C ASP A 2 13.93 3.20 -4.53
N HIS A 3 14.12 4.30 -3.77
CA HIS A 3 13.20 4.63 -2.70
C HIS A 3 12.94 6.11 -2.79
N PRO A 4 12.00 6.49 -3.64
CA PRO A 4 11.66 7.87 -3.82
C PRO A 4 10.64 8.36 -2.83
N LYS A 5 9.38 7.93 -2.99
CA LYS A 5 8.34 8.35 -2.09
C LYS A 5 7.60 7.10 -1.68
N TYR A 6 7.12 7.07 -0.42
CA TYR A 6 6.41 5.91 0.07
C TYR A 6 5.12 5.77 -0.68
N SER A 7 4.45 6.91 -0.97
CA SER A 7 3.18 6.85 -1.66
C SER A 7 3.37 6.26 -3.03
N ASP A 8 4.48 6.63 -3.72
CA ASP A 8 4.72 6.10 -5.05
C ASP A 8 4.93 4.62 -4.96
N MET A 9 5.64 4.15 -3.92
CA MET A 9 5.90 2.73 -3.76
C MET A 9 4.59 2.02 -3.50
N ILE A 10 3.73 2.65 -2.66
CA ILE A 10 2.44 2.06 -2.34
C ILE A 10 1.60 2.00 -3.60
N VAL A 11 1.63 3.08 -4.39
CA VAL A 11 0.86 3.12 -5.62
C VAL A 11 1.37 2.03 -6.55
N ALA A 12 2.71 1.86 -6.61
CA ALA A 12 3.28 0.85 -7.48
C ALA A 12 2.79 -0.52 -7.07
N ALA A 13 2.75 -0.78 -5.75
CA ALA A 13 2.30 -2.07 -5.26
C ALA A 13 0.85 -2.29 -5.64
N ILE A 14 0.03 -1.25 -5.48
CA ILE A 14 -1.38 -1.37 -5.78
C ILE A 14 -1.57 -1.53 -7.28
N GLN A 15 -0.80 -0.78 -8.10
CA GLN A 15 -0.93 -0.90 -9.55
C GLN A 15 -0.52 -2.29 -9.97
N ALA A 16 0.51 -2.86 -9.31
CA ALA A 16 0.99 -4.17 -9.68
C ALA A 16 -0.14 -5.18 -9.54
N GLU A 17 -0.93 -5.07 -8.46
CA GLU A 17 -2.03 -6.00 -8.28
C GLU A 17 -3.29 -5.19 -8.21
N LYS A 18 -3.73 -4.67 -9.38
CA LYS A 18 -4.94 -3.87 -9.44
C LYS A 18 -6.10 -4.80 -9.57
N ASN A 19 -6.24 -5.72 -8.59
CA ASN A 19 -7.33 -6.67 -8.61
C ASN A 19 -8.62 -5.91 -8.42
N ARG A 20 -9.71 -6.45 -9.04
CA ARG A 20 -11.01 -5.82 -8.97
C ARG A 20 -11.46 -5.78 -7.53
N ALA A 21 -11.19 -6.86 -6.77
CA ALA A 21 -11.60 -6.92 -5.39
C ALA A 21 -10.84 -5.89 -4.58
N GLY A 22 -9.66 -5.45 -5.10
CA GLY A 22 -8.88 -4.46 -4.40
C GLY A 22 -7.55 -5.07 -4.10
N SER A 23 -6.61 -4.23 -3.62
CA SER A 23 -5.30 -4.73 -3.31
C SER A 23 -5.26 -4.98 -1.83
N SER A 24 -4.80 -6.18 -1.44
CA SER A 24 -4.74 -6.52 -0.04
C SER A 24 -3.67 -5.67 0.60
N ARG A 25 -3.89 -5.31 1.89
CA ARG A 25 -2.94 -4.49 2.62
C ARG A 25 -1.64 -5.25 2.70
N GLN A 26 -1.73 -6.58 2.94
CA GLN A 26 -0.55 -7.40 3.05
C GLN A 26 0.16 -7.39 1.73
N SER A 27 -0.60 -7.42 0.61
CA SER A 27 -0.01 -7.44 -0.70
C SER A 27 0.81 -6.19 -0.91
N ILE A 28 0.30 -5.02 -0.44
CA ILE A 28 1.02 -3.78 -0.64
C ILE A 28 2.37 -3.85 0.04
N GLN A 29 2.42 -4.27 1.32
CA GLN A 29 3.68 -4.32 2.02
C GLN A 29 4.54 -5.44 1.48
N LYS A 30 3.92 -6.58 1.09
CA LYS A 30 4.70 -7.71 0.59
C LYS A 30 5.34 -7.34 -0.72
N TYR A 31 4.61 -6.64 -1.61
CA TYR A 31 5.18 -6.26 -2.89
C TYR A 31 6.37 -5.37 -2.65
N ILE A 32 6.21 -4.35 -1.79
CA ILE A 32 7.28 -3.43 -1.53
C ILE A 32 8.45 -4.16 -0.92
N LYS A 33 8.20 -5.03 0.08
CA LYS A 33 9.28 -5.74 0.73
C LYS A 33 9.97 -6.66 -0.26
N SER A 34 9.18 -7.36 -1.10
CA SER A 34 9.75 -8.31 -2.04
C SER A 34 10.52 -7.62 -3.15
N HIS A 35 10.01 -6.48 -3.67
CA HIS A 35 10.68 -5.84 -4.80
C HIS A 35 11.60 -4.74 -4.35
N TYR A 36 11.46 -4.24 -3.11
CA TYR A 36 12.33 -3.17 -2.67
C TYR A 36 12.88 -3.55 -1.33
N LYS A 37 14.12 -3.12 -1.03
CA LYS A 37 14.72 -3.44 0.24
C LYS A 37 14.22 -2.42 1.22
N VAL A 38 13.56 -2.89 2.31
CA VAL A 38 13.05 -1.99 3.30
C VAL A 38 13.43 -2.54 4.64
N GLY A 39 13.50 -1.64 5.66
CA GLY A 39 13.86 -2.07 6.99
C GLY A 39 12.60 -2.29 7.76
N GLU A 40 12.74 -2.71 9.04
CA GLU A 40 11.59 -2.94 9.89
C GLU A 40 10.89 -1.63 10.13
N ASN A 41 11.67 -0.55 10.38
CA ASN A 41 11.08 0.75 10.63
C ASN A 41 10.35 1.21 9.39
N ALA A 42 10.92 0.93 8.21
CA ALA A 42 10.31 1.32 6.97
C ALA A 42 8.99 0.60 6.83
N ASP A 43 8.93 -0.69 7.23
CA ASP A 43 7.72 -1.46 7.12
C ASP A 43 6.64 -0.78 7.94
N SER A 44 6.99 -0.32 9.16
CA SER A 44 6.02 0.34 10.01
C SER A 44 5.59 1.63 9.35
N GLN A 45 6.55 2.34 8.73
CA GLN A 45 6.26 3.59 8.08
C GLN A 45 5.32 3.35 6.93
N ILE A 46 5.51 2.23 6.20
CA ILE A 46 4.66 1.92 5.06
C ILE A 46 3.23 1.75 5.54
N LYS A 47 3.03 1.02 6.65
CA LYS A 47 1.69 0.80 7.15
C LYS A 47 1.07 2.13 7.52
N LEU A 48 1.86 3.01 8.17
CA LEU A 48 1.35 4.31 8.57
C LEU A 48 1.05 5.12 7.34
N SER A 49 1.95 5.06 6.33
CA SER A 49 1.77 5.83 5.11
C SER A 49 0.52 5.37 4.41
N ILE A 50 0.27 4.05 4.34
CA ILE A 50 -0.92 3.55 3.66
C ILE A 50 -2.13 4.08 4.36
N LYS A 51 -2.15 4.01 5.71
CA LYS A 51 -3.29 4.50 6.47
C LYS A 51 -3.45 5.98 6.26
N ARG A 52 -2.33 6.74 6.24
CA ARG A 52 -2.39 8.17 6.07
C ARG A 52 -2.96 8.49 4.72
N LEU A 53 -2.56 7.74 3.67
CA LEU A 53 -3.06 8.00 2.34
C LEU A 53 -4.56 7.77 2.32
N VAL A 54 -5.03 6.72 3.02
CA VAL A 54 -6.46 6.44 3.07
C VAL A 54 -7.13 7.60 3.76
N THR A 55 -6.51 8.08 4.85
CA THR A 55 -7.05 9.20 5.61
C THR A 55 -7.13 10.41 4.73
N THR A 56 -6.09 10.64 3.90
CA THR A 56 -6.06 11.79 3.03
C THR A 56 -7.10 11.61 1.95
N GLY A 57 -7.41 10.34 1.61
CA GLY A 57 -8.39 10.06 0.60
C GLY A 57 -7.69 9.81 -0.71
N VAL A 58 -6.34 9.73 -0.67
CA VAL A 58 -5.58 9.47 -1.88
C VAL A 58 -5.92 8.08 -2.33
N LEU A 59 -5.99 7.12 -1.39
CA LEU A 59 -6.31 5.76 -1.73
C LEU A 59 -7.77 5.55 -1.43
N LYS A 60 -8.43 4.72 -2.24
CA LYS A 60 -9.83 4.45 -2.07
C LYS A 60 -9.96 3.36 -1.05
N GLN A 61 -11.09 3.39 -0.32
CA GLN A 61 -11.35 2.42 0.72
C GLN A 61 -12.09 1.28 0.11
N THR A 62 -11.72 0.04 0.50
CA THR A 62 -12.37 -1.13 -0.02
C THR A 62 -12.78 -1.95 1.15
N LYS A 63 -13.70 -2.93 0.91
CA LYS A 63 -14.21 -3.77 1.96
C LYS A 63 -13.09 -4.58 2.58
N GLY A 64 -13.43 -5.27 3.69
CA GLY A 64 -12.46 -6.09 4.37
C GLY A 64 -11.58 -5.20 5.18
N VAL A 65 -12.08 -4.00 5.56
CA VAL A 65 -11.30 -3.08 6.33
C VAL A 65 -11.02 -3.68 7.67
N GLY A 66 -9.71 -3.83 7.99
CA GLY A 66 -9.30 -4.38 9.26
C GLY A 66 -9.00 -5.83 9.09
N ALA A 67 -9.80 -6.54 8.27
CA ALA A 67 -9.56 -7.95 8.06
C ALA A 67 -8.42 -8.09 7.08
N SER A 68 -8.64 -7.59 5.85
CA SER A 68 -7.62 -7.66 4.83
C SER A 68 -7.09 -6.28 4.61
N GLY A 69 -7.97 -5.26 4.75
CA GLY A 69 -7.54 -3.90 4.55
C GLY A 69 -7.36 -3.70 3.09
N SER A 70 -8.36 -4.11 2.25
CA SER A 70 -8.18 -3.96 0.82
C SER A 70 -8.27 -2.49 0.50
N PHE A 71 -7.41 -2.03 -0.44
CA PHE A 71 -7.41 -0.64 -0.81
C PHE A 71 -7.44 -0.57 -2.31
N ARG A 72 -8.06 0.51 -2.84
CA ARG A 72 -8.16 0.69 -4.27
C ARG A 72 -7.42 1.94 -4.61
N LEU A 73 -6.98 2.07 -5.88
CA LEU A 73 -6.26 3.25 -6.29
C LEU A 73 -7.22 4.16 -6.98
N ALA A 74 -7.28 5.42 -6.51
CA ALA A 74 -8.15 6.38 -7.11
C ALA A 74 -7.45 6.98 -8.29
N LYS A 75 -7.89 6.60 -9.50
CA LYS A 75 -7.27 7.12 -10.70
C LYS A 75 -7.63 8.61 -10.80
N GLY A 1 18.12 6.20 -1.16
CA GLY A 1 17.55 6.63 -2.47
C GLY A 1 16.78 5.49 -3.08
N ASP A 2 16.77 4.32 -2.41
CA ASP A 2 16.06 3.18 -2.92
C ASP A 2 14.58 3.48 -2.86
N HIS A 3 14.14 4.14 -1.77
CA HIS A 3 12.74 4.45 -1.61
C HIS A 3 12.62 5.91 -1.24
N PRO A 4 12.68 6.78 -2.23
CA PRO A 4 12.58 8.21 -1.99
C PRO A 4 11.20 8.65 -1.57
N LYS A 5 10.15 7.97 -2.10
CA LYS A 5 8.80 8.34 -1.75
C LYS A 5 8.07 7.08 -1.40
N TYR A 6 7.50 7.04 -0.17
CA TYR A 6 6.75 5.87 0.27
C TYR A 6 5.49 5.77 -0.54
N SER A 7 4.87 6.92 -0.86
CA SER A 7 3.63 6.92 -1.60
C SER A 7 3.86 6.33 -2.98
N ASP A 8 5.04 6.59 -3.57
CA ASP A 8 5.33 6.07 -4.90
C ASP A 8 5.35 4.56 -4.84
N MET A 9 5.99 3.99 -3.79
CA MET A 9 6.07 2.55 -3.68
C MET A 9 4.70 1.99 -3.48
N ILE A 10 3.87 2.67 -2.65
CA ILE A 10 2.53 2.20 -2.37
C ILE A 10 1.73 2.22 -3.65
N VAL A 11 1.83 3.31 -4.44
CA VAL A 11 1.08 3.39 -5.67
C VAL A 11 1.48 2.26 -6.58
N ALA A 12 2.79 1.97 -6.66
CA ALA A 12 3.26 0.88 -7.50
C ALA A 12 2.68 -0.40 -7.00
N ALA A 13 2.62 -0.56 -5.66
CA ALA A 13 2.08 -1.77 -5.07
C ALA A 13 0.61 -1.90 -5.39
N ILE A 14 -0.14 -0.77 -5.38
CA ILE A 14 -1.57 -0.84 -5.66
C ILE A 14 -1.75 -1.33 -7.07
N GLN A 15 -0.95 -0.77 -8.01
CA GLN A 15 -1.07 -1.16 -9.41
C GLN A 15 -0.57 -2.56 -9.60
N ALA A 16 0.36 -3.02 -8.74
CA ALA A 16 0.91 -4.36 -8.88
C ALA A 16 -0.21 -5.36 -8.74
N GLU A 17 -1.14 -5.13 -7.80
CA GLU A 17 -2.25 -6.03 -7.62
C GLU A 17 -3.49 -5.25 -7.90
N LYS A 18 -3.74 -4.97 -9.19
CA LYS A 18 -4.91 -4.21 -9.59
C LYS A 18 -6.06 -5.17 -9.71
N ASN A 19 -6.39 -5.86 -8.60
CA ASN A 19 -7.49 -6.80 -8.62
C ASN A 19 -8.75 -5.99 -8.49
N ARG A 20 -9.87 -6.53 -9.02
CA ARG A 20 -11.14 -5.84 -8.96
C ARG A 20 -11.54 -5.69 -7.51
N ALA A 21 -11.26 -6.73 -6.69
CA ALA A 21 -11.61 -6.68 -5.28
C ALA A 21 -10.77 -5.64 -4.60
N GLY A 22 -9.59 -5.33 -5.17
CA GLY A 22 -8.71 -4.34 -4.59
C GLY A 22 -7.44 -5.04 -4.22
N SER A 23 -6.43 -4.26 -3.77
CA SER A 23 -5.17 -4.85 -3.38
C SER A 23 -5.21 -5.04 -1.90
N SER A 24 -4.72 -6.21 -1.42
CA SER A 24 -4.74 -6.47 -0.01
C SER A 24 -3.62 -5.70 0.64
N ARG A 25 -3.74 -5.49 1.97
CA ARG A 25 -2.73 -4.76 2.70
C ARG A 25 -1.45 -5.55 2.70
N GLN A 26 -1.56 -6.89 2.83
CA GLN A 26 -0.40 -7.75 2.85
C GLN A 26 0.30 -7.65 1.53
N SER A 27 -0.48 -7.59 0.43
CA SER A 27 0.10 -7.52 -0.90
C SER A 27 0.91 -6.26 -1.05
N ILE A 28 0.42 -5.13 -0.49
CA ILE A 28 1.13 -3.88 -0.63
C ILE A 28 2.50 -3.98 0.00
N GLN A 29 2.60 -4.48 1.25
CA GLN A 29 3.90 -4.58 1.88
C GLN A 29 4.69 -5.70 1.26
N LYS A 30 4.02 -6.79 0.82
CA LYS A 30 4.72 -7.91 0.22
C LYS A 30 5.41 -7.45 -1.04
N TYR A 31 4.69 -6.70 -1.90
CA TYR A 31 5.26 -6.22 -3.13
C TYR A 31 6.42 -5.32 -2.83
N ILE A 32 6.22 -4.35 -1.91
CA ILE A 32 7.26 -3.40 -1.59
C ILE A 32 8.48 -4.09 -1.02
N LYS A 33 8.31 -5.01 -0.06
CA LYS A 33 9.46 -5.66 0.54
C LYS A 33 10.13 -6.59 -0.44
N SER A 34 9.42 -7.00 -1.52
CA SER A 34 10.01 -7.93 -2.46
C SER A 34 10.76 -7.19 -3.54
N HIS A 35 10.25 -6.00 -3.96
CA HIS A 35 10.90 -5.29 -5.04
C HIS A 35 11.74 -4.16 -4.49
N TYR A 36 11.59 -3.82 -3.20
CA TYR A 36 12.37 -2.74 -2.64
C TYR A 36 12.90 -3.21 -1.32
N LYS A 37 14.06 -2.66 -0.90
CA LYS A 37 14.63 -3.06 0.37
C LYS A 37 13.98 -2.23 1.43
N VAL A 38 13.39 -2.92 2.43
CA VAL A 38 12.72 -2.21 3.51
C VAL A 38 13.10 -2.87 4.80
N GLY A 39 12.93 -2.15 5.92
CA GLY A 39 13.25 -2.69 7.22
C GLY A 39 11.97 -2.83 7.98
N GLU A 40 12.05 -3.30 9.25
CA GLU A 40 10.88 -3.46 10.06
C GLU A 40 10.26 -2.12 10.32
N ASN A 41 11.10 -1.09 10.60
CA ASN A 41 10.60 0.23 10.86
C ASN A 41 9.92 0.76 9.63
N ALA A 42 10.51 0.45 8.45
CA ALA A 42 9.94 0.92 7.20
C ALA A 42 8.58 0.31 7.01
N ASP A 43 8.39 -0.97 7.39
CA ASP A 43 7.11 -1.62 7.23
C ASP A 43 6.07 -0.87 8.03
N SER A 44 6.45 -0.42 9.25
CA SER A 44 5.52 0.32 10.09
C SER A 44 5.19 1.62 9.39
N GLN A 45 6.21 2.28 8.80
CA GLN A 45 6.01 3.54 8.11
C GLN A 45 5.11 3.32 6.92
N ILE A 46 5.28 2.19 6.22
CA ILE A 46 4.47 1.91 5.05
C ILE A 46 3.02 1.81 5.46
N LYS A 47 2.73 1.09 6.56
CA LYS A 47 1.36 0.93 7.00
C LYS A 47 0.79 2.27 7.35
N LEU A 48 1.58 3.13 8.03
CA LEU A 48 1.10 4.44 8.41
C LEU A 48 0.89 5.27 7.17
N SER A 49 1.80 5.13 6.18
CA SER A 49 1.70 5.90 4.96
C SER A 49 0.47 5.48 4.21
N ILE A 50 0.17 4.16 4.17
CA ILE A 50 -1.00 3.69 3.46
C ILE A 50 -2.22 4.28 4.11
N LYS A 51 -2.27 4.25 5.46
CA LYS A 51 -3.41 4.79 6.17
C LYS A 51 -3.53 6.28 5.91
N ARG A 52 -2.38 6.98 5.85
CA ARG A 52 -2.40 8.41 5.60
C ARG A 52 -2.94 8.67 4.23
N LEU A 53 -2.54 7.86 3.24
CA LEU A 53 -3.02 8.06 1.88
C LEU A 53 -4.52 7.88 1.86
N VAL A 54 -5.04 6.88 2.61
CA VAL A 54 -6.47 6.66 2.66
C VAL A 54 -7.10 7.86 3.31
N THR A 55 -6.44 8.38 4.37
CA THR A 55 -6.93 9.54 5.09
C THR A 55 -6.99 10.72 4.16
N THR A 56 -5.96 10.88 3.31
CA THR A 56 -5.92 12.00 2.38
C THR A 56 -6.98 11.79 1.33
N GLY A 57 -7.31 10.51 1.05
CA GLY A 57 -8.32 10.21 0.05
C GLY A 57 -7.63 9.87 -1.23
N VAL A 58 -6.28 9.75 -1.20
CA VAL A 58 -5.53 9.41 -2.39
C VAL A 58 -5.91 8.02 -2.79
N LEU A 59 -6.00 7.10 -1.79
CA LEU A 59 -6.36 5.74 -2.07
C LEU A 59 -7.76 5.53 -1.59
N LYS A 60 -8.52 4.68 -2.30
CA LYS A 60 -9.89 4.42 -1.93
C LYS A 60 -9.88 3.33 -0.89
N GLN A 61 -10.90 3.37 0.00
CA GLN A 61 -11.00 2.41 1.06
C GLN A 61 -11.90 1.30 0.59
N THR A 62 -11.49 0.05 0.90
CA THR A 62 -12.27 -1.09 0.49
C THR A 62 -12.60 -1.86 1.73
N LYS A 63 -13.59 -2.78 1.62
CA LYS A 63 -14.03 -3.57 2.75
C LYS A 63 -12.90 -4.43 3.27
N GLY A 64 -13.18 -5.12 4.40
CA GLY A 64 -12.19 -5.98 5.00
C GLY A 64 -11.16 -5.12 5.66
N VAL A 65 -11.58 -3.96 6.19
CA VAL A 65 -10.65 -3.06 6.82
C VAL A 65 -10.20 -3.68 8.10
N GLY A 66 -8.87 -3.91 8.21
CA GLY A 66 -8.30 -4.48 9.41
C GLY A 66 -8.09 -5.95 9.18
N ALA A 67 -9.04 -6.61 8.48
CA ALA A 67 -8.89 -8.02 8.23
C ALA A 67 -7.90 -8.20 7.11
N SER A 68 -8.25 -7.68 5.92
CA SER A 68 -7.36 -7.78 4.77
C SER A 68 -6.79 -6.43 4.51
N GLY A 69 -7.60 -5.38 4.74
CA GLY A 69 -7.14 -4.04 4.49
C GLY A 69 -7.10 -3.85 3.01
N SER A 70 -8.19 -4.22 2.29
CA SER A 70 -8.17 -4.06 0.85
C SER A 70 -8.22 -2.59 0.54
N PHE A 71 -7.47 -2.18 -0.51
CA PHE A 71 -7.46 -0.78 -0.90
C PHE A 71 -7.67 -0.71 -2.38
N ARG A 72 -8.33 0.38 -2.83
CA ARG A 72 -8.60 0.55 -4.25
C ARG A 72 -7.88 1.79 -4.70
N LEU A 73 -7.62 1.89 -6.01
CA LEU A 73 -6.93 3.04 -6.54
C LEU A 73 -7.96 3.99 -7.08
N ALA A 74 -7.90 5.25 -6.62
CA ALA A 74 -8.83 6.23 -7.07
C ALA A 74 -8.29 6.81 -8.36
N LYS A 75 -8.93 6.45 -9.49
CA LYS A 75 -8.48 6.95 -10.76
C LYS A 75 -8.82 8.44 -10.83
N GLY A 1 17.08 6.16 1.46
CA GLY A 1 17.47 6.10 0.02
C GLY A 1 16.88 4.88 -0.63
N ASP A 2 16.07 4.12 0.15
CA ASP A 2 15.45 2.92 -0.39
C ASP A 2 14.50 3.33 -1.48
N HIS A 3 13.78 4.45 -1.27
CA HIS A 3 12.85 4.92 -2.26
C HIS A 3 12.60 6.37 -1.96
N PRO A 4 12.26 7.14 -2.97
CA PRO A 4 12.02 8.56 -2.80
C PRO A 4 10.72 8.89 -2.13
N LYS A 5 9.61 8.23 -2.53
CA LYS A 5 8.33 8.51 -1.91
C LYS A 5 7.67 7.21 -1.56
N TYR A 6 7.09 7.15 -0.35
CA TYR A 6 6.39 5.95 0.08
C TYR A 6 5.15 5.78 -0.74
N SER A 7 4.48 6.91 -1.07
CA SER A 7 3.26 6.86 -1.84
C SER A 7 3.53 6.26 -3.19
N ASP A 8 4.69 6.61 -3.79
CA ASP A 8 5.02 6.09 -5.11
C ASP A 8 5.16 4.59 -5.02
N MET A 9 5.80 4.08 -3.94
CA MET A 9 5.99 2.65 -3.80
C MET A 9 4.64 2.01 -3.61
N ILE A 10 3.76 2.66 -2.82
CA ILE A 10 2.44 2.13 -2.57
C ILE A 10 1.67 2.09 -3.86
N VAL A 11 1.76 3.16 -4.68
CA VAL A 11 1.05 3.19 -5.95
C VAL A 11 1.53 2.05 -6.80
N ALA A 12 2.85 1.81 -6.82
CA ALA A 12 3.40 0.72 -7.61
C ALA A 12 2.81 -0.57 -7.12
N ALA A 13 2.67 -0.71 -5.78
CA ALA A 13 2.12 -1.92 -5.21
C ALA A 13 0.68 -2.09 -5.64
N ILE A 14 -0.09 -0.97 -5.69
CA ILE A 14 -1.48 -1.06 -6.08
C ILE A 14 -1.53 -1.44 -7.55
N GLN A 15 -0.62 -0.83 -8.35
CA GLN A 15 -0.55 -1.08 -9.77
C GLN A 15 -0.19 -2.52 -10.02
N ALA A 16 0.68 -3.09 -9.17
CA ALA A 16 1.12 -4.46 -9.33
C ALA A 16 -0.08 -5.37 -9.27
N GLU A 17 -1.05 -5.11 -8.37
CA GLU A 17 -2.21 -5.96 -8.28
C GLU A 17 -3.44 -5.11 -8.25
N LYS A 18 -3.91 -4.67 -9.44
CA LYS A 18 -5.12 -3.88 -9.50
C LYS A 18 -6.28 -4.84 -9.49
N ASN A 19 -6.37 -5.67 -8.43
CA ASN A 19 -7.44 -6.62 -8.32
C ASN A 19 -8.72 -5.86 -8.12
N ARG A 20 -9.83 -6.44 -8.62
CA ARG A 20 -11.13 -5.81 -8.52
C ARG A 20 -11.51 -5.70 -7.06
N ALA A 21 -11.15 -6.71 -6.25
CA ALA A 21 -11.48 -6.69 -4.85
C ALA A 21 -10.58 -5.71 -4.13
N GLY A 22 -9.58 -5.14 -4.85
CA GLY A 22 -8.70 -4.19 -4.23
C GLY A 22 -7.41 -4.89 -3.94
N SER A 23 -6.37 -4.11 -3.60
CA SER A 23 -5.08 -4.69 -3.30
C SER A 23 -5.10 -5.02 -1.83
N SER A 24 -4.65 -6.24 -1.49
CA SER A 24 -4.63 -6.67 -0.10
C SER A 24 -3.58 -5.85 0.61
N ARG A 25 -3.83 -5.57 1.91
CA ARG A 25 -2.90 -4.80 2.71
C ARG A 25 -1.59 -5.53 2.77
N GLN A 26 -1.66 -6.88 2.93
CA GLN A 26 -0.46 -7.68 3.01
C GLN A 26 0.27 -7.61 1.70
N SER A 27 -0.49 -7.60 0.58
CA SER A 27 0.13 -7.57 -0.74
C SER A 27 0.90 -6.28 -0.91
N ILE A 28 0.37 -5.15 -0.39
CA ILE A 28 1.06 -3.88 -0.56
C ILE A 28 2.42 -3.94 0.07
N GLN A 29 2.52 -4.39 1.34
CA GLN A 29 3.81 -4.45 1.99
C GLN A 29 4.63 -5.57 1.40
N LYS A 30 3.97 -6.69 1.01
CA LYS A 30 4.69 -7.82 0.46
C LYS A 30 5.37 -7.41 -0.82
N TYR A 31 4.64 -6.69 -1.70
CA TYR A 31 5.21 -6.27 -2.97
C TYR A 31 6.40 -5.38 -2.71
N ILE A 32 6.23 -4.37 -1.84
CA ILE A 32 7.30 -3.45 -1.58
C ILE A 32 8.47 -4.16 -0.96
N LYS A 33 8.23 -5.04 0.04
CA LYS A 33 9.33 -5.74 0.68
C LYS A 33 10.00 -6.68 -0.29
N SER A 34 9.21 -7.39 -1.12
CA SER A 34 9.77 -8.35 -2.04
C SER A 34 10.57 -7.67 -3.15
N HIS A 35 10.08 -6.54 -3.69
CA HIS A 35 10.77 -5.92 -4.81
C HIS A 35 11.67 -4.81 -4.36
N TYR A 36 11.53 -4.30 -3.12
CA TYR A 36 12.38 -3.23 -2.67
C TYR A 36 12.88 -3.57 -1.31
N LYS A 37 14.12 -3.15 -0.98
CA LYS A 37 14.67 -3.44 0.32
C LYS A 37 14.12 -2.42 1.27
N VAL A 38 13.51 -2.89 2.38
CA VAL A 38 12.95 -2.00 3.36
C VAL A 38 13.33 -2.53 4.71
N GLY A 39 13.34 -1.63 5.73
CA GLY A 39 13.66 -2.05 7.07
C GLY A 39 12.39 -2.34 7.80
N GLU A 40 12.51 -2.82 9.05
CA GLU A 40 11.34 -3.14 9.85
C GLU A 40 10.60 -1.86 10.14
N ASN A 41 11.35 -0.78 10.47
CA ASN A 41 10.74 0.49 10.77
C ASN A 41 10.03 1.01 9.54
N ALA A 42 10.66 0.80 8.36
CA ALA A 42 10.07 1.26 7.13
C ALA A 42 8.76 0.54 6.90
N ASP A 43 8.71 -0.77 7.23
CA ASP A 43 7.49 -1.55 7.03
C ASP A 43 6.39 -0.94 7.87
N SER A 44 6.71 -0.54 9.12
CA SER A 44 5.71 0.05 9.98
C SER A 44 5.28 1.37 9.40
N GLN A 45 6.24 2.14 8.85
CA GLN A 45 5.94 3.43 8.28
C GLN A 45 5.07 3.27 7.06
N ILE A 46 5.28 2.17 6.29
CA ILE A 46 4.49 1.93 5.10
C ILE A 46 3.04 1.81 5.50
N LYS A 47 2.76 1.07 6.60
CA LYS A 47 1.39 0.89 7.05
C LYS A 47 0.82 2.24 7.40
N LEU A 48 1.63 3.10 8.06
CA LEU A 48 1.17 4.41 8.45
C LEU A 48 0.92 5.23 7.21
N SER A 49 1.81 5.09 6.20
CA SER A 49 1.68 5.86 4.97
C SER A 49 0.41 5.46 4.26
N ILE A 50 0.11 4.14 4.22
CA ILE A 50 -1.09 3.68 3.55
C ILE A 50 -2.28 4.25 4.27
N LYS A 51 -2.26 4.21 5.61
CA LYS A 51 -3.36 4.73 6.40
C LYS A 51 -3.50 6.22 6.13
N ARG A 52 -2.37 6.95 6.09
CA ARG A 52 -2.41 8.38 5.85
C ARG A 52 -3.00 8.66 4.49
N LEU A 53 -2.60 7.88 3.46
CA LEU A 53 -3.12 8.09 2.13
C LEU A 53 -4.60 7.85 2.12
N VAL A 54 -5.07 6.82 2.85
CA VAL A 54 -6.49 6.54 2.90
C VAL A 54 -7.18 7.67 3.61
N THR A 55 -6.54 8.17 4.70
CA THR A 55 -7.11 9.25 5.49
C THR A 55 -7.26 10.49 4.64
N THR A 56 -6.25 10.82 3.81
CA THR A 56 -6.33 12.01 2.98
C THR A 56 -7.31 11.79 1.86
N GLY A 57 -7.68 10.51 1.60
CA GLY A 57 -8.64 10.21 0.56
C GLY A 57 -7.92 9.97 -0.74
N VAL A 58 -6.57 9.99 -0.72
CA VAL A 58 -5.81 9.74 -1.93
C VAL A 58 -6.07 8.32 -2.34
N LEU A 59 -6.03 7.40 -1.36
CA LEU A 59 -6.28 6.01 -1.65
C LEU A 59 -7.70 5.73 -1.32
N LYS A 60 -8.34 4.87 -2.13
CA LYS A 60 -9.72 4.53 -1.92
C LYS A 60 -9.79 3.42 -0.92
N GLN A 61 -10.91 3.39 -0.17
CA GLN A 61 -11.10 2.41 0.87
C GLN A 61 -11.90 1.29 0.29
N THR A 62 -11.52 0.04 0.62
CA THR A 62 -12.22 -1.11 0.11
C THR A 62 -12.66 -1.92 1.31
N LYS A 63 -13.60 -2.85 1.06
CA LYS A 63 -14.14 -3.68 2.12
C LYS A 63 -13.06 -4.54 2.72
N GLY A 64 -13.43 -5.28 3.79
CA GLY A 64 -12.50 -6.16 4.46
C GLY A 64 -11.55 -5.32 5.24
N VAL A 65 -12.01 -4.18 5.77
CA VAL A 65 -11.15 -3.31 6.52
C VAL A 65 -10.81 -3.97 7.82
N GLY A 66 -9.49 -4.21 8.02
CA GLY A 66 -9.03 -4.83 9.25
C GLY A 66 -8.80 -6.28 8.98
N ALA A 67 -9.67 -6.92 8.18
CA ALA A 67 -9.50 -8.32 7.87
C ALA A 67 -8.42 -8.44 6.84
N SER A 68 -8.66 -7.86 5.64
CA SER A 68 -7.68 -7.93 4.58
C SER A 68 -7.08 -6.56 4.42
N GLY A 69 -7.91 -5.51 4.63
CA GLY A 69 -7.43 -4.17 4.48
C GLY A 69 -7.26 -3.91 3.02
N SER A 70 -8.27 -4.26 2.18
CA SER A 70 -8.11 -4.05 0.77
C SER A 70 -8.15 -2.57 0.49
N PHE A 71 -7.30 -2.11 -0.46
CA PHE A 71 -7.26 -0.70 -0.79
C PHE A 71 -7.31 -0.57 -2.29
N ARG A 72 -7.89 0.55 -2.76
CA ARG A 72 -8.00 0.80 -4.18
C ARG A 72 -7.31 2.09 -4.47
N LEU A 73 -6.84 2.28 -5.73
CA LEU A 73 -6.16 3.49 -6.08
C LEU A 73 -7.13 4.32 -6.87
N ALA A 74 -7.31 5.59 -6.44
CA ALA A 74 -8.21 6.48 -7.13
C ALA A 74 -7.45 7.06 -8.28
N LYS A 75 -7.79 6.62 -9.51
CA LYS A 75 -7.11 7.13 -10.68
C LYS A 75 -7.54 8.58 -10.88
N GLY A 1 18.58 6.26 -1.12
CA GLY A 1 18.35 5.93 -2.55
C GLY A 1 17.66 4.61 -2.68
N ASP A 2 17.30 3.99 -1.52
CA ASP A 2 16.63 2.72 -1.53
C ASP A 2 15.28 2.90 -2.18
N HIS A 3 14.61 4.03 -1.89
CA HIS A 3 13.32 4.27 -2.48
C HIS A 3 13.10 5.76 -2.47
N PRO A 4 12.24 6.23 -3.35
CA PRO A 4 11.94 7.64 -3.43
C PRO A 4 10.87 8.07 -2.47
N LYS A 5 9.61 7.65 -2.72
CA LYS A 5 8.52 8.02 -1.84
C LYS A 5 7.75 6.76 -1.54
N TYR A 6 7.23 6.67 -0.30
CA TYR A 6 6.47 5.50 0.10
C TYR A 6 5.18 5.47 -0.68
N SER A 7 4.57 6.65 -0.92
CA SER A 7 3.32 6.70 -1.66
C SER A 7 3.53 6.16 -3.04
N ASP A 8 4.69 6.48 -3.66
CA ASP A 8 4.96 6.01 -5.01
C ASP A 8 5.05 4.51 -4.99
N MET A 9 5.73 3.94 -3.97
CA MET A 9 5.86 2.50 -3.89
C MET A 9 4.51 1.89 -3.65
N ILE A 10 3.68 2.54 -2.80
CA ILE A 10 2.35 2.03 -2.51
C ILE A 10 1.54 2.02 -3.77
N VAL A 11 1.61 3.11 -4.56
CA VAL A 11 0.83 3.17 -5.79
C VAL A 11 1.25 2.05 -6.69
N ALA A 12 2.58 1.79 -6.78
CA ALA A 12 3.08 0.72 -7.62
C ALA A 12 2.52 -0.59 -7.11
N ALA A 13 2.44 -0.74 -5.77
CA ALA A 13 1.94 -1.97 -5.18
C ALA A 13 0.48 -2.14 -5.55
N ILE A 14 -0.31 -1.03 -5.56
CA ILE A 14 -1.72 -1.14 -5.87
C ILE A 14 -1.83 -1.48 -7.34
N GLN A 15 -0.99 -0.82 -8.18
CA GLN A 15 -1.01 -1.03 -9.60
C GLN A 15 -0.63 -2.46 -9.92
N ALA A 16 0.36 -3.01 -9.18
CA ALA A 16 0.82 -4.35 -9.41
C ALA A 16 -0.32 -5.31 -9.22
N GLU A 17 -1.14 -5.09 -8.17
CA GLU A 17 -2.26 -5.97 -7.92
C GLU A 17 -3.51 -5.16 -8.02
N LYS A 18 -3.87 -4.73 -9.24
CA LYS A 18 -5.06 -3.95 -9.44
C LYS A 18 -6.21 -4.91 -9.61
N ASN A 19 -6.42 -5.76 -8.60
CA ASN A 19 -7.49 -6.73 -8.65
C ASN A 19 -8.78 -6.01 -8.37
N ARG A 20 -9.91 -6.66 -8.70
CA ARG A 20 -11.22 -6.08 -8.48
C ARG A 20 -11.42 -5.89 -7.00
N ALA A 21 -10.94 -6.85 -6.19
CA ALA A 21 -11.09 -6.76 -4.76
C ALA A 21 -10.10 -5.75 -4.21
N GLY A 22 -9.22 -5.21 -5.08
CA GLY A 22 -8.25 -4.25 -4.63
C GLY A 22 -7.01 -4.99 -4.24
N SER A 23 -6.05 -4.26 -3.63
CA SER A 23 -4.81 -4.88 -3.21
C SER A 23 -4.88 -5.01 -1.73
N SER A 24 -4.55 -6.22 -1.21
CA SER A 24 -4.60 -6.47 0.22
C SER A 24 -3.51 -5.69 0.89
N ARG A 25 -3.72 -5.38 2.18
CA ARG A 25 -2.75 -4.62 2.95
C ARG A 25 -1.45 -5.38 2.99
N GLN A 26 -1.53 -6.71 3.22
CA GLN A 26 -0.35 -7.53 3.28
C GLN A 26 0.34 -7.51 1.94
N SER A 27 -0.44 -7.54 0.85
CA SER A 27 0.11 -7.56 -0.49
C SER A 27 0.88 -6.28 -0.74
N ILE A 28 0.36 -5.13 -0.23
CA ILE A 28 1.03 -3.86 -0.47
C ILE A 28 2.42 -3.88 0.12
N GLN A 29 2.57 -4.30 1.39
CA GLN A 29 3.88 -4.33 1.98
C GLN A 29 4.69 -5.46 1.41
N LYS A 30 4.03 -6.59 1.06
CA LYS A 30 4.75 -7.73 0.52
C LYS A 30 5.37 -7.33 -0.80
N TYR A 31 4.62 -6.63 -1.67
CA TYR A 31 5.13 -6.22 -2.95
C TYR A 31 6.32 -5.31 -2.73
N ILE A 32 6.16 -4.31 -1.86
CA ILE A 32 7.22 -3.37 -1.62
C ILE A 32 8.42 -4.07 -1.04
N LYS A 33 8.22 -4.95 -0.04
CA LYS A 33 9.33 -5.63 0.59
C LYS A 33 10.05 -6.54 -0.39
N SER A 34 9.31 -7.24 -1.26
CA SER A 34 9.96 -8.18 -2.17
C SER A 34 10.48 -7.50 -3.42
N HIS A 35 10.07 -6.25 -3.71
CA HIS A 35 10.56 -5.60 -4.92
C HIS A 35 11.47 -4.46 -4.58
N TYR A 36 11.38 -3.92 -3.35
CA TYR A 36 12.24 -2.82 -2.99
C TYR A 36 12.88 -3.16 -1.68
N LYS A 37 14.12 -2.66 -1.46
CA LYS A 37 14.80 -2.95 -0.22
C LYS A 37 14.26 -2.01 0.81
N VAL A 38 13.69 -2.58 1.90
CA VAL A 38 13.14 -1.76 2.95
C VAL A 38 13.57 -2.36 4.26
N GLY A 39 13.49 -1.56 5.35
CA GLY A 39 13.89 -2.04 6.65
C GLY A 39 12.76 -2.83 7.22
N GLU A 40 13.03 -3.52 8.35
CA GLU A 40 12.02 -4.32 9.00
C GLU A 40 10.95 -3.43 9.56
N ASN A 41 11.36 -2.25 10.10
CA ASN A 41 10.40 -1.34 10.69
C ASN A 41 9.73 -0.54 9.61
N ALA A 42 10.08 -0.78 8.33
CA ALA A 42 9.48 -0.06 7.24
C ALA A 42 8.07 -0.51 7.10
N ASP A 43 7.75 -1.74 7.55
CA ASP A 43 6.39 -2.24 7.44
C ASP A 43 5.46 -1.33 8.20
N SER A 44 5.90 -0.86 9.40
CA SER A 44 5.09 0.02 10.19
C SER A 44 4.92 1.33 9.47
N GLN A 45 6.02 1.82 8.83
CA GLN A 45 5.97 3.07 8.12
C GLN A 45 5.04 2.95 6.94
N ILE A 46 5.09 1.78 6.25
CA ILE A 46 4.24 1.57 5.09
C ILE A 46 2.81 1.62 5.52
N LYS A 47 2.46 0.93 6.65
CA LYS A 47 1.10 0.92 7.10
C LYS A 47 0.66 2.32 7.46
N LEU A 48 1.57 3.10 8.09
CA LEU A 48 1.24 4.46 8.47
C LEU A 48 1.03 5.28 7.22
N SER A 49 1.91 5.09 6.22
CA SER A 49 1.80 5.84 4.97
C SER A 49 0.50 5.49 4.30
N ILE A 50 0.15 4.20 4.25
CA ILE A 50 -1.08 3.78 3.61
C ILE A 50 -2.24 4.40 4.35
N LYS A 51 -2.20 4.38 5.70
CA LYS A 51 -3.26 4.96 6.49
C LYS A 51 -3.39 6.43 6.20
N ARG A 52 -2.24 7.14 6.09
CA ARG A 52 -2.27 8.56 5.82
C ARG A 52 -2.86 8.80 4.45
N LEU A 53 -2.51 7.96 3.46
CA LEU A 53 -3.04 8.15 2.13
C LEU A 53 -4.53 7.98 2.16
N VAL A 54 -5.04 7.00 2.95
CA VAL A 54 -6.47 6.79 3.06
C VAL A 54 -7.06 8.01 3.73
N THR A 55 -6.35 8.53 4.75
CA THR A 55 -6.81 9.69 5.49
C THR A 55 -6.95 10.88 4.57
N THR A 56 -5.95 11.11 3.68
CA THR A 56 -6.01 12.24 2.78
C THR A 56 -7.05 11.99 1.72
N GLY A 57 -7.47 10.71 1.55
CA GLY A 57 -8.48 10.39 0.57
C GLY A 57 -7.82 10.05 -0.74
N VAL A 58 -6.48 10.05 -0.77
CA VAL A 58 -5.77 9.71 -2.00
C VAL A 58 -6.07 8.28 -2.31
N LEU A 59 -5.99 7.40 -1.29
CA LEU A 59 -6.26 6.00 -1.49
C LEU A 59 -7.73 5.79 -1.33
N LYS A 60 -8.25 4.80 -2.07
CA LYS A 60 -9.66 4.49 -2.04
C LYS A 60 -9.86 3.36 -1.07
N GLN A 61 -10.99 3.44 -0.33
CA GLN A 61 -11.31 2.46 0.68
C GLN A 61 -11.94 1.28 -0.01
N THR A 62 -11.56 0.07 0.44
CA THR A 62 -12.10 -1.13 -0.15
C THR A 62 -12.56 -1.99 0.99
N LYS A 63 -13.40 -3.01 0.66
CA LYS A 63 -13.93 -3.90 1.68
C LYS A 63 -12.82 -4.68 2.32
N GLY A 64 -13.20 -5.49 3.35
CA GLY A 64 -12.25 -6.30 4.05
C GLY A 64 -11.43 -5.42 4.93
N VAL A 65 -12.02 -4.33 5.44
CA VAL A 65 -11.29 -3.42 6.28
C VAL A 65 -11.02 -4.11 7.59
N GLY A 66 -9.73 -4.28 7.92
CA GLY A 66 -9.34 -4.90 9.15
C GLY A 66 -9.00 -6.34 8.88
N ALA A 67 -9.76 -7.00 7.97
CA ALA A 67 -9.48 -8.38 7.66
C ALA A 67 -8.29 -8.42 6.73
N SER A 68 -8.46 -7.84 5.52
CA SER A 68 -7.37 -7.83 4.55
C SER A 68 -6.86 -6.43 4.44
N GLY A 69 -7.75 -5.43 4.65
CA GLY A 69 -7.34 -4.06 4.53
C GLY A 69 -7.11 -3.78 3.08
N SER A 70 -8.06 -4.18 2.20
CA SER A 70 -7.86 -3.96 0.78
C SER A 70 -7.97 -2.48 0.52
N PHE A 71 -7.12 -1.98 -0.42
CA PHE A 71 -7.15 -0.58 -0.75
C PHE A 71 -7.17 -0.45 -2.25
N ARG A 72 -7.81 0.63 -2.74
CA ARG A 72 -7.91 0.86 -4.17
C ARG A 72 -7.40 2.25 -4.43
N LEU A 73 -7.36 2.65 -5.72
CA LEU A 73 -6.91 3.98 -6.06
C LEU A 73 -8.11 4.74 -6.56
N ALA A 74 -8.35 5.92 -5.97
CA ALA A 74 -9.46 6.73 -6.38
C ALA A 74 -8.99 7.58 -7.51
N LYS A 75 -9.48 7.29 -8.74
CA LYS A 75 -9.10 8.06 -9.91
C LYS A 75 -7.57 8.11 -9.98
N GLY A 1 17.78 7.05 -0.43
CA GLY A 1 17.82 7.44 -1.86
C GLY A 1 17.53 6.27 -2.74
N ASP A 2 17.10 5.14 -2.13
CA ASP A 2 16.80 3.96 -2.89
C ASP A 2 15.38 4.06 -3.38
N HIS A 3 14.63 5.07 -2.88
CA HIS A 3 13.27 5.24 -3.30
C HIS A 3 12.95 6.70 -3.14
N PRO A 4 11.97 7.18 -3.87
CA PRO A 4 11.56 8.57 -3.79
C PRO A 4 10.58 8.83 -2.69
N LYS A 5 9.34 8.34 -2.83
CA LYS A 5 8.34 8.55 -1.82
C LYS A 5 7.68 7.24 -1.53
N TYR A 6 7.25 7.05 -0.27
CA TYR A 6 6.59 5.82 0.13
C TYR A 6 5.27 5.71 -0.59
N SER A 7 4.58 6.86 -0.80
CA SER A 7 3.30 6.82 -1.46
C SER A 7 3.46 6.29 -2.86
N ASP A 8 4.58 6.64 -3.55
CA ASP A 8 4.80 6.17 -4.90
C ASP A 8 4.97 4.68 -4.86
N MET A 9 5.68 4.17 -3.83
CA MET A 9 5.93 2.75 -3.72
C MET A 9 4.62 2.05 -3.46
N ILE A 10 3.77 2.66 -2.61
CA ILE A 10 2.47 2.09 -2.29
C ILE A 10 1.64 2.04 -3.53
N VAL A 11 1.66 3.13 -4.34
CA VAL A 11 0.88 3.17 -5.55
C VAL A 11 1.37 2.08 -6.46
N ALA A 12 2.70 1.90 -6.57
CA ALA A 12 3.24 0.87 -7.43
C ALA A 12 2.78 -0.49 -6.97
N ALA A 13 2.76 -0.73 -5.64
CA ALA A 13 2.36 -2.01 -5.12
C ALA A 13 0.90 -2.27 -5.43
N ILE A 14 0.05 -1.25 -5.23
CA ILE A 14 -1.37 -1.41 -5.48
C ILE A 14 -1.60 -1.51 -6.97
N GLN A 15 -0.87 -0.71 -7.76
CA GLN A 15 -1.02 -0.72 -9.20
C GLN A 15 -0.63 -2.08 -9.73
N ALA A 16 0.43 -2.69 -9.16
CA ALA A 16 0.88 -3.98 -9.61
C ALA A 16 -0.23 -4.99 -9.43
N GLU A 17 -0.96 -4.91 -8.29
CA GLU A 17 -2.04 -5.83 -8.07
C GLU A 17 -3.32 -5.04 -8.12
N LYS A 18 -3.66 -4.53 -9.32
CA LYS A 18 -4.87 -3.76 -9.49
C LYS A 18 -6.00 -4.72 -9.70
N ASN A 19 -6.22 -5.62 -8.72
CA ASN A 19 -7.28 -6.58 -8.81
C ASN A 19 -8.58 -5.84 -8.58
N ARG A 20 -9.69 -6.39 -9.11
CA ARG A 20 -10.98 -5.77 -8.95
C ARG A 20 -11.39 -5.82 -7.50
N ALA A 21 -10.78 -6.74 -6.73
CA ALA A 21 -11.11 -6.86 -5.33
C ALA A 21 -10.26 -5.88 -4.56
N GLY A 22 -9.37 -5.16 -5.26
CA GLY A 22 -8.51 -4.20 -4.60
C GLY A 22 -7.24 -4.90 -4.25
N SER A 23 -6.29 -4.15 -3.65
CA SER A 23 -5.03 -4.73 -3.28
C SER A 23 -5.06 -4.88 -1.79
N SER A 24 -4.70 -6.08 -1.29
CA SER A 24 -4.71 -6.34 0.13
C SER A 24 -3.61 -5.54 0.76
N ARG A 25 -3.80 -5.20 2.07
CA ARG A 25 -2.82 -4.44 2.80
C ARG A 25 -1.53 -5.21 2.86
N GLN A 26 -1.63 -6.55 3.09
CA GLN A 26 -0.46 -7.37 3.17
C GLN A 26 0.24 -7.37 1.84
N SER A 27 -0.54 -7.38 0.74
CA SER A 27 0.04 -7.40 -0.59
C SER A 27 0.86 -6.16 -0.81
N ILE A 28 0.38 -5.00 -0.28
CA ILE A 28 1.10 -3.75 -0.48
C ILE A 28 2.48 -3.86 0.13
N GLN A 29 2.59 -4.33 1.39
CA GLN A 29 3.89 -4.42 2.01
C GLN A 29 4.69 -5.56 1.42
N LYS A 30 4.04 -6.70 1.07
CA LYS A 30 4.77 -7.82 0.51
C LYS A 30 5.37 -7.45 -0.81
N TYR A 31 4.62 -6.70 -1.66
CA TYR A 31 5.15 -6.30 -2.94
C TYR A 31 6.37 -5.46 -2.72
N ILE A 32 6.27 -4.46 -1.84
CA ILE A 32 7.38 -3.57 -1.59
C ILE A 32 8.54 -4.33 -1.03
N LYS A 33 8.31 -5.23 -0.05
CA LYS A 33 9.38 -5.97 0.56
C LYS A 33 10.06 -6.90 -0.43
N SER A 34 9.29 -7.54 -1.33
CA SER A 34 9.89 -8.49 -2.26
C SER A 34 10.43 -7.81 -3.50
N HIS A 35 10.04 -6.55 -3.79
CA HIS A 35 10.53 -5.90 -5.00
C HIS A 35 11.49 -4.80 -4.66
N TYR A 36 11.46 -4.28 -3.42
CA TYR A 36 12.35 -3.21 -3.05
C TYR A 36 12.98 -3.59 -1.74
N LYS A 37 14.23 -3.12 -1.52
CA LYS A 37 14.91 -3.43 -0.28
C LYS A 37 14.49 -2.40 0.71
N VAL A 38 13.84 -2.85 1.81
CA VAL A 38 13.38 -1.94 2.83
C VAL A 38 13.74 -2.52 4.16
N GLY A 39 13.76 -1.67 5.22
CA GLY A 39 14.10 -2.16 6.54
C GLY A 39 12.87 -2.82 7.12
N GLU A 40 13.08 -3.55 8.23
CA GLU A 40 11.97 -4.25 8.86
C GLU A 40 11.07 -3.24 9.53
N ASN A 41 11.58 -2.01 9.80
CA ASN A 41 10.78 -1.01 10.46
C ASN A 41 10.07 -0.20 9.40
N ALA A 42 10.33 -0.52 8.11
CA ALA A 42 9.70 0.21 7.03
C ALA A 42 8.24 -0.18 6.98
N ASP A 43 7.91 -1.39 7.48
CA ASP A 43 6.53 -1.84 7.45
C ASP A 43 5.68 -0.88 8.24
N SER A 44 6.21 -0.38 9.38
CA SER A 44 5.45 0.54 10.20
C SER A 44 5.20 1.79 9.41
N GLN A 45 6.23 2.30 8.71
CA GLN A 45 6.09 3.52 7.95
C GLN A 45 5.17 3.28 6.78
N ILE A 46 5.25 2.10 6.15
CA ILE A 46 4.40 1.81 5.01
C ILE A 46 2.96 1.83 5.46
N LYS A 47 2.65 1.18 6.61
CA LYS A 47 1.29 1.16 7.11
C LYS A 47 0.87 2.56 7.45
N LEU A 48 1.79 3.36 8.03
CA LEU A 48 1.48 4.72 8.39
C LEU A 48 1.17 5.51 7.14
N SER A 49 2.00 5.33 6.09
CA SER A 49 1.81 6.04 4.85
C SER A 49 0.51 5.62 4.22
N ILE A 50 0.20 4.30 4.24
CA ILE A 50 -1.04 3.83 3.64
C ILE A 50 -2.20 4.45 4.38
N LYS A 51 -2.12 4.47 5.73
CA LYS A 51 -3.19 5.02 6.53
C LYS A 51 -3.35 6.49 6.21
N ARG A 52 -2.22 7.22 6.09
CA ARG A 52 -2.28 8.63 5.79
C ARG A 52 -2.89 8.85 4.44
N LEU A 53 -2.52 8.02 3.43
CA LEU A 53 -3.06 8.18 2.11
C LEU A 53 -4.55 7.97 2.15
N VAL A 54 -5.02 6.99 2.94
CA VAL A 54 -6.43 6.73 3.07
C VAL A 54 -7.06 7.94 3.71
N THR A 55 -6.37 8.51 4.72
CA THR A 55 -6.85 9.68 5.43
C THR A 55 -7.02 10.83 4.46
N THR A 56 -6.04 11.02 3.55
CA THR A 56 -6.10 12.11 2.59
C THR A 56 -7.20 11.79 1.60
N GLY A 57 -7.47 10.49 1.38
CA GLY A 57 -8.51 10.10 0.45
C GLY A 57 -7.87 9.75 -0.86
N VAL A 58 -6.51 9.66 -0.88
CA VAL A 58 -5.82 9.31 -2.11
C VAL A 58 -6.18 7.89 -2.45
N LEU A 59 -6.20 7.01 -1.44
CA LEU A 59 -6.54 5.63 -1.67
C LEU A 59 -7.99 5.45 -1.31
N LYS A 60 -8.68 4.61 -2.10
CA LYS A 60 -10.08 4.36 -1.86
C LYS A 60 -10.19 3.23 -0.89
N GLN A 61 -11.30 3.25 -0.12
CA GLN A 61 -11.53 2.24 0.89
C GLN A 61 -12.19 1.07 0.23
N THR A 62 -11.75 -0.15 0.61
CA THR A 62 -12.31 -1.35 0.02
C THR A 62 -12.71 -2.23 1.17
N LYS A 63 -13.54 -3.25 0.88
CA LYS A 63 -14.03 -4.17 1.89
C LYS A 63 -12.87 -4.90 2.52
N GLY A 64 -13.20 -5.70 3.57
CA GLY A 64 -12.20 -6.47 4.26
C GLY A 64 -11.39 -5.53 5.09
N VAL A 65 -12.04 -4.46 5.61
CA VAL A 65 -11.33 -3.49 6.41
C VAL A 65 -10.96 -4.14 7.71
N GLY A 66 -9.63 -4.22 7.97
CA GLY A 66 -9.15 -4.79 9.20
C GLY A 66 -8.75 -6.21 8.93
N ALA A 67 -9.52 -6.93 8.09
CA ALA A 67 -9.19 -8.30 7.79
C ALA A 67 -8.06 -8.32 6.82
N SER A 68 -8.30 -7.77 5.60
CA SER A 68 -7.27 -7.74 4.59
C SER A 68 -6.81 -6.33 4.42
N GLY A 69 -7.72 -5.36 4.67
CA GLY A 69 -7.36 -3.97 4.51
C GLY A 69 -7.19 -3.71 3.05
N SER A 70 -8.14 -4.16 2.20
CA SER A 70 -7.99 -3.95 0.78
C SER A 70 -8.14 -2.48 0.49
N PHE A 71 -7.33 -1.97 -0.47
CA PHE A 71 -7.39 -0.57 -0.82
C PHE A 71 -7.47 -0.47 -2.31
N ARG A 72 -8.16 0.60 -2.80
CA ARG A 72 -8.31 0.80 -4.22
C ARG A 72 -7.67 2.11 -4.57
N LEU A 73 -7.43 2.34 -5.87
CA LEU A 73 -6.83 3.59 -6.29
C LEU A 73 -7.92 4.47 -6.78
N ALA A 74 -7.91 5.75 -6.32
CA ALA A 74 -8.92 6.68 -6.74
C ALA A 74 -8.41 7.35 -7.99
N LYS A 75 -9.05 7.04 -9.13
CA LYS A 75 -8.64 7.62 -10.38
C LYS A 75 -8.98 9.11 -10.34
N GLY A 1 17.85 6.62 2.23
CA GLY A 1 16.89 5.48 2.17
C GLY A 1 16.93 4.84 0.82
N ASP A 2 17.49 5.58 -0.18
CA ASP A 2 17.58 5.09 -1.54
C ASP A 2 16.18 4.84 -2.06
N HIS A 3 15.26 5.80 -1.81
CA HIS A 3 13.91 5.65 -2.28
C HIS A 3 13.38 7.03 -2.51
N PRO A 4 12.40 7.16 -3.38
CA PRO A 4 11.80 8.43 -3.67
C PRO A 4 10.71 8.80 -2.71
N LYS A 5 9.49 8.22 -2.91
CA LYS A 5 8.40 8.51 -2.02
C LYS A 5 7.77 7.20 -1.66
N TYR A 6 7.30 7.08 -0.40
CA TYR A 6 6.67 5.87 0.06
C TYR A 6 5.36 5.69 -0.68
N SER A 7 4.69 6.82 -0.95
CA SER A 7 3.40 6.77 -1.63
C SER A 7 3.59 6.17 -2.99
N ASP A 8 4.70 6.50 -3.69
CA ASP A 8 4.92 5.97 -5.01
C ASP A 8 5.03 4.47 -4.95
N MET A 9 5.73 3.93 -3.91
CA MET A 9 5.89 2.51 -3.79
C MET A 9 4.54 1.88 -3.50
N ILE A 10 3.74 2.55 -2.64
CA ILE A 10 2.42 2.05 -2.29
C ILE A 10 1.56 2.03 -3.53
N VAL A 11 1.62 3.11 -4.33
CA VAL A 11 0.84 3.18 -5.54
C VAL A 11 1.27 2.06 -6.46
N ALA A 12 2.60 1.85 -6.59
CA ALA A 12 3.10 0.80 -7.46
C ALA A 12 2.62 -0.54 -6.97
N ALA A 13 2.63 -0.77 -5.65
CA ALA A 13 2.20 -2.04 -5.11
C ALA A 13 0.74 -2.27 -5.40
N ILE A 14 -0.10 -1.23 -5.19
CA ILE A 14 -1.51 -1.37 -5.43
C ILE A 14 -1.77 -1.49 -6.91
N GLN A 15 -1.02 -0.71 -7.72
CA GLN A 15 -1.20 -0.74 -9.16
C GLN A 15 -0.82 -2.11 -9.66
N ALA A 16 0.25 -2.71 -9.10
CA ALA A 16 0.68 -4.02 -9.52
C ALA A 16 -0.43 -5.00 -9.26
N GLU A 17 -1.11 -4.88 -8.11
CA GLU A 17 -2.19 -5.78 -7.80
C GLU A 17 -3.47 -5.02 -7.97
N LYS A 18 -3.73 -4.59 -9.22
CA LYS A 18 -4.94 -3.84 -9.52
C LYS A 18 -6.03 -4.85 -9.79
N ASN A 19 -6.31 -5.71 -8.78
CA ASN A 19 -7.33 -6.71 -8.93
C ASN A 19 -8.66 -6.05 -8.69
N ARG A 20 -9.76 -6.77 -9.02
CA ARG A 20 -11.09 -6.26 -8.84
C ARG A 20 -11.34 -6.06 -7.37
N ALA A 21 -10.81 -6.99 -6.53
CA ALA A 21 -11.00 -6.89 -5.11
C ALA A 21 -10.07 -5.84 -4.55
N GLY A 22 -9.19 -5.28 -5.40
CA GLY A 22 -8.27 -4.26 -4.94
C GLY A 22 -7.02 -4.95 -4.49
N SER A 23 -6.15 -4.19 -3.79
CA SER A 23 -4.92 -4.76 -3.30
C SER A 23 -5.06 -4.91 -1.82
N SER A 24 -4.71 -6.12 -1.30
CA SER A 24 -4.83 -6.37 0.12
C SER A 24 -3.77 -5.60 0.85
N ARG A 25 -4.01 -5.38 2.16
CA ARG A 25 -3.09 -4.65 3.00
C ARG A 25 -1.77 -5.38 3.04
N GLN A 26 -1.82 -6.71 3.20
CA GLN A 26 -0.62 -7.51 3.26
C GLN A 26 0.10 -7.45 1.95
N SER A 27 -0.68 -7.43 0.83
CA SER A 27 -0.08 -7.41 -0.49
C SER A 27 0.70 -6.14 -0.70
N ILE A 28 0.22 -4.99 -0.17
CA ILE A 28 0.92 -3.75 -0.39
C ILE A 28 2.30 -3.81 0.22
N GLN A 29 2.42 -4.24 1.49
CA GLN A 29 3.72 -4.29 2.12
C GLN A 29 4.51 -5.44 1.55
N LYS A 30 3.84 -6.56 1.18
CA LYS A 30 4.53 -7.71 0.65
C LYS A 30 5.21 -7.35 -0.64
N TYR A 31 4.49 -6.64 -1.54
CA TYR A 31 5.05 -6.26 -2.82
C TYR A 31 6.24 -5.37 -2.60
N ILE A 32 6.08 -4.34 -1.74
CA ILE A 32 7.15 -3.41 -1.50
C ILE A 32 8.34 -4.12 -0.91
N LYS A 33 8.12 -5.00 0.10
CA LYS A 33 9.23 -5.69 0.71
C LYS A 33 9.89 -6.62 -0.29
N SER A 34 9.09 -7.32 -1.11
CA SER A 34 9.63 -8.26 -2.06
C SER A 34 10.38 -7.58 -3.17
N HIS A 35 9.86 -6.44 -3.69
CA HIS A 35 10.51 -5.81 -4.83
C HIS A 35 11.44 -4.70 -4.41
N TYR A 36 11.33 -4.19 -3.17
CA TYR A 36 12.20 -3.12 -2.74
C TYR A 36 12.78 -3.49 -1.42
N LYS A 37 14.04 -3.06 -1.16
CA LYS A 37 14.67 -3.38 0.08
C LYS A 37 14.17 -2.41 1.10
N VAL A 38 13.56 -2.93 2.19
CA VAL A 38 13.03 -2.08 3.23
C VAL A 38 13.46 -2.64 4.54
N GLY A 39 13.47 -1.79 5.58
CA GLY A 39 13.87 -2.23 6.91
C GLY A 39 12.62 -2.37 7.73
N GLU A 40 12.79 -2.78 9.00
CA GLU A 40 11.65 -2.96 9.88
C GLU A 40 11.02 -1.62 10.13
N ASN A 41 11.86 -0.56 10.30
CA ASN A 41 11.34 0.77 10.55
C ASN A 41 10.56 1.21 9.34
N ALA A 42 11.08 0.89 8.14
CA ALA A 42 10.42 1.29 6.91
C ALA A 42 9.08 0.63 6.85
N ASP A 43 8.97 -0.63 7.29
CA ASP A 43 7.70 -1.34 7.25
C ASP A 43 6.68 -0.61 8.07
N SER A 44 7.08 -0.09 9.26
CA SER A 44 6.13 0.62 10.09
C SER A 44 5.73 1.90 9.42
N GLN A 45 6.69 2.55 8.70
CA GLN A 45 6.40 3.79 8.02
C GLN A 45 5.47 3.53 6.88
N ILE A 46 5.63 2.37 6.21
CA ILE A 46 4.78 2.03 5.09
C ILE A 46 3.35 1.96 5.58
N LYS A 47 3.15 1.31 6.75
CA LYS A 47 1.81 1.18 7.29
C LYS A 47 1.26 2.54 7.61
N LEU A 48 2.11 3.45 8.17
CA LEU A 48 1.67 4.78 8.49
C LEU A 48 1.33 5.52 7.23
N SER A 49 2.16 5.34 6.18
CA SER A 49 1.93 6.02 4.92
C SER A 49 0.65 5.55 4.31
N ILE A 50 0.37 4.22 4.34
CA ILE A 50 -0.85 3.71 3.75
C ILE A 50 -2.03 4.30 4.49
N LYS A 51 -1.95 4.33 5.83
CA LYS A 51 -3.02 4.87 6.63
C LYS A 51 -3.23 6.33 6.30
N ARG A 52 -2.11 7.09 6.18
CA ARG A 52 -2.21 8.50 5.87
C ARG A 52 -2.82 8.70 4.51
N LEU A 53 -2.41 7.88 3.52
CA LEU A 53 -2.94 8.04 2.18
C LEU A 53 -4.44 7.81 2.20
N VAL A 54 -4.90 6.82 2.98
CA VAL A 54 -6.32 6.54 3.07
C VAL A 54 -6.97 7.73 3.72
N THR A 55 -6.30 8.29 4.75
CA THR A 55 -6.82 9.44 5.47
C THR A 55 -6.98 10.61 4.53
N THR A 56 -5.97 10.85 3.65
CA THR A 56 -6.05 11.96 2.72
C THR A 56 -7.07 11.67 1.66
N GLY A 57 -7.45 10.38 1.49
CA GLY A 57 -8.45 10.03 0.49
C GLY A 57 -7.77 9.70 -0.81
N VAL A 58 -6.42 9.62 -0.80
CA VAL A 58 -5.70 9.28 -2.03
C VAL A 58 -6.07 7.88 -2.40
N LEU A 59 -6.11 6.97 -1.40
CA LEU A 59 -6.46 5.59 -1.65
C LEU A 59 -7.92 5.44 -1.34
N LYS A 60 -8.60 4.60 -2.14
CA LYS A 60 -10.00 4.37 -1.93
C LYS A 60 -10.13 3.22 -0.98
N GLN A 61 -11.24 3.20 -0.21
CA GLN A 61 -11.47 2.18 0.76
C GLN A 61 -12.22 1.07 0.09
N THR A 62 -11.77 -0.18 0.32
CA THR A 62 -12.41 -1.33 -0.28
C THR A 62 -12.85 -2.20 0.86
N LYS A 63 -13.76 -3.16 0.55
CA LYS A 63 -14.30 -4.07 1.54
C LYS A 63 -13.19 -4.86 2.19
N GLY A 64 -13.58 -5.67 3.22
CA GLY A 64 -12.64 -6.48 3.93
C GLY A 64 -11.84 -5.58 4.81
N VAL A 65 -12.47 -4.53 5.37
CA VAL A 65 -11.76 -3.60 6.21
C VAL A 65 -11.41 -4.29 7.49
N GLY A 66 -10.09 -4.38 7.76
CA GLY A 66 -9.60 -5.00 8.97
C GLY A 66 -9.25 -6.42 8.67
N ALA A 67 -10.03 -7.11 7.81
CA ALA A 67 -9.73 -8.48 7.47
C ALA A 67 -8.60 -8.50 6.49
N SER A 68 -8.82 -7.90 5.29
CA SER A 68 -7.79 -7.86 4.29
C SER A 68 -7.28 -6.48 4.19
N GLY A 69 -8.16 -5.47 4.39
CA GLY A 69 -7.75 -4.10 4.29
C GLY A 69 -7.49 -3.80 2.85
N SER A 70 -8.41 -4.19 1.94
CA SER A 70 -8.18 -3.97 0.54
C SER A 70 -8.32 -2.49 0.27
N PHE A 71 -7.46 -1.96 -0.64
CA PHE A 71 -7.50 -0.56 -0.97
C PHE A 71 -7.51 -0.42 -2.47
N ARG A 72 -8.13 0.67 -2.96
CA ARG A 72 -8.20 0.92 -4.38
C ARG A 72 -7.52 2.23 -4.64
N LEU A 73 -7.29 2.55 -5.93
CA LEU A 73 -6.65 3.79 -6.29
C LEU A 73 -7.72 4.74 -6.71
N ALA A 74 -7.59 6.01 -6.30
CA ALA A 74 -8.57 7.00 -6.66
C ALA A 74 -8.14 7.60 -7.96
N LYS A 75 -8.87 7.28 -9.04
CA LYS A 75 -8.53 7.82 -10.33
C LYS A 75 -8.89 9.30 -10.33
N GLY A 1 18.92 3.79 -4.80
CA GLY A 1 18.50 2.60 -4.01
C GLY A 1 17.10 2.21 -4.37
N ASP A 2 16.53 2.86 -5.41
CA ASP A 2 15.18 2.57 -5.86
C ASP A 2 14.23 2.84 -4.72
N HIS A 3 14.48 3.93 -3.96
CA HIS A 3 13.63 4.26 -2.85
C HIS A 3 13.30 5.73 -2.98
N PRO A 4 12.27 6.04 -3.74
CA PRO A 4 11.86 7.41 -3.92
C PRO A 4 10.92 7.90 -2.86
N LYS A 5 9.62 7.53 -2.96
CA LYS A 5 8.66 7.95 -1.99
C LYS A 5 7.88 6.74 -1.59
N TYR A 6 7.44 6.69 -0.31
CA TYR A 6 6.67 5.57 0.17
C TYR A 6 5.35 5.53 -0.54
N SER A 7 4.73 6.72 -0.79
CA SER A 7 3.45 6.76 -1.45
C SER A 7 3.60 6.26 -2.86
N ASP A 8 4.74 6.56 -3.52
CA ASP A 8 4.95 6.12 -4.88
C ASP A 8 5.03 4.62 -4.90
N MET A 9 5.75 4.03 -3.92
CA MET A 9 5.89 2.59 -3.86
C MET A 9 4.55 1.97 -3.57
N ILE A 10 3.75 2.60 -2.69
CA ILE A 10 2.44 2.07 -2.35
C ILE A 10 1.58 2.08 -3.59
N VAL A 11 1.62 3.18 -4.37
CA VAL A 11 0.83 3.27 -5.57
C VAL A 11 1.26 2.18 -6.51
N ALA A 12 2.58 1.97 -6.66
CA ALA A 12 3.08 0.95 -7.55
C ALA A 12 2.62 -0.41 -7.08
N ALA A 13 2.65 -0.67 -5.75
CA ALA A 13 2.24 -1.95 -5.23
C ALA A 13 0.78 -2.19 -5.52
N ILE A 14 -0.07 -1.17 -5.29
CA ILE A 14 -1.48 -1.32 -5.51
C ILE A 14 -1.75 -1.42 -7.00
N GLN A 15 -1.02 -0.62 -7.81
CA GLN A 15 -1.20 -0.66 -9.24
C GLN A 15 -0.81 -2.01 -9.76
N ALA A 16 0.29 -2.59 -9.21
CA ALA A 16 0.75 -3.88 -9.65
C ALA A 16 -0.33 -4.90 -9.38
N GLU A 17 -0.98 -4.80 -8.20
CA GLU A 17 -2.03 -5.73 -7.88
C GLU A 17 -3.33 -4.98 -7.97
N LYS A 18 -3.69 -4.57 -9.21
CA LYS A 18 -4.92 -3.83 -9.42
C LYS A 18 -6.04 -4.85 -9.52
N ASN A 19 -6.23 -5.63 -8.44
CA ASN A 19 -7.26 -6.63 -8.42
C ASN A 19 -8.57 -5.92 -8.23
N ARG A 20 -9.66 -6.50 -8.76
CA ARG A 20 -10.98 -5.89 -8.63
C ARG A 20 -11.39 -5.97 -7.19
N ALA A 21 -10.87 -6.96 -6.44
CA ALA A 21 -11.22 -7.10 -5.05
C ALA A 21 -10.41 -6.10 -4.25
N GLY A 22 -9.46 -5.40 -4.92
CA GLY A 22 -8.66 -4.43 -4.24
C GLY A 22 -7.35 -5.08 -3.90
N SER A 23 -6.35 -4.25 -3.51
CA SER A 23 -5.06 -4.77 -3.17
C SER A 23 -5.04 -4.96 -1.69
N SER A 24 -4.64 -6.18 -1.24
CA SER A 24 -4.59 -6.48 0.17
C SER A 24 -3.53 -5.61 0.80
N ARG A 25 -3.75 -5.21 2.07
CA ARG A 25 -2.81 -4.37 2.78
C ARG A 25 -1.51 -5.11 2.90
N GLN A 26 -1.57 -6.43 3.17
CA GLN A 26 -0.36 -7.23 3.31
C GLN A 26 0.36 -7.25 1.99
N SER A 27 -0.41 -7.34 0.88
CA SER A 27 0.18 -7.39 -0.44
C SER A 27 0.93 -6.11 -0.73
N ILE A 28 0.41 -4.95 -0.26
CA ILE A 28 1.07 -3.69 -0.53
C ILE A 28 2.47 -3.71 0.03
N GLN A 29 2.64 -4.09 1.32
CA GLN A 29 3.96 -4.10 1.90
C GLN A 29 4.75 -5.26 1.34
N LYS A 30 4.08 -6.39 1.04
CA LYS A 30 4.78 -7.55 0.53
C LYS A 30 5.42 -7.22 -0.79
N TYR A 31 4.67 -6.54 -1.69
CA TYR A 31 5.19 -6.17 -2.98
C TYR A 31 6.38 -5.27 -2.79
N ILE A 32 6.23 -4.24 -1.94
CA ILE A 32 7.29 -3.29 -1.73
C ILE A 32 8.50 -3.98 -1.17
N LYS A 33 8.34 -4.84 -0.15
CA LYS A 33 9.47 -5.51 0.45
C LYS A 33 10.11 -6.44 -0.55
N SER A 34 9.28 -7.17 -1.34
CA SER A 34 9.81 -8.12 -2.30
C SER A 34 10.53 -7.45 -3.44
N HIS A 35 9.99 -6.32 -3.97
CA HIS A 35 10.60 -5.70 -5.13
C HIS A 35 11.50 -4.56 -4.76
N TYR A 36 11.43 -4.04 -3.52
CA TYR A 36 12.29 -2.94 -3.14
C TYR A 36 12.94 -3.30 -1.84
N LYS A 37 14.19 -2.83 -1.65
CA LYS A 37 14.89 -3.12 -0.42
C LYS A 37 14.41 -2.14 0.61
N VAL A 38 13.82 -2.66 1.70
CA VAL A 38 13.30 -1.80 2.74
C VAL A 38 13.74 -2.38 4.05
N GLY A 39 13.72 -1.54 5.12
CA GLY A 39 14.12 -2.00 6.43
C GLY A 39 12.97 -2.72 7.06
N GLU A 40 13.24 -3.36 8.22
CA GLU A 40 12.21 -4.09 8.93
C GLU A 40 11.18 -3.13 9.45
N ASN A 41 11.62 -1.95 9.95
CA ASN A 41 10.70 -0.99 10.51
C ASN A 41 10.01 -0.24 9.38
N ALA A 42 10.42 -0.50 8.13
CA ALA A 42 9.82 0.16 6.99
C ALA A 42 8.39 -0.27 6.89
N ASP A 43 8.10 -1.54 7.23
CA ASP A 43 6.75 -2.05 7.14
C ASP A 43 5.84 -1.23 8.02
N SER A 44 6.34 -0.83 9.21
CA SER A 44 5.53 -0.03 10.12
C SER A 44 5.24 1.29 9.46
N GLN A 45 6.26 1.89 8.81
CA GLN A 45 6.07 3.18 8.15
C GLN A 45 5.15 3.02 6.98
N ILE A 46 5.25 1.88 6.27
CA ILE A 46 4.39 1.65 5.11
C ILE A 46 2.96 1.64 5.58
N LYS A 47 2.69 0.97 6.73
CA LYS A 47 1.33 0.91 7.24
C LYS A 47 0.86 2.31 7.55
N LEU A 48 1.75 3.14 8.14
CA LEU A 48 1.38 4.50 8.49
C LEU A 48 1.13 5.28 7.23
N SER A 49 1.97 5.07 6.19
CA SER A 49 1.83 5.79 4.95
C SER A 49 0.54 5.39 4.27
N ILE A 50 0.21 4.08 4.28
CA ILE A 50 -1.02 3.63 3.65
C ILE A 50 -2.19 4.26 4.37
N LYS A 51 -2.15 4.26 5.71
CA LYS A 51 -3.23 4.83 6.49
C LYS A 51 -3.36 6.31 6.18
N ARG A 52 -2.21 7.03 6.11
CA ARG A 52 -2.25 8.44 5.83
C ARG A 52 -2.83 8.68 4.45
N LEU A 53 -2.43 7.86 3.46
CA LEU A 53 -2.93 8.06 2.12
C LEU A 53 -4.42 7.86 2.11
N VAL A 54 -4.92 6.86 2.86
CA VAL A 54 -6.35 6.61 2.92
C VAL A 54 -6.99 7.81 3.58
N THR A 55 -6.33 8.34 4.63
CA THR A 55 -6.83 9.49 5.36
C THR A 55 -6.93 10.67 4.42
N THR A 56 -5.91 10.83 3.54
CA THR A 56 -5.90 11.94 2.60
C THR A 56 -6.97 11.70 1.57
N GLY A 57 -7.30 10.41 1.32
CA GLY A 57 -8.32 10.09 0.35
C GLY A 57 -7.65 9.75 -0.95
N VAL A 58 -6.30 9.63 -0.94
CA VAL A 58 -5.59 9.28 -2.15
C VAL A 58 -5.97 7.88 -2.53
N LEU A 59 -6.00 6.98 -1.52
CA LEU A 59 -6.37 5.60 -1.79
C LEU A 59 -7.83 5.46 -1.54
N LYS A 60 -8.47 4.56 -2.32
CA LYS A 60 -9.89 4.35 -2.19
C LYS A 60 -10.08 3.22 -1.21
N GLN A 61 -11.21 3.26 -0.47
CA GLN A 61 -11.49 2.26 0.52
C GLN A 61 -12.08 1.06 -0.18
N THR A 62 -11.87 -0.12 0.41
CA THR A 62 -12.38 -1.33 -0.17
C THR A 62 -12.81 -2.21 0.96
N LYS A 63 -13.62 -3.24 0.66
CA LYS A 63 -14.13 -4.15 1.66
C LYS A 63 -13.01 -4.84 2.37
N GLY A 64 -13.37 -5.59 3.45
CA GLY A 64 -12.39 -6.31 4.22
C GLY A 64 -11.61 -5.35 5.03
N VAL A 65 -12.26 -4.25 5.48
CA VAL A 65 -11.56 -3.25 6.26
C VAL A 65 -11.26 -3.84 7.61
N GLY A 66 -9.95 -3.91 7.94
CA GLY A 66 -9.53 -4.43 9.21
C GLY A 66 -9.13 -5.86 9.04
N ALA A 67 -9.88 -6.62 8.20
CA ALA A 67 -9.55 -8.01 8.00
C ALA A 67 -8.38 -8.10 7.07
N SER A 68 -8.56 -7.60 5.82
CA SER A 68 -7.48 -7.63 4.86
C SER A 68 -7.00 -6.23 4.66
N GLY A 69 -7.92 -5.25 4.76
CA GLY A 69 -7.54 -3.87 4.56
C GLY A 69 -7.32 -3.68 3.10
N SER A 70 -8.26 -4.14 2.23
CA SER A 70 -8.06 -3.99 0.82
C SER A 70 -8.18 -2.53 0.48
N PHE A 71 -7.35 -2.05 -0.46
CA PHE A 71 -7.39 -0.67 -0.85
C PHE A 71 -7.43 -0.60 -2.35
N ARG A 72 -8.10 0.45 -2.88
CA ARG A 72 -8.23 0.63 -4.30
C ARG A 72 -7.66 1.99 -4.62
N LEU A 73 -7.63 2.35 -5.93
CA LEU A 73 -7.11 3.63 -6.32
C LEU A 73 -8.27 4.46 -6.76
N ALA A 74 -8.33 5.71 -6.28
CA ALA A 74 -9.41 6.59 -6.66
C ALA A 74 -9.03 7.23 -7.96
N LYS A 75 -9.72 6.83 -9.04
CA LYS A 75 -9.43 7.39 -10.34
C LYS A 75 -9.90 8.84 -10.35
N GLY A 1 17.28 -0.31 -2.25
CA GLY A 1 17.88 0.24 -1.01
C GLY A 1 17.65 1.73 -0.94
N ASP A 2 16.76 2.25 -1.80
CA ASP A 2 16.47 3.65 -1.80
C ASP A 2 15.14 3.83 -2.46
N HIS A 3 14.44 4.93 -2.13
CA HIS A 3 13.14 5.18 -2.71
C HIS A 3 12.91 6.66 -2.64
N PRO A 4 12.05 7.15 -3.52
CA PRO A 4 11.72 8.56 -3.54
C PRO A 4 10.63 8.90 -2.57
N LYS A 5 9.42 8.34 -2.80
CA LYS A 5 8.30 8.62 -1.92
C LYS A 5 7.68 7.30 -1.58
N TYR A 6 7.18 7.17 -0.33
CA TYR A 6 6.54 5.95 0.10
C TYR A 6 5.26 5.77 -0.66
N SER A 7 4.56 6.88 -0.95
CA SER A 7 3.30 6.82 -1.65
C SER A 7 3.51 6.24 -3.02
N ASP A 8 4.63 6.60 -3.69
CA ASP A 8 4.87 6.09 -5.02
C ASP A 8 5.00 4.58 -4.98
N MET A 9 5.71 4.05 -3.95
CA MET A 9 5.88 2.62 -3.86
C MET A 9 4.54 1.98 -3.56
N ILE A 10 3.73 2.62 -2.71
CA ILE A 10 2.42 2.10 -2.37
C ILE A 10 1.57 2.06 -3.60
N VAL A 11 1.62 3.13 -4.42
CA VAL A 11 0.84 3.18 -5.63
C VAL A 11 1.28 2.06 -6.54
N ALA A 12 2.62 1.86 -6.64
CA ALA A 12 3.14 0.82 -7.50
C ALA A 12 2.67 -0.53 -7.02
N ALA A 13 2.67 -0.75 -5.69
CA ALA A 13 2.25 -2.02 -5.15
C ALA A 13 0.79 -2.26 -5.46
N ILE A 14 -0.05 -1.24 -5.27
CA ILE A 14 -1.47 -1.38 -5.52
C ILE A 14 -1.70 -1.53 -7.00
N GLN A 15 -0.96 -0.74 -7.82
CA GLN A 15 -1.10 -0.80 -9.25
C GLN A 15 -0.72 -2.17 -9.74
N ALA A 16 0.35 -2.76 -9.14
CA ALA A 16 0.79 -4.06 -9.55
C ALA A 16 -0.31 -5.06 -9.31
N GLU A 17 -1.03 -4.93 -8.17
CA GLU A 17 -2.11 -5.85 -7.88
C GLU A 17 -3.39 -5.08 -8.05
N LYS A 18 -3.67 -4.66 -9.30
CA LYS A 18 -4.88 -3.92 -9.59
C LYS A 18 -5.97 -4.91 -9.84
N ASN A 19 -6.25 -5.77 -8.84
CA ASN A 19 -7.27 -6.78 -8.98
C ASN A 19 -8.60 -6.11 -8.76
N ARG A 20 -9.70 -6.85 -9.08
CA ARG A 20 -11.03 -6.31 -8.91
C ARG A 20 -11.28 -6.10 -7.45
N ALA A 21 -10.77 -7.00 -6.59
CA ALA A 21 -10.96 -6.88 -5.16
C ALA A 21 -10.01 -5.85 -4.62
N GLY A 22 -9.15 -5.28 -5.49
CA GLY A 22 -8.19 -4.30 -5.05
C GLY A 22 -6.98 -5.00 -4.56
N SER A 23 -6.10 -4.25 -3.85
CA SER A 23 -4.89 -4.84 -3.33
C SER A 23 -5.04 -4.86 -1.84
N SER A 24 -4.74 -6.02 -1.21
CA SER A 24 -4.86 -6.13 0.22
C SER A 24 -3.73 -5.36 0.84
N ARG A 25 -3.89 -5.03 2.14
CA ARG A 25 -2.88 -4.29 2.87
C ARG A 25 -1.62 -5.12 2.92
N GLN A 26 -1.77 -6.44 3.14
CA GLN A 26 -0.63 -7.32 3.22
C GLN A 26 0.06 -7.35 1.88
N SER A 27 -0.71 -7.36 0.78
CA SER A 27 -0.14 -7.40 -0.55
C SER A 27 0.69 -6.16 -0.79
N ILE A 28 0.22 -4.99 -0.31
CA ILE A 28 0.94 -3.75 -0.54
C ILE A 28 2.31 -3.83 0.09
N GLN A 29 2.39 -4.24 1.38
CA GLN A 29 3.67 -4.30 2.03
C GLN A 29 4.47 -5.47 1.50
N LYS A 30 3.79 -6.58 1.13
CA LYS A 30 4.48 -7.75 0.64
C LYS A 30 5.17 -7.41 -0.67
N TYR A 31 4.46 -6.71 -1.58
CA TYR A 31 5.05 -6.37 -2.87
C TYR A 31 6.25 -5.49 -2.65
N ILE A 32 6.10 -4.44 -1.82
CA ILE A 32 7.19 -3.53 -1.60
C ILE A 32 8.35 -4.26 -0.96
N LYS A 33 8.10 -5.08 0.06
CA LYS A 33 9.18 -5.78 0.72
C LYS A 33 9.83 -6.76 -0.23
N SER A 34 9.02 -7.48 -1.03
CA SER A 34 9.56 -8.48 -1.93
C SER A 34 10.34 -7.86 -3.06
N HIS A 35 9.87 -6.73 -3.64
CA HIS A 35 10.56 -6.17 -4.79
C HIS A 35 11.48 -5.04 -4.39
N TYR A 36 11.37 -4.51 -3.17
CA TYR A 36 12.24 -3.42 -2.79
C TYR A 36 12.78 -3.72 -1.43
N LYS A 37 14.02 -3.27 -1.14
CA LYS A 37 14.61 -3.53 0.15
C LYS A 37 14.07 -2.51 1.11
N VAL A 38 13.52 -2.99 2.25
CA VAL A 38 12.97 -2.09 3.24
C VAL A 38 13.42 -2.59 4.58
N GLY A 39 13.44 -1.67 5.58
CA GLY A 39 13.84 -2.05 6.90
C GLY A 39 12.60 -2.29 7.71
N GLU A 40 12.78 -2.71 8.98
CA GLU A 40 11.64 -2.96 9.85
C GLU A 40 10.92 -1.67 10.10
N ASN A 41 11.69 -0.57 10.34
CA ASN A 41 11.09 0.71 10.60
C ASN A 41 10.36 1.17 9.37
N ALA A 42 10.95 0.91 8.18
CA ALA A 42 10.33 1.32 6.93
C ALA A 42 9.02 0.59 6.77
N ASP A 43 8.99 -0.71 7.15
CA ASP A 43 7.78 -1.49 7.01
C ASP A 43 6.69 -0.86 7.85
N SER A 44 7.04 -0.41 9.08
CA SER A 44 6.06 0.21 9.94
C SER A 44 5.60 1.50 9.32
N GLN A 45 6.54 2.27 8.71
CA GLN A 45 6.19 3.53 8.11
C GLN A 45 5.30 3.30 6.92
N ILE A 46 5.50 2.19 6.18
CA ILE A 46 4.69 1.92 5.02
C ILE A 46 3.25 1.79 5.47
N LYS A 47 3.01 1.05 6.57
CA LYS A 47 1.65 0.87 7.05
C LYS A 47 1.08 2.21 7.44
N LEU A 48 1.90 3.07 8.09
CA LEU A 48 1.43 4.38 8.49
C LEU A 48 1.12 5.21 7.27
N SER A 49 2.00 5.10 6.24
CA SER A 49 1.82 5.87 5.02
C SER A 49 0.54 5.43 4.35
N ILE A 50 0.28 4.10 4.29
CA ILE A 50 -0.92 3.62 3.65
C ILE A 50 -2.12 4.16 4.38
N LYS A 51 -2.07 4.11 5.74
CA LYS A 51 -3.18 4.61 6.53
C LYS A 51 -3.37 6.08 6.26
N ARG A 52 -2.26 6.85 6.21
CA ARG A 52 -2.36 8.27 5.98
C ARG A 52 -2.95 8.54 4.62
N LEU A 53 -2.54 7.76 3.59
CA LEU A 53 -3.06 7.97 2.26
C LEU A 53 -4.55 7.75 2.26
N VAL A 54 -5.02 6.71 3.01
CA VAL A 54 -6.43 6.44 3.07
C VAL A 54 -7.09 7.60 3.78
N THR A 55 -6.43 8.11 4.83
CA THR A 55 -6.94 9.22 5.61
C THR A 55 -7.11 10.44 4.73
N THR A 56 -6.10 10.74 3.88
CA THR A 56 -6.19 11.90 3.03
C THR A 56 -7.18 11.67 1.92
N GLY A 57 -7.55 10.38 1.69
CA GLY A 57 -8.52 10.09 0.65
C GLY A 57 -7.81 9.80 -0.64
N VAL A 58 -6.46 9.72 -0.61
CA VAL A 58 -5.72 9.43 -1.83
C VAL A 58 -6.08 8.05 -2.28
N LEU A 59 -6.16 7.09 -1.32
CA LEU A 59 -6.50 5.74 -1.66
C LEU A 59 -7.97 5.57 -1.36
N LYS A 60 -8.64 4.74 -2.19
CA LYS A 60 -10.06 4.51 -2.00
C LYS A 60 -10.20 3.35 -1.05
N GLN A 61 -11.34 3.35 -0.32
CA GLN A 61 -11.60 2.31 0.64
C GLN A 61 -12.15 1.13 -0.09
N THR A 62 -11.92 -0.07 0.46
CA THR A 62 -12.41 -1.28 -0.16
C THR A 62 -12.82 -2.19 0.96
N LYS A 63 -13.60 -3.24 0.62
CA LYS A 63 -14.09 -4.18 1.60
C LYS A 63 -12.95 -4.84 2.32
N GLY A 64 -13.28 -5.53 3.43
CA GLY A 64 -12.29 -6.23 4.20
C GLY A 64 -11.49 -5.23 4.97
N VAL A 65 -12.10 -4.08 5.33
CA VAL A 65 -11.39 -3.06 6.05
C VAL A 65 -11.04 -3.58 7.42
N GLY A 66 -9.73 -3.67 7.71
CA GLY A 66 -9.26 -4.13 8.98
C GLY A 66 -8.90 -5.58 8.87
N ALA A 67 -9.68 -6.36 8.09
CA ALA A 67 -9.39 -7.76 7.93
C ALA A 67 -8.24 -7.89 6.96
N SER A 68 -8.46 -7.43 5.71
CA SER A 68 -7.44 -7.50 4.70
C SER A 68 -6.93 -6.11 4.47
N GLY A 69 -7.82 -5.11 4.61
CA GLY A 69 -7.43 -3.75 4.41
C GLY A 69 -7.24 -3.53 2.94
N SER A 70 -8.20 -3.98 2.10
CA SER A 70 -8.03 -3.79 0.67
C SER A 70 -8.18 -2.33 0.38
N PHE A 71 -7.35 -1.81 -0.55
CA PHE A 71 -7.42 -0.41 -0.89
C PHE A 71 -7.42 -0.29 -2.39
N ARG A 72 -8.08 0.78 -2.89
CA ARG A 72 -8.17 1.00 -4.32
C ARG A 72 -7.49 2.32 -4.62
N LEU A 73 -7.21 2.57 -5.92
CA LEU A 73 -6.57 3.80 -6.31
C LEU A 73 -7.65 4.75 -6.73
N ALA A 74 -7.49 6.04 -6.37
CA ALA A 74 -8.47 7.02 -6.73
C ALA A 74 -8.07 7.58 -8.06
N LYS A 75 -8.82 7.22 -9.11
CA LYS A 75 -8.51 7.71 -10.43
C LYS A 75 -8.97 9.17 -10.50
N GLY A 1 15.72 -1.06 -2.69
CA GLY A 1 16.47 -0.18 -1.74
C GLY A 1 16.40 1.25 -2.20
N ASP A 2 16.27 1.47 -3.52
CA ASP A 2 16.21 2.80 -4.05
C ASP A 2 14.78 3.08 -4.38
N HIS A 3 14.23 4.16 -3.80
CA HIS A 3 12.86 4.50 -4.07
C HIS A 3 12.72 5.98 -3.85
N PRO A 4 11.74 6.59 -4.48
CA PRO A 4 11.51 8.01 -4.34
C PRO A 4 10.66 8.36 -3.15
N LYS A 5 9.37 7.95 -3.18
CA LYS A 5 8.47 8.25 -2.10
C LYS A 5 7.77 6.98 -1.72
N TYR A 6 7.34 6.88 -0.45
CA TYR A 6 6.64 5.71 0.04
C TYR A 6 5.32 5.59 -0.69
N SER A 7 4.67 6.74 -0.94
CA SER A 7 3.39 6.72 -1.62
C SER A 7 3.55 6.13 -2.99
N ASP A 8 4.67 6.47 -3.68
CA ASP A 8 4.90 5.95 -5.01
C ASP A 8 5.03 4.45 -4.94
N MET A 9 5.72 3.93 -3.91
CA MET A 9 5.89 2.50 -3.79
C MET A 9 4.54 1.86 -3.52
N ILE A 10 3.73 2.53 -2.67
CA ILE A 10 2.41 2.02 -2.34
C ILE A 10 1.58 1.98 -3.59
N VAL A 11 1.65 3.07 -4.41
CA VAL A 11 0.88 3.13 -5.63
C VAL A 11 1.34 2.02 -6.53
N ALA A 12 2.67 1.81 -6.63
CA ALA A 12 3.20 0.77 -7.50
C ALA A 12 2.70 -0.58 -7.04
N ALA A 13 2.69 -0.82 -5.72
CA ALA A 13 2.25 -2.11 -5.20
C ALA A 13 0.79 -2.31 -5.51
N ILE A 14 -0.04 -1.28 -5.30
CA ILE A 14 -1.46 -1.40 -5.54
C ILE A 14 -1.70 -1.50 -7.03
N GLN A 15 -0.94 -0.74 -7.84
CA GLN A 15 -1.09 -0.77 -9.27
C GLN A 15 -0.73 -2.14 -9.77
N ALA A 16 0.32 -2.75 -9.19
CA ALA A 16 0.75 -4.07 -9.60
C ALA A 16 -0.38 -5.04 -9.37
N GLU A 17 -1.08 -4.91 -8.22
CA GLU A 17 -2.18 -5.79 -7.92
C GLU A 17 -3.44 -5.01 -8.09
N LYS A 18 -3.73 -4.58 -9.34
CA LYS A 18 -4.92 -3.81 -9.61
C LYS A 18 -6.06 -4.78 -9.78
N ASN A 19 -6.33 -5.58 -8.72
CA ASN A 19 -7.40 -6.53 -8.77
C ASN A 19 -8.69 -5.79 -8.58
N ARG A 20 -9.79 -6.33 -9.15
CA ARG A 20 -11.09 -5.69 -9.04
C ARG A 20 -11.51 -5.66 -7.59
N ALA A 21 -11.19 -6.74 -6.84
CA ALA A 21 -11.57 -6.81 -5.45
C ALA A 21 -10.78 -5.78 -4.67
N GLY A 22 -9.62 -5.36 -5.21
CA GLY A 22 -8.79 -4.39 -4.53
C GLY A 22 -7.47 -5.01 -4.26
N SER A 23 -6.53 -4.21 -3.71
CA SER A 23 -5.21 -4.71 -3.42
C SER A 23 -5.18 -5.03 -1.95
N SER A 24 -4.69 -6.24 -1.60
CA SER A 24 -4.61 -6.63 -0.21
C SER A 24 -3.55 -5.81 0.46
N ARG A 25 -3.77 -5.50 1.76
CA ARG A 25 -2.82 -4.72 2.53
C ARG A 25 -1.53 -5.47 2.61
N GLN A 26 -1.62 -6.81 2.82
CA GLN A 26 -0.43 -7.63 2.94
C GLN A 26 0.32 -7.58 1.63
N SER A 27 -0.41 -7.60 0.50
CA SER A 27 0.23 -7.58 -0.80
C SER A 27 1.01 -6.30 -0.98
N ILE A 28 0.48 -5.17 -0.46
CA ILE A 28 1.17 -3.90 -0.62
C ILE A 28 2.53 -3.98 0.02
N GLN A 29 2.62 -4.45 1.28
CA GLN A 29 3.91 -4.53 1.94
C GLN A 29 4.75 -5.62 1.33
N LYS A 30 4.14 -6.77 0.96
CA LYS A 30 4.92 -7.85 0.39
C LYS A 30 5.54 -7.43 -0.91
N TYR A 31 4.79 -6.69 -1.75
CA TYR A 31 5.32 -6.24 -3.02
C TYR A 31 6.50 -5.34 -2.76
N ILE A 32 6.33 -4.37 -1.85
CA ILE A 32 7.38 -3.43 -1.58
C ILE A 32 8.58 -4.15 -1.01
N LYS A 33 8.38 -5.05 -0.05
CA LYS A 33 9.50 -5.77 0.55
C LYS A 33 10.19 -6.62 -0.49
N SER A 34 9.42 -7.27 -1.37
CA SER A 34 9.99 -8.15 -2.37
C SER A 34 10.74 -7.37 -3.43
N HIS A 35 10.19 -6.24 -3.91
CA HIS A 35 10.82 -5.51 -4.98
C HIS A 35 11.74 -4.43 -4.47
N TYR A 36 11.57 -3.97 -3.23
CA TYR A 36 12.43 -2.92 -2.72
C TYR A 36 12.97 -3.37 -1.38
N LYS A 37 14.22 -2.96 -1.07
CA LYS A 37 14.80 -3.36 0.19
C LYS A 37 14.39 -2.34 1.20
N VAL A 38 13.69 -2.78 2.26
CA VAL A 38 13.23 -1.88 3.27
C VAL A 38 13.59 -2.45 4.61
N GLY A 39 13.63 -1.58 5.65
CA GLY A 39 13.98 -2.04 6.98
C GLY A 39 12.74 -2.61 7.63
N GLU A 40 12.93 -3.19 8.83
CA GLU A 40 11.82 -3.77 9.56
C GLU A 40 10.90 -2.69 10.01
N ASN A 41 11.45 -1.53 10.47
CA ASN A 41 10.63 -0.44 10.95
C ASN A 41 9.95 0.23 9.77
N ALA A 42 10.43 -0.05 8.54
CA ALA A 42 9.84 0.54 7.37
C ALA A 42 8.44 0.03 7.23
N ASP A 43 8.21 -1.25 7.60
CA ASP A 43 6.88 -1.83 7.48
C ASP A 43 5.91 -1.03 8.31
N SER A 44 6.34 -0.61 9.52
CA SER A 44 5.47 0.16 10.38
C SER A 44 5.19 1.48 9.72
N GLN A 45 6.22 2.08 9.09
CA GLN A 45 6.06 3.36 8.44
C GLN A 45 5.14 3.20 7.26
N ILE A 46 5.24 2.07 6.54
CA ILE A 46 4.40 1.83 5.38
C ILE A 46 2.96 1.82 5.85
N LYS A 47 2.69 1.16 7.00
CA LYS A 47 1.33 1.10 7.50
C LYS A 47 0.84 2.50 7.78
N LEU A 48 1.71 3.36 8.34
CA LEU A 48 1.31 4.72 8.63
C LEU A 48 1.06 5.44 7.33
N SER A 49 1.92 5.18 6.32
CA SER A 49 1.80 5.84 5.04
C SER A 49 0.52 5.47 4.34
N ILE A 50 0.11 4.18 4.39
CA ILE A 50 -1.10 3.79 3.70
C ILE A 50 -2.29 4.38 4.42
N LYS A 51 -2.23 4.47 5.77
CA LYS A 51 -3.33 5.03 6.51
C LYS A 51 -3.46 6.50 6.15
N ARG A 52 -2.31 7.20 6.01
CA ARG A 52 -2.34 8.61 5.69
C ARG A 52 -2.93 8.78 4.31
N LEU A 53 -2.56 7.92 3.36
CA LEU A 53 -3.07 8.04 2.01
C LEU A 53 -4.56 7.84 2.02
N VAL A 54 -5.06 6.88 2.84
CA VAL A 54 -6.48 6.64 2.93
C VAL A 54 -7.12 7.88 3.53
N THR A 55 -6.44 8.46 4.55
CA THR A 55 -6.95 9.64 5.23
C THR A 55 -7.09 10.78 4.24
N THR A 56 -6.07 10.98 3.38
CA THR A 56 -6.11 12.08 2.43
C THR A 56 -7.10 11.76 1.34
N GLY A 57 -7.49 10.47 1.20
CA GLY A 57 -8.46 10.09 0.19
C GLY A 57 -7.75 9.70 -1.07
N VAL A 58 -6.40 9.62 -1.04
CA VAL A 58 -5.65 9.24 -2.22
C VAL A 58 -6.03 7.82 -2.57
N LEU A 59 -6.10 6.94 -1.54
CA LEU A 59 -6.45 5.57 -1.78
C LEU A 59 -7.90 5.41 -1.43
N LYS A 60 -8.62 4.58 -2.21
CA LYS A 60 -10.01 4.35 -1.97
C LYS A 60 -10.13 3.27 -0.94
N GLN A 61 -11.23 3.34 -0.16
CA GLN A 61 -11.47 2.39 0.91
C GLN A 61 -12.18 1.20 0.32
N THR A 62 -11.79 0.00 0.77
CA THR A 62 -12.40 -1.21 0.28
C THR A 62 -12.77 -2.02 1.48
N LYS A 63 -13.66 -3.02 1.27
CA LYS A 63 -14.13 -3.87 2.35
C LYS A 63 -12.98 -4.63 2.96
N GLY A 64 -13.27 -5.30 4.10
CA GLY A 64 -12.27 -6.09 4.78
C GLY A 64 -11.32 -5.17 5.46
N VAL A 65 -11.79 -3.96 5.86
CA VAL A 65 -10.92 -3.01 6.51
C VAL A 65 -10.50 -3.56 7.84
N GLY A 66 -9.17 -3.75 8.00
CA GLY A 66 -8.62 -4.25 9.24
C GLY A 66 -8.38 -5.72 9.10
N ALA A 67 -9.29 -6.44 8.41
CA ALA A 67 -9.12 -7.87 8.24
C ALA A 67 -8.10 -8.09 7.16
N SER A 68 -8.41 -7.61 5.93
CA SER A 68 -7.50 -7.75 4.82
C SER A 68 -6.92 -6.41 4.54
N GLY A 69 -7.71 -5.34 4.77
CA GLY A 69 -7.24 -4.01 4.52
C GLY A 69 -7.15 -3.82 3.03
N SER A 70 -8.21 -4.20 2.28
CA SER A 70 -8.14 -4.05 0.85
C SER A 70 -8.23 -2.58 0.53
N PHE A 71 -7.42 -2.13 -0.46
CA PHE A 71 -7.44 -0.74 -0.84
C PHE A 71 -7.60 -0.68 -2.33
N ARG A 72 -8.29 0.38 -2.82
CA ARG A 72 -8.49 0.53 -4.24
C ARG A 72 -7.76 1.77 -4.68
N LEU A 73 -7.28 1.77 -5.94
CA LEU A 73 -6.57 2.91 -6.45
C LEU A 73 -7.59 3.84 -7.04
N ALA A 74 -7.55 5.12 -6.60
CA ALA A 74 -8.48 6.09 -7.11
C ALA A 74 -7.88 6.68 -8.34
N LYS A 75 -8.47 6.37 -9.51
CA LYS A 75 -7.96 6.90 -10.74
C LYS A 75 -8.21 8.41 -10.75
N GLY A 1 16.82 9.42 -3.11
CA GLY A 1 16.08 10.03 -4.25
C GLY A 1 15.43 8.96 -5.07
N ASP A 2 15.77 7.68 -4.78
CA ASP A 2 15.20 6.56 -5.50
C ASP A 2 13.71 6.51 -5.20
N HIS A 3 13.34 6.78 -3.93
CA HIS A 3 11.95 6.75 -3.55
C HIS A 3 11.67 7.98 -2.73
N PRO A 4 11.41 9.08 -3.41
CA PRO A 4 11.14 10.34 -2.74
C PRO A 4 9.84 10.34 -1.99
N LYS A 5 8.88 9.50 -2.42
CA LYS A 5 7.61 9.44 -1.75
C LYS A 5 7.28 8.01 -1.50
N TYR A 6 6.82 7.70 -0.26
CA TYR A 6 6.45 6.35 0.09
C TYR A 6 5.22 5.97 -0.69
N SER A 7 4.38 6.98 -1.03
CA SER A 7 3.17 6.73 -1.76
C SER A 7 3.49 6.18 -3.12
N ASP A 8 4.68 6.50 -3.67
CA ASP A 8 5.04 6.01 -4.98
C ASP A 8 5.14 4.50 -4.92
N MET A 9 5.75 3.96 -3.84
CA MET A 9 5.89 2.52 -3.71
C MET A 9 4.53 1.91 -3.51
N ILE A 10 3.68 2.56 -2.70
CA ILE A 10 2.35 2.05 -2.42
C ILE A 10 1.56 2.02 -3.70
N VAL A 11 1.65 3.09 -4.51
CA VAL A 11 0.93 3.14 -5.76
C VAL A 11 1.41 2.03 -6.64
N ALA A 12 2.74 1.80 -6.68
CA ALA A 12 3.28 0.75 -7.52
C ALA A 12 2.75 -0.59 -7.08
N ALA A 13 2.67 -0.83 -5.76
CA ALA A 13 2.19 -2.10 -5.25
C ALA A 13 0.75 -2.30 -5.64
N ILE A 14 -0.08 -1.25 -5.48
CA ILE A 14 -1.49 -1.35 -5.81
C ILE A 14 -1.66 -1.44 -7.30
N GLN A 15 -0.84 -0.68 -8.06
CA GLN A 15 -0.91 -0.68 -9.50
C GLN A 15 -0.56 -2.06 -10.02
N ALA A 16 0.41 -2.72 -9.36
CA ALA A 16 0.82 -4.04 -9.77
C ALA A 16 -0.36 -4.98 -9.71
N GLU A 17 -1.22 -4.85 -8.67
CA GLU A 17 -2.36 -5.74 -8.57
C GLU A 17 -3.60 -4.91 -8.44
N LYS A 18 -4.11 -4.38 -9.57
CA LYS A 18 -5.35 -3.62 -9.54
C LYS A 18 -6.48 -4.62 -9.61
N ASN A 19 -6.52 -5.54 -8.62
CA ASN A 19 -7.56 -6.54 -8.58
C ASN A 19 -8.87 -5.83 -8.33
N ARG A 20 -9.98 -6.42 -8.83
CA ARG A 20 -11.29 -5.83 -8.67
C ARG A 20 -11.62 -5.76 -7.20
N ALA A 21 -11.18 -6.79 -6.42
CA ALA A 21 -11.45 -6.81 -5.00
C ALA A 21 -10.55 -5.82 -4.30
N GLY A 22 -9.61 -5.21 -5.05
CA GLY A 22 -8.70 -4.26 -4.47
C GLY A 22 -7.44 -4.97 -4.11
N SER A 23 -6.41 -4.19 -3.74
CA SER A 23 -5.15 -4.79 -3.38
C SER A 23 -5.15 -4.91 -1.89
N SER A 24 -4.80 -6.12 -1.39
CA SER A 24 -4.80 -6.34 0.04
C SER A 24 -3.70 -5.53 0.66
N ARG A 25 -3.91 -5.14 1.94
CA ARG A 25 -2.93 -4.35 2.66
C ARG A 25 -1.65 -5.13 2.77
N GLN A 26 -1.77 -6.44 3.05
CA GLN A 26 -0.60 -7.28 3.18
C GLN A 26 0.12 -7.34 1.86
N SER A 27 -0.64 -7.39 0.75
CA SER A 27 -0.03 -7.45 -0.57
C SER A 27 0.78 -6.21 -0.81
N ILE A 28 0.26 -5.03 -0.37
CA ILE A 28 0.97 -3.79 -0.61
C ILE A 28 2.32 -3.82 0.07
N GLN A 29 2.38 -4.23 1.36
CA GLN A 29 3.66 -4.25 2.04
C GLN A 29 4.51 -5.39 1.54
N LYS A 30 3.88 -6.54 1.16
CA LYS A 30 4.66 -7.67 0.68
C LYS A 30 5.30 -7.32 -0.63
N TYR A 31 4.57 -6.61 -1.52
CA TYR A 31 5.14 -6.24 -2.81
C TYR A 31 6.33 -5.36 -2.58
N ILE A 32 6.17 -4.34 -1.73
CA ILE A 32 7.25 -3.41 -1.48
C ILE A 32 8.41 -4.14 -0.87
N LYS A 33 8.17 -5.00 0.14
CA LYS A 33 9.27 -5.71 0.77
C LYS A 33 9.95 -6.63 -0.21
N SER A 34 9.16 -7.34 -1.04
CA SER A 34 9.72 -8.28 -1.99
C SER A 34 10.49 -7.60 -3.09
N HIS A 35 9.99 -6.46 -3.62
CA HIS A 35 10.65 -5.82 -4.73
C HIS A 35 11.61 -4.74 -4.28
N TYR A 36 11.44 -4.20 -3.05
CA TYR A 36 12.32 -3.15 -2.60
C TYR A 36 12.84 -3.55 -1.25
N LYS A 37 14.12 -3.22 -0.97
CA LYS A 37 14.68 -3.56 0.31
C LYS A 37 14.16 -2.56 1.31
N VAL A 38 13.60 -3.07 2.43
CA VAL A 38 13.05 -2.20 3.43
C VAL A 38 13.45 -2.74 4.77
N GLY A 39 13.45 -1.87 5.81
CA GLY A 39 13.80 -2.29 7.14
C GLY A 39 12.52 -2.46 7.90
N GLU A 40 12.61 -2.85 9.19
CA GLU A 40 11.43 -3.04 9.99
C GLU A 40 10.82 -1.69 10.28
N ASN A 41 11.67 -0.64 10.39
CA ASN A 41 11.16 0.68 10.66
C ASN A 41 10.39 1.16 9.44
N ALA A 42 10.91 0.82 8.25
CA ALA A 42 10.28 1.21 7.02
C ALA A 42 8.92 0.57 6.93
N ASP A 43 8.80 -0.70 7.38
CA ASP A 43 7.53 -1.39 7.31
C ASP A 43 6.51 -0.64 8.13
N SER A 44 6.91 -0.13 9.31
CA SER A 44 5.98 0.61 10.14
C SER A 44 5.58 1.87 9.42
N GLN A 45 6.56 2.52 8.75
CA GLN A 45 6.29 3.75 8.03
C GLN A 45 5.35 3.47 6.90
N ILE A 46 5.52 2.31 6.22
CA ILE A 46 4.67 1.96 5.10
C ILE A 46 3.25 1.82 5.58
N LYS A 47 3.04 1.13 6.73
CA LYS A 47 1.71 0.93 7.24
C LYS A 47 1.09 2.27 7.57
N LEU A 48 1.87 3.17 8.19
CA LEU A 48 1.36 4.48 8.55
C LEU A 48 1.06 5.25 7.29
N SER A 49 1.95 5.14 6.28
CA SER A 49 1.77 5.87 5.04
C SER A 49 0.51 5.41 4.37
N ILE A 50 0.26 4.08 4.32
CA ILE A 50 -0.94 3.58 3.67
C ILE A 50 -2.15 4.11 4.38
N LYS A 51 -2.14 4.06 5.74
CA LYS A 51 -3.28 4.55 6.49
C LYS A 51 -3.45 6.03 6.28
N ARG A 52 -2.34 6.79 6.21
CA ARG A 52 -2.43 8.22 6.02
C ARG A 52 -3.00 8.51 4.66
N LEU A 53 -2.59 7.76 3.63
CA LEU A 53 -3.09 8.00 2.30
C LEU A 53 -4.58 7.75 2.28
N VAL A 54 -5.05 6.70 3.00
CA VAL A 54 -6.46 6.40 3.05
C VAL A 54 -7.15 7.54 3.76
N THR A 55 -6.49 8.04 4.83
CA THR A 55 -7.03 9.14 5.61
C THR A 55 -7.16 10.36 4.74
N THR A 56 -6.15 10.61 3.88
CA THR A 56 -6.18 11.77 3.01
C THR A 56 -7.24 11.55 1.97
N GLY A 57 -7.52 10.27 1.64
CA GLY A 57 -8.52 9.97 0.64
C GLY A 57 -7.83 9.72 -0.68
N VAL A 58 -6.48 9.64 -0.66
CA VAL A 58 -5.74 9.38 -1.87
C VAL A 58 -6.07 7.99 -2.33
N LEU A 59 -6.11 7.04 -1.37
CA LEU A 59 -6.43 5.67 -1.71
C LEU A 59 -7.89 5.46 -1.42
N LYS A 60 -8.54 4.65 -2.28
CA LYS A 60 -9.94 4.37 -2.10
C LYS A 60 -10.07 3.24 -1.12
N GLN A 61 -11.21 3.24 -0.39
CA GLN A 61 -11.46 2.23 0.61
C GLN A 61 -12.10 1.05 -0.07
N THR A 62 -11.87 -0.15 0.50
CA THR A 62 -12.42 -1.35 -0.07
C THR A 62 -12.83 -2.23 1.08
N LYS A 63 -13.66 -3.25 0.79
CA LYS A 63 -14.14 -4.16 1.81
C LYS A 63 -13.00 -4.88 2.45
N GLY A 64 -13.31 -5.56 3.59
CA GLY A 64 -12.31 -6.30 4.31
C GLY A 64 -11.43 -5.33 5.02
N VAL A 65 -11.98 -4.14 5.36
CA VAL A 65 -11.20 -3.14 6.04
C VAL A 65 -10.85 -3.64 7.41
N GLY A 66 -9.53 -3.74 7.69
CA GLY A 66 -9.06 -4.19 8.97
C GLY A 66 -8.72 -5.65 8.87
N ALA A 67 -9.53 -6.44 8.13
CA ALA A 67 -9.25 -7.84 7.98
C ALA A 67 -8.14 -8.00 6.98
N SER A 68 -8.39 -7.55 5.73
CA SER A 68 -7.39 -7.65 4.70
C SER A 68 -6.90 -6.26 4.43
N GLY A 69 -7.78 -5.25 4.60
CA GLY A 69 -7.40 -3.90 4.36
C GLY A 69 -7.24 -3.70 2.88
N SER A 70 -8.23 -4.15 2.07
CA SER A 70 -8.10 -3.99 0.65
C SER A 70 -8.23 -2.54 0.33
N PHE A 71 -7.42 -2.05 -0.63
CA PHE A 71 -7.47 -0.66 -1.00
C PHE A 71 -7.52 -0.58 -2.50
N ARG A 72 -8.18 0.48 -3.01
CA ARG A 72 -8.29 0.67 -4.44
C ARG A 72 -7.58 1.93 -4.80
N LEU A 73 -7.07 2.00 -6.05
CA LEU A 73 -6.37 3.18 -6.50
C LEU A 73 -7.38 4.13 -7.06
N ALA A 74 -7.37 5.38 -6.56
CA ALA A 74 -8.29 6.37 -7.03
C ALA A 74 -7.69 6.99 -8.26
N LYS A 75 -8.28 6.70 -9.44
CA LYS A 75 -7.77 7.25 -10.67
C LYS A 75 -8.16 8.74 -10.70
N GLY A 1 15.53 -1.65 -3.16
CA GLY A 1 16.79 -0.89 -3.32
C GLY A 1 16.50 0.55 -3.64
N ASP A 2 15.34 0.80 -4.30
CA ASP A 2 14.97 2.14 -4.66
C ASP A 2 13.98 2.61 -3.64
N HIS A 3 14.23 3.78 -3.03
CA HIS A 3 13.34 4.31 -2.03
C HIS A 3 13.13 5.77 -2.33
N PRO A 4 12.22 6.06 -3.23
CA PRO A 4 11.91 7.43 -3.58
C PRO A 4 10.89 8.04 -2.67
N LYS A 5 9.60 7.67 -2.87
CA LYS A 5 8.55 8.19 -2.04
C LYS A 5 7.73 7.01 -1.61
N TYR A 6 7.22 7.06 -0.35
CA TYR A 6 6.43 5.96 0.16
C TYR A 6 5.14 5.85 -0.61
N SER A 7 4.53 7.01 -0.96
CA SER A 7 3.28 6.98 -1.68
C SER A 7 3.48 6.37 -3.05
N ASP A 8 4.62 6.68 -3.71
CA ASP A 8 4.86 6.13 -5.03
C ASP A 8 5.02 4.64 -4.93
N MET A 9 5.72 4.16 -3.87
CA MET A 9 5.92 2.74 -3.70
C MET A 9 4.59 2.07 -3.44
N ILE A 10 3.75 2.71 -2.60
CA ILE A 10 2.44 2.17 -2.29
C ILE A 10 1.61 2.12 -3.55
N VAL A 11 1.66 3.19 -4.36
CA VAL A 11 0.90 3.23 -5.59
C VAL A 11 1.38 2.12 -6.49
N ALA A 12 2.71 1.93 -6.59
CA ALA A 12 3.25 0.90 -7.44
C ALA A 12 2.77 -0.45 -6.97
N ALA A 13 2.76 -0.69 -5.64
CA ALA A 13 2.33 -1.96 -5.12
C ALA A 13 0.89 -2.21 -5.45
N ILE A 14 0.03 -1.18 -5.26
CA ILE A 14 -1.38 -1.33 -5.55
C ILE A 14 -1.57 -1.48 -7.03
N GLN A 15 -0.79 -0.72 -7.83
CA GLN A 15 -0.89 -0.77 -9.26
C GLN A 15 -0.52 -2.15 -9.73
N ALA A 16 0.52 -2.75 -9.11
CA ALA A 16 0.96 -4.08 -9.48
C ALA A 16 -0.17 -5.04 -9.24
N GLU A 17 -0.89 -4.88 -8.11
CA GLU A 17 -1.98 -5.77 -7.80
C GLU A 17 -3.26 -5.00 -8.02
N LYS A 18 -3.52 -4.62 -9.29
CA LYS A 18 -4.74 -3.91 -9.59
C LYS A 18 -5.85 -4.92 -9.70
N ASN A 19 -6.05 -5.71 -8.62
CA ASN A 19 -7.08 -6.71 -8.61
C ASN A 19 -8.40 -5.99 -8.50
N ARG A 20 -9.45 -6.57 -9.11
CA ARG A 20 -10.77 -5.96 -9.06
C ARG A 20 -11.25 -5.93 -7.64
N ALA A 21 -10.92 -6.99 -6.85
CA ALA A 21 -11.33 -7.05 -5.47
C ALA A 21 -10.61 -5.98 -4.69
N GLY A 22 -9.44 -5.53 -5.19
CA GLY A 22 -8.69 -4.50 -4.50
C GLY A 22 -7.38 -5.10 -4.12
N SER A 23 -6.44 -4.24 -3.66
CA SER A 23 -5.14 -4.71 -3.26
C SER A 23 -5.17 -4.81 -1.76
N SER A 24 -4.82 -6.01 -1.23
CA SER A 24 -4.83 -6.21 0.21
C SER A 24 -3.70 -5.42 0.80
N ARG A 25 -3.86 -5.04 2.08
CA ARG A 25 -2.85 -4.27 2.78
C ARG A 25 -1.59 -5.07 2.86
N GLN A 26 -1.73 -6.39 3.14
CA GLN A 26 -0.59 -7.27 3.25
C GLN A 26 0.10 -7.33 1.91
N SER A 27 -0.68 -7.35 0.81
CA SER A 27 -0.11 -7.42 -0.52
C SER A 27 0.71 -6.19 -0.79
N ILE A 28 0.24 -5.00 -0.32
CA ILE A 28 0.96 -3.77 -0.58
C ILE A 28 2.33 -3.84 0.04
N GLN A 29 2.43 -4.24 1.32
CA GLN A 29 3.74 -4.30 1.96
C GLN A 29 4.52 -5.47 1.41
N LYS A 30 3.82 -6.58 1.06
CA LYS A 30 4.50 -7.76 0.55
C LYS A 30 5.19 -7.41 -0.74
N TYR A 31 4.49 -6.70 -1.65
CA TYR A 31 5.07 -6.33 -2.92
C TYR A 31 6.27 -5.47 -2.69
N ILE A 32 6.14 -4.45 -1.82
CA ILE A 32 7.22 -3.54 -1.56
C ILE A 32 8.40 -4.28 -0.97
N LYS A 33 8.16 -5.16 0.02
CA LYS A 33 9.26 -5.88 0.63
C LYS A 33 9.90 -6.81 -0.38
N SER A 34 9.08 -7.46 -1.23
CA SER A 34 9.59 -8.41 -2.20
C SER A 34 10.38 -7.73 -3.30
N HIS A 35 9.91 -6.56 -3.79
CA HIS A 35 10.58 -5.93 -4.92
C HIS A 35 11.50 -4.82 -4.48
N TYR A 36 11.41 -4.34 -3.23
CA TYR A 36 12.27 -3.27 -2.80
C TYR A 36 12.85 -3.64 -1.47
N LYS A 37 14.08 -3.18 -1.19
CA LYS A 37 14.72 -3.50 0.06
C LYS A 37 14.28 -2.46 1.05
N VAL A 38 13.59 -2.90 2.13
CA VAL A 38 13.12 -1.98 3.13
C VAL A 38 13.46 -2.57 4.47
N GLY A 39 13.53 -1.70 5.51
CA GLY A 39 13.85 -2.17 6.83
C GLY A 39 12.57 -2.41 7.58
N GLU A 40 12.69 -2.91 8.83
CA GLU A 40 11.52 -3.19 9.63
C GLU A 40 10.84 -1.88 9.98
N ASN A 41 11.65 -0.83 10.27
CA ASN A 41 11.10 0.46 10.61
C ASN A 41 10.33 1.00 9.42
N ALA A 42 10.88 0.76 8.21
CA ALA A 42 10.25 1.23 7.00
C ALA A 42 8.91 0.57 6.86
N ASP A 43 8.80 -0.73 7.22
CA ASP A 43 7.55 -1.44 7.10
C ASP A 43 6.50 -0.76 7.94
N SER A 44 6.88 -0.31 9.16
CA SER A 44 5.93 0.35 10.03
C SER A 44 5.51 1.65 9.39
N GLN A 45 6.47 2.36 8.77
CA GLN A 45 6.19 3.62 8.13
C GLN A 45 5.27 3.39 6.97
N ILE A 46 5.48 2.28 6.22
CA ILE A 46 4.65 1.98 5.07
C ILE A 46 3.22 1.79 5.51
N LYS A 47 2.99 1.04 6.61
CA LYS A 47 1.64 0.81 7.07
C LYS A 47 1.01 2.12 7.45
N LEU A 48 1.78 3.00 8.13
CA LEU A 48 1.24 4.28 8.54
C LEU A 48 0.95 5.11 7.31
N SER A 49 1.86 5.04 6.30
CA SER A 49 1.70 5.82 5.10
C SER A 49 0.47 5.37 4.36
N ILE A 50 0.23 4.03 4.31
CA ILE A 50 -0.93 3.52 3.61
C ILE A 50 -2.17 4.06 4.27
N LYS A 51 -2.21 4.02 5.63
CA LYS A 51 -3.37 4.50 6.34
C LYS A 51 -3.53 5.98 6.12
N ARG A 52 -2.41 6.74 6.10
CA ARG A 52 -2.48 8.17 5.89
C ARG A 52 -3.05 8.46 4.53
N LEU A 53 -2.63 7.69 3.51
CA LEU A 53 -3.13 7.92 2.17
C LEU A 53 -4.61 7.71 2.16
N VAL A 54 -5.10 6.69 2.90
CA VAL A 54 -6.53 6.44 2.95
C VAL A 54 -7.18 7.62 3.62
N THR A 55 -6.54 8.15 4.68
CA THR A 55 -7.06 9.28 5.43
C THR A 55 -7.18 10.47 4.52
N THR A 56 -6.16 10.74 3.68
CA THR A 56 -6.21 11.88 2.79
C THR A 56 -7.18 11.63 1.68
N GLY A 57 -7.56 10.35 1.46
CA GLY A 57 -8.52 10.03 0.42
C GLY A 57 -7.81 9.72 -0.86
N VAL A 58 -6.45 9.63 -0.81
CA VAL A 58 -5.70 9.32 -2.01
C VAL A 58 -6.06 7.92 -2.44
N LEU A 59 -6.14 6.98 -1.46
CA LEU A 59 -6.49 5.62 -1.78
C LEU A 59 -7.94 5.44 -1.47
N LYS A 60 -8.62 4.58 -2.27
CA LYS A 60 -10.02 4.34 -2.07
C LYS A 60 -10.15 3.26 -1.04
N GLN A 61 -11.28 3.28 -0.30
CA GLN A 61 -11.51 2.32 0.74
C GLN A 61 -12.21 1.15 0.12
N THR A 62 -11.77 -0.07 0.49
CA THR A 62 -12.36 -1.27 -0.04
C THR A 62 -12.74 -2.13 1.14
N LYS A 63 -13.61 -3.13 0.89
CA LYS A 63 -14.07 -4.02 1.94
C LYS A 63 -12.92 -4.73 2.59
N GLY A 64 -13.24 -5.46 3.69
CA GLY A 64 -12.23 -6.18 4.41
C GLY A 64 -11.41 -5.21 5.19
N VAL A 65 -12.04 -4.11 5.65
CA VAL A 65 -11.31 -3.11 6.39
C VAL A 65 -10.94 -3.69 7.72
N GLY A 66 -9.62 -3.77 7.99
CA GLY A 66 -9.14 -4.27 9.24
C GLY A 66 -8.75 -5.71 9.06
N ALA A 67 -9.53 -6.47 8.25
CA ALA A 67 -9.21 -7.86 8.04
C ALA A 67 -8.08 -7.94 7.05
N SER A 68 -8.31 -7.47 5.81
CA SER A 68 -7.29 -7.49 4.80
C SER A 68 -6.82 -6.09 4.56
N GLY A 69 -7.74 -5.10 4.76
CA GLY A 69 -7.38 -3.73 4.53
C GLY A 69 -7.22 -3.54 3.05
N SER A 70 -8.20 -4.02 2.24
CA SER A 70 -8.07 -3.86 0.82
C SER A 70 -8.22 -2.41 0.48
N PHE A 71 -7.39 -1.92 -0.46
CA PHE A 71 -7.46 -0.52 -0.86
C PHE A 71 -7.45 -0.47 -2.35
N ARG A 72 -8.11 0.58 -2.90
CA ARG A 72 -8.19 0.74 -4.34
C ARG A 72 -7.43 1.98 -4.70
N LEU A 73 -6.92 2.04 -5.95
CA LEU A 73 -6.19 3.19 -6.41
C LEU A 73 -7.18 4.15 -7.00
N ALA A 74 -7.15 5.42 -6.52
CA ALA A 74 -8.06 6.40 -7.04
C ALA A 74 -7.40 7.04 -8.23
N LYS A 75 -7.92 6.72 -9.44
CA LYS A 75 -7.35 7.29 -10.64
C LYS A 75 -7.85 8.74 -10.74
#